data_8YUK
# 
_entry.id   8YUK 
# 
_audit_conform.dict_name       mmcif_pdbx.dic 
_audit_conform.dict_version    5.403 
_audit_conform.dict_location   http://mmcif.pdb.org/dictionaries/ascii/mmcif_pdbx.dic 
# 
loop_
_database_2.database_id 
_database_2.database_code 
_database_2.pdbx_database_accession 
_database_2.pdbx_DOI 
PDB   8YUK         pdb_00008yuk 10.2210/pdb8yuk/pdb 
WWPDB D_1300046417 ?            ?                   
# 
_pdbx_audit_revision_history.ordinal             1 
_pdbx_audit_revision_history.data_content_type   'Structure model' 
_pdbx_audit_revision_history.major_revision      1 
_pdbx_audit_revision_history.minor_revision      0 
_pdbx_audit_revision_history.revision_date       2025-04-02 
_pdbx_audit_revision_history.part_number         ? 
# 
_pdbx_audit_revision_details.ordinal             1 
_pdbx_audit_revision_details.revision_ordinal    1 
_pdbx_audit_revision_details.data_content_type   'Structure model' 
_pdbx_audit_revision_details.provider            repository 
_pdbx_audit_revision_details.type                'Initial release' 
_pdbx_audit_revision_details.description         ? 
_pdbx_audit_revision_details.details             ? 
# 
_pdbx_database_status.status_code                     REL 
_pdbx_database_status.status_code_sf                  REL 
_pdbx_database_status.status_code_mr                  ? 
_pdbx_database_status.entry_id                        8YUK 
_pdbx_database_status.recvd_initial_deposition_date   2024-03-27 
_pdbx_database_status.SG_entry                        N 
_pdbx_database_status.deposit_site                    PDBJ 
_pdbx_database_status.process_site                    PDBC 
_pdbx_database_status.status_code_cs                  ? 
_pdbx_database_status.status_code_nmr_data            ? 
_pdbx_database_status.methods_development_category    ? 
_pdbx_database_status.pdb_format_compatible           Y 
# 
loop_
_pdbx_contact_author.id 
_pdbx_contact_author.email 
_pdbx_contact_author.name_first 
_pdbx_contact_author.name_last 
_pdbx_contact_author.name_mi 
_pdbx_contact_author.role 
_pdbx_contact_author.identifier_ORCID 
2 sxjbsw007@163.com Xia Yang ? 'principal investigator/group leader' 0000-0003-2360-060X 
3 feisun@ibp.ac.cn  Fei Sun  ? 'principal investigator/group leader' 0000-0002-0351-5144 
# 
loop_
_audit_author.name 
_audit_author.pdbx_ordinal 
_audit_author.identifier_ORCID 
'Zhu, Y.'  1 ? 
'Yang, X.' 2 ? 
'Sun, F.'  3 ? 
# 
_citation.abstract                  ? 
_citation.abstract_id_CAS           ? 
_citation.book_id_ISBN              ? 
_citation.book_publisher            ? 
_citation.book_publisher_city       ? 
_citation.book_title                ? 
_citation.coordinate_linkage        ? 
_citation.country                   ? 
_citation.database_id_Medline       ? 
_citation.details                   ? 
_citation.id                        primary 
_citation.journal_abbrev            'To Be Published' 
_citation.journal_id_ASTM           ? 
_citation.journal_id_CSD            0353 
_citation.journal_id_ISSN           ? 
_citation.journal_full              ? 
_citation.journal_issue             ? 
_citation.journal_volume            ? 
_citation.language                  ? 
_citation.page_first                ? 
_citation.page_last                 ? 
_citation.title                     'Structure of a triple-helix region of human collagen type VII' 
_citation.year                      ? 
_citation.database_id_CSD           ? 
_citation.pdbx_database_id_DOI      ? 
_citation.pdbx_database_id_PubMed   ? 
_citation.pdbx_database_id_patent   ? 
_citation.unpublished_flag          ? 
# 
loop_
_citation_author.citation_id 
_citation_author.name 
_citation_author.ordinal 
_citation_author.identifier_ORCID 
primary 'Zhu, Y.'  1 ? 
primary 'Yang, X.' 2 ? 
primary 'Sun, F.'  3 ? 
# 
loop_
_entity.id 
_entity.type 
_entity.src_method 
_entity.pdbx_description 
_entity.formula_weight 
_entity.pdbx_number_of_molecules 
_entity.pdbx_ec 
_entity.pdbx_mutation 
_entity.pdbx_fragment 
_entity.details 
1 polymer syn 'A triple-helix region of human collagen type VII' 2601.826 3  ? ? ? ? 
2 water   nat water                                              18.015   92 ? ? ? ? 
# 
_entity_poly.entity_id                      1 
_entity_poly.type                           'polypeptide(L)' 
_entity_poly.nstd_linkage                   no 
_entity_poly.nstd_monomer                   yes 
_entity_poly.pdbx_seq_one_letter_code       '(ACE)P(HYP)GP(HYP)GLPGERGLRGEPGP(HYP)GP(HYP)GP(HYP)G' 
_entity_poly.pdbx_seq_one_letter_code_can   XPPGPPGLPGERGLRGEPGPPGPPGPPG 
_entity_poly.pdbx_strand_id                 A,B,C 
_entity_poly.pdbx_target_identifier         ? 
# 
_pdbx_entity_nonpoly.entity_id   2 
_pdbx_entity_nonpoly.name        water 
_pdbx_entity_nonpoly.comp_id     HOH 
# 
loop_
_entity_poly_seq.entity_id 
_entity_poly_seq.num 
_entity_poly_seq.mon_id 
_entity_poly_seq.hetero 
1 1  ACE n 
1 2  PRO n 
1 3  HYP n 
1 4  GLY n 
1 5  PRO n 
1 6  HYP n 
1 7  GLY n 
1 8  LEU n 
1 9  PRO n 
1 10 GLY n 
1 11 GLU n 
1 12 ARG n 
1 13 GLY n 
1 14 LEU n 
1 15 ARG n 
1 16 GLY n 
1 17 GLU n 
1 18 PRO n 
1 19 GLY n 
1 20 PRO n 
1 21 HYP n 
1 22 GLY n 
1 23 PRO n 
1 24 HYP n 
1 25 GLY n 
1 26 PRO n 
1 27 HYP n 
1 28 GLY n 
# 
_pdbx_entity_src_syn.entity_id              1 
_pdbx_entity_src_syn.pdbx_src_id            1 
_pdbx_entity_src_syn.pdbx_alt_source_flag   sample 
_pdbx_entity_src_syn.pdbx_beg_seq_num       1 
_pdbx_entity_src_syn.pdbx_end_seq_num       28 
_pdbx_entity_src_syn.organism_scientific    'Homo sapiens' 
_pdbx_entity_src_syn.organism_common_name   ? 
_pdbx_entity_src_syn.ncbi_taxonomy_id       9606 
_pdbx_entity_src_syn.details                ? 
# 
loop_
_chem_comp.id 
_chem_comp.type 
_chem_comp.mon_nstd_flag 
_chem_comp.name 
_chem_comp.pdbx_synonyms 
_chem_comp.formula 
_chem_comp.formula_weight 
ACE non-polymer         . 'ACETYL GROUP'   ?              'C2 H4 O'        44.053  
ARG 'L-peptide linking' y ARGININE         ?              'C6 H15 N4 O2 1' 175.209 
GLU 'L-peptide linking' y 'GLUTAMIC ACID'  ?              'C5 H9 N O4'     147.129 
GLY 'peptide linking'   y GLYCINE          ?              'C2 H5 N O2'     75.067  
HOH non-polymer         . WATER            ?              'H2 O'           18.015  
HYP 'L-peptide linking' n 4-HYDROXYPROLINE HYDROXYPROLINE 'C5 H9 N O3'     131.130 
LEU 'L-peptide linking' y LEUCINE          ?              'C6 H13 N O2'    131.173 
PRO 'L-peptide linking' y PROLINE          ?              'C5 H9 N O2'     115.130 
# 
loop_
_pdbx_poly_seq_scheme.asym_id 
_pdbx_poly_seq_scheme.entity_id 
_pdbx_poly_seq_scheme.seq_id 
_pdbx_poly_seq_scheme.mon_id 
_pdbx_poly_seq_scheme.ndb_seq_num 
_pdbx_poly_seq_scheme.pdb_seq_num 
_pdbx_poly_seq_scheme.auth_seq_num 
_pdbx_poly_seq_scheme.pdb_mon_id 
_pdbx_poly_seq_scheme.auth_mon_id 
_pdbx_poly_seq_scheme.pdb_strand_id 
_pdbx_poly_seq_scheme.pdb_ins_code 
_pdbx_poly_seq_scheme.hetero 
A 1 1  ACE 1  1  1  ACE ACE A . n 
A 1 2  PRO 2  2  2  PRO PRO A . n 
A 1 3  HYP 3  3  3  HYP HYP A . n 
A 1 4  GLY 4  4  4  GLY GLY A . n 
A 1 5  PRO 5  5  5  PRO PRO A . n 
A 1 6  HYP 6  6  6  HYP HYP A . n 
A 1 7  GLY 7  7  7  GLY GLY A . n 
A 1 8  LEU 8  8  8  LEU LEU A . n 
A 1 9  PRO 9  9  9  PRO PRO A . n 
A 1 10 GLY 10 10 10 GLY GLY A . n 
A 1 11 GLU 11 11 11 GLU GLU A . n 
A 1 12 ARG 12 12 12 ARG ARG A . n 
A 1 13 GLY 13 13 13 GLY GLY A . n 
A 1 14 LEU 14 14 14 LEU LEU A . n 
A 1 15 ARG 15 15 15 ARG ARG A . n 
A 1 16 GLY 16 16 16 GLY GLY A . n 
A 1 17 GLU 17 17 17 GLU GLU A . n 
A 1 18 PRO 18 18 18 PRO PRO A . n 
A 1 19 GLY 19 19 19 GLY GLY A . n 
A 1 20 PRO 20 20 20 PRO PRO A . n 
A 1 21 HYP 21 21 21 HYP HYP A . n 
A 1 22 GLY 22 22 22 GLY GLY A . n 
A 1 23 PRO 23 23 23 PRO PRO A . n 
A 1 24 HYP 24 24 24 HYP HYP A . n 
A 1 25 GLY 25 25 25 GLY GLY A . n 
A 1 26 PRO 26 26 26 PRO PRO A . n 
A 1 27 HYP 27 27 27 HYP HYP A . n 
A 1 28 GLY 28 28 28 GLY GLY A . n 
B 1 1  ACE 1  1  1  ACE ACE B . n 
B 1 2  PRO 2  2  2  PRO PRO B . n 
B 1 3  HYP 3  3  3  HYP HYP B . n 
B 1 4  GLY 4  4  4  GLY GLY B . n 
B 1 5  PRO 5  5  5  PRO PRO B . n 
B 1 6  HYP 6  6  6  HYP HYP B . n 
B 1 7  GLY 7  7  7  GLY GLY B . n 
B 1 8  LEU 8  8  8  LEU LEU B . n 
B 1 9  PRO 9  9  9  PRO PRO B . n 
B 1 10 GLY 10 10 10 GLY GLY B . n 
B 1 11 GLU 11 11 11 GLU GLU B . n 
B 1 12 ARG 12 12 12 ARG ARG B . n 
B 1 13 GLY 13 13 13 GLY GLY B . n 
B 1 14 LEU 14 14 14 LEU LEU B . n 
B 1 15 ARG 15 15 15 ARG ARG B . n 
B 1 16 GLY 16 16 16 GLY GLY B . n 
B 1 17 GLU 17 17 17 GLU GLU B . n 
B 1 18 PRO 18 18 18 PRO PRO B . n 
B 1 19 GLY 19 19 19 GLY GLY B . n 
B 1 20 PRO 20 20 20 PRO PRO B . n 
B 1 21 HYP 21 21 21 HYP HYP B . n 
B 1 22 GLY 22 22 22 GLY GLY B . n 
B 1 23 PRO 23 23 23 PRO PRO B . n 
B 1 24 HYP 24 24 24 HYP HYP B . n 
B 1 25 GLY 25 25 25 GLY GLY B . n 
B 1 26 PRO 26 26 26 PRO PRO B . n 
B 1 27 HYP 27 27 27 HYP HYP B . n 
B 1 28 GLY 28 28 28 GLY GLY B . n 
C 1 1  ACE 1  1  1  ACE ACE C . n 
C 1 2  PRO 2  2  2  PRO PRO C . n 
C 1 3  HYP 3  3  3  HYP HYP C . n 
C 1 4  GLY 4  4  4  GLY GLY C . n 
C 1 5  PRO 5  5  5  PRO PRO C . n 
C 1 6  HYP 6  6  6  HYP HYP C . n 
C 1 7  GLY 7  7  7  GLY GLY C . n 
C 1 8  LEU 8  8  8  LEU LEU C . n 
C 1 9  PRO 9  9  9  PRO PRO C . n 
C 1 10 GLY 10 10 10 GLY GLY C . n 
C 1 11 GLU 11 11 11 GLU GLU C . n 
C 1 12 ARG 12 12 12 ARG ARG C . n 
C 1 13 GLY 13 13 13 GLY GLY C . n 
C 1 14 LEU 14 14 14 LEU LEU C . n 
C 1 15 ARG 15 15 15 ARG ARG C . n 
C 1 16 GLY 16 16 16 GLY GLY C . n 
C 1 17 GLU 17 17 17 GLU GLU C . n 
C 1 18 PRO 18 18 18 PRO PRO C . n 
C 1 19 GLY 19 19 19 GLY GLY C . n 
C 1 20 PRO 20 20 20 PRO PRO C . n 
C 1 21 HYP 21 21 21 HYP HYP C . n 
C 1 22 GLY 22 22 22 GLY GLY C . n 
C 1 23 PRO 23 23 23 PRO PRO C . n 
C 1 24 HYP 24 24 24 HYP HYP C . n 
C 1 25 GLY 25 25 25 GLY GLY C . n 
C 1 26 PRO 26 26 26 PRO PRO C . n 
C 1 27 HYP 27 27 27 HYP HYP C . n 
C 1 28 GLY 28 28 28 GLY GLY C . n 
# 
loop_
_pdbx_nonpoly_scheme.asym_id 
_pdbx_nonpoly_scheme.entity_id 
_pdbx_nonpoly_scheme.mon_id 
_pdbx_nonpoly_scheme.ndb_seq_num 
_pdbx_nonpoly_scheme.pdb_seq_num 
_pdbx_nonpoly_scheme.auth_seq_num 
_pdbx_nonpoly_scheme.pdb_mon_id 
_pdbx_nonpoly_scheme.auth_mon_id 
_pdbx_nonpoly_scheme.pdb_strand_id 
_pdbx_nonpoly_scheme.pdb_ins_code 
D 2 HOH 1  101 30 HOH HOH A . 
D 2 HOH 2  102 7  HOH HOH A . 
D 2 HOH 3  103 29 HOH HOH A . 
D 2 HOH 4  104 60 HOH HOH A . 
D 2 HOH 5  105 12 HOH HOH A . 
D 2 HOH 6  106 28 HOH HOH A . 
D 2 HOH 7  107 67 HOH HOH A . 
D 2 HOH 8  108 70 HOH HOH A . 
D 2 HOH 9  109 40 HOH HOH A . 
D 2 HOH 10 110 49 HOH HOH A . 
D 2 HOH 11 111 1  HOH HOH A . 
D 2 HOH 12 112 43 HOH HOH A . 
D 2 HOH 13 113 32 HOH HOH A . 
D 2 HOH 14 114 46 HOH HOH A . 
D 2 HOH 15 115 61 HOH HOH A . 
D 2 HOH 16 116 79 HOH HOH A . 
D 2 HOH 17 117 75 HOH HOH A . 
D 2 HOH 18 118 35 HOH HOH A . 
D 2 HOH 19 119 78 HOH HOH A . 
D 2 HOH 20 120 27 HOH HOH A . 
D 2 HOH 21 121 50 HOH HOH A . 
D 2 HOH 22 122 80 HOH HOH A . 
D 2 HOH 23 123 90 HOH HOH A . 
D 2 HOH 24 124 87 HOH HOH A . 
D 2 HOH 25 125 20 HOH HOH A . 
D 2 HOH 26 126 10 HOH HOH A . 
D 2 HOH 27 127 83 HOH HOH A . 
D 2 HOH 28 128 82 HOH HOH A . 
D 2 HOH 29 129 68 HOH HOH A . 
D 2 HOH 30 130 92 HOH HOH A . 
E 2 HOH 1  101 71 HOH HOH B . 
E 2 HOH 2  102 23 HOH HOH B . 
E 2 HOH 3  103 76 HOH HOH B . 
E 2 HOH 4  104 17 HOH HOH B . 
E 2 HOH 5  105 19 HOH HOH B . 
E 2 HOH 6  106 72 HOH HOH B . 
E 2 HOH 7  107 33 HOH HOH B . 
E 2 HOH 8  108 13 HOH HOH B . 
E 2 HOH 9  109 41 HOH HOH B . 
E 2 HOH 10 110 24 HOH HOH B . 
E 2 HOH 11 111 21 HOH HOH B . 
E 2 HOH 12 112 69 HOH HOH B . 
E 2 HOH 13 113 44 HOH HOH B . 
E 2 HOH 14 114 26 HOH HOH B . 
E 2 HOH 15 115 31 HOH HOH B . 
E 2 HOH 16 116 66 HOH HOH B . 
E 2 HOH 17 117 8  HOH HOH B . 
E 2 HOH 18 118 86 HOH HOH B . 
E 2 HOH 19 119 45 HOH HOH B . 
E 2 HOH 20 120 9  HOH HOH B . 
E 2 HOH 21 121 38 HOH HOH B . 
E 2 HOH 22 122 15 HOH HOH B . 
E 2 HOH 23 123 25 HOH HOH B . 
E 2 HOH 24 124 18 HOH HOH B . 
E 2 HOH 25 125 48 HOH HOH B . 
E 2 HOH 26 126 77 HOH HOH B . 
E 2 HOH 27 127 54 HOH HOH B . 
E 2 HOH 28 128 85 HOH HOH B . 
E 2 HOH 29 129 47 HOH HOH B . 
E 2 HOH 30 130 5  HOH HOH B . 
E 2 HOH 31 131 56 HOH HOH B . 
F 2 HOH 1  101 74 HOH HOH C . 
F 2 HOH 2  102 14 HOH HOH C . 
F 2 HOH 3  103 36 HOH HOH C . 
F 2 HOH 4  104 2  HOH HOH C . 
F 2 HOH 5  105 34 HOH HOH C . 
F 2 HOH 6  106 55 HOH HOH C . 
F 2 HOH 7  107 42 HOH HOH C . 
F 2 HOH 8  108 88 HOH HOH C . 
F 2 HOH 9  109 16 HOH HOH C . 
F 2 HOH 10 110 57 HOH HOH C . 
F 2 HOH 11 111 73 HOH HOH C . 
F 2 HOH 12 112 4  HOH HOH C . 
F 2 HOH 13 113 63 HOH HOH C . 
F 2 HOH 14 114 11 HOH HOH C . 
F 2 HOH 15 115 91 HOH HOH C . 
F 2 HOH 16 116 37 HOH HOH C . 
F 2 HOH 17 117 59 HOH HOH C . 
F 2 HOH 18 118 53 HOH HOH C . 
F 2 HOH 19 119 84 HOH HOH C . 
F 2 HOH 20 120 62 HOH HOH C . 
F 2 HOH 21 121 3  HOH HOH C . 
F 2 HOH 22 122 39 HOH HOH C . 
F 2 HOH 23 123 81 HOH HOH C . 
F 2 HOH 24 124 52 HOH HOH C . 
F 2 HOH 25 125 58 HOH HOH C . 
F 2 HOH 26 126 64 HOH HOH C . 
F 2 HOH 27 127 89 HOH HOH C . 
F 2 HOH 28 128 65 HOH HOH C . 
F 2 HOH 29 129 51 HOH HOH C . 
F 2 HOH 30 130 6  HOH HOH C . 
F 2 HOH 31 131 22 HOH HOH C . 
# 
loop_
_software.citation_id 
_software.classification 
_software.compiler_name 
_software.compiler_version 
_software.contact_author 
_software.contact_author_email 
_software.date 
_software.description 
_software.dependencies 
_software.hardware 
_software.language 
_software.location 
_software.mods 
_software.name 
_software.os 
_software.os_version 
_software.type 
_software.version 
_software.pdbx_ordinal 
? refinement       ? ? ? ? ? ? ? ? ? ? ? PHENIX  ? ? ? '(1.20.1_4487: ???)' 1 
? 'data scaling'   ? ? ? ? ? ? ? ? ? ? ? Aimless ? ? ? .                    2 
? 'data reduction' ? ? ? ? ? ? ? ? ? ? ? XDS     ? ? ? .                    3 
? phasing          ? ? ? ? ? ? ? ? ? ? ? BALBES  ? ? ? .                    4 
# 
_cell.angle_alpha                  90.00 
_cell.angle_alpha_esd              ? 
_cell.angle_beta                   91.47 
_cell.angle_beta_esd               ? 
_cell.angle_gamma                  90.00 
_cell.angle_gamma_esd              ? 
_cell.entry_id                     8YUK 
_cell.details                      ? 
_cell.formula_units_Z              ? 
_cell.length_a                     18.851 
_cell.length_a_esd                 ? 
_cell.length_b                     19.248 
_cell.length_b_esd                 ? 
_cell.length_c                     78.038 
_cell.length_c_esd                 ? 
_cell.volume                       ? 
_cell.volume_esd                   ? 
_cell.Z_PDB                        6 
_cell.reciprocal_angle_alpha       ? 
_cell.reciprocal_angle_beta        ? 
_cell.reciprocal_angle_gamma       ? 
_cell.reciprocal_angle_alpha_esd   ? 
_cell.reciprocal_angle_beta_esd    ? 
_cell.reciprocal_angle_gamma_esd   ? 
_cell.reciprocal_length_a          ? 
_cell.reciprocal_length_b          ? 
_cell.reciprocal_length_c          ? 
_cell.reciprocal_length_a_esd      ? 
_cell.reciprocal_length_b_esd      ? 
_cell.reciprocal_length_c_esd      ? 
_cell.pdbx_unique_axis             ? 
_cell.pdbx_esd_method              ? 
# 
_symmetry.entry_id                         8YUK 
_symmetry.cell_setting                     ? 
_symmetry.Int_Tables_number                4 
_symmetry.space_group_name_Hall            ? 
_symmetry.space_group_name_H-M             'P 1 21 1' 
_symmetry.pdbx_full_space_group_name_H-M   ? 
# 
_exptl.absorpt_coefficient_mu     ? 
_exptl.absorpt_correction_T_max   ? 
_exptl.absorpt_correction_T_min   ? 
_exptl.absorpt_correction_type    ? 
_exptl.absorpt_process_details    ? 
_exptl.entry_id                   8YUK 
_exptl.crystals_number            1 
_exptl.details                    ? 
_exptl.method                     'X-RAY DIFFRACTION' 
_exptl.method_details             ? 
# 
_exptl_crystal.colour                       ? 
_exptl_crystal.density_diffrn               ? 
_exptl_crystal.density_Matthews             1.81 
_exptl_crystal.density_method               ? 
_exptl_crystal.density_percent_sol          32.17 
_exptl_crystal.description                  ? 
_exptl_crystal.F_000                        ? 
_exptl_crystal.id                           1 
_exptl_crystal.preparation                  ? 
_exptl_crystal.size_max                     ? 
_exptl_crystal.size_mid                     ? 
_exptl_crystal.size_min                     ? 
_exptl_crystal.size_rad                     ? 
_exptl_crystal.colour_lustre                ? 
_exptl_crystal.colour_modifier              ? 
_exptl_crystal.colour_primary               ? 
_exptl_crystal.density_meas                 ? 
_exptl_crystal.density_meas_esd             ? 
_exptl_crystal.density_meas_gt              ? 
_exptl_crystal.density_meas_lt              ? 
_exptl_crystal.density_meas_temp            ? 
_exptl_crystal.density_meas_temp_esd        ? 
_exptl_crystal.density_meas_temp_gt         ? 
_exptl_crystal.density_meas_temp_lt         ? 
_exptl_crystal.pdbx_crystal_image_url       ? 
_exptl_crystal.pdbx_crystal_image_format    ? 
_exptl_crystal.pdbx_mosaicity               ? 
_exptl_crystal.pdbx_mosaicity_esd           ? 
_exptl_crystal.pdbx_mosaic_method           ? 
_exptl_crystal.pdbx_mosaic_block_size       ? 
_exptl_crystal.pdbx_mosaic_block_size_esd   ? 
# 
_exptl_crystal_grow.apparatus       ? 
_exptl_crystal_grow.atmosphere      ? 
_exptl_crystal_grow.crystal_id      1 
_exptl_crystal_grow.details         ? 
_exptl_crystal_grow.method          'VAPOR DIFFUSION, HANGING DROP' 
_exptl_crystal_grow.method_ref      ? 
_exptl_crystal_grow.pH              ? 
_exptl_crystal_grow.pressure        ? 
_exptl_crystal_grow.pressure_esd    ? 
_exptl_crystal_grow.seeding         ? 
_exptl_crystal_grow.seeding_ref     ? 
_exptl_crystal_grow.temp_details    ? 
_exptl_crystal_grow.temp_esd        ? 
_exptl_crystal_grow.time            ? 
_exptl_crystal_grow.pdbx_details    '0.2M Ammonium Nitrate, PH 6.3.' 
_exptl_crystal_grow.pdbx_pH_range   ? 
_exptl_crystal_grow.temp            289 
# 
_diffrn.ambient_environment              ? 
_diffrn.ambient_temp                     100 
_diffrn.ambient_temp_details             ? 
_diffrn.ambient_temp_esd                 ? 
_diffrn.crystal_id                       1 
_diffrn.crystal_support                  ? 
_diffrn.crystal_treatment                ? 
_diffrn.details                          ? 
_diffrn.id                               1 
_diffrn.ambient_pressure                 ? 
_diffrn.ambient_pressure_esd             ? 
_diffrn.ambient_pressure_gt              ? 
_diffrn.ambient_pressure_lt              ? 
_diffrn.ambient_temp_gt                  ? 
_diffrn.ambient_temp_lt                  ? 
_diffrn.pdbx_serial_crystal_experiment   N 
# 
_diffrn_detector.details                      ? 
_diffrn_detector.detector                     CCD 
_diffrn_detector.diffrn_id                    1 
_diffrn_detector.type                         RIGAKU 
_diffrn_detector.area_resol_mean              ? 
_diffrn_detector.dtime                        ? 
_diffrn_detector.pdbx_frames_total            ? 
_diffrn_detector.pdbx_collection_time_total   ? 
_diffrn_detector.pdbx_collection_date         2024-03-27 
_diffrn_detector.pdbx_frequency               ? 
_diffrn_detector.id                           ? 
_diffrn_detector.number_of_axes               ? 
# 
_diffrn_radiation.collimation                      ? 
_diffrn_radiation.diffrn_id                        1 
_diffrn_radiation.filter_edge                      ? 
_diffrn_radiation.inhomogeneity                    ? 
_diffrn_radiation.monochromator                    ? 
_diffrn_radiation.polarisn_norm                    ? 
_diffrn_radiation.polarisn_ratio                   ? 
_diffrn_radiation.probe                            ? 
_diffrn_radiation.type                             ? 
_diffrn_radiation.xray_symbol                      ? 
_diffrn_radiation.wavelength_id                    1 
_diffrn_radiation.pdbx_monochromatic_or_laue_m_l   M 
_diffrn_radiation.pdbx_wavelength_list             ? 
_diffrn_radiation.pdbx_wavelength                  ? 
_diffrn_radiation.pdbx_diffrn_protocol             'SINGLE WAVELENGTH' 
_diffrn_radiation.pdbx_analyzer                    ? 
_diffrn_radiation.pdbx_scattering_type             x-ray 
# 
_diffrn_radiation_wavelength.id           1 
_diffrn_radiation_wavelength.wavelength   1.5418 
_diffrn_radiation_wavelength.wt           1.0 
# 
_diffrn_source.current                     ? 
_diffrn_source.details                     ? 
_diffrn_source.diffrn_id                   1 
_diffrn_source.power                       ? 
_diffrn_source.size                        ? 
_diffrn_source.source                      'ROTATING ANODE' 
_diffrn_source.target                      ? 
_diffrn_source.type                        'RIGAKU MICROMAX-007 HF' 
_diffrn_source.voltage                     ? 
_diffrn_source.take-off_angle              ? 
_diffrn_source.pdbx_wavelength_list        1.5418 
_diffrn_source.pdbx_wavelength             ? 
_diffrn_source.pdbx_synchrotron_beamline   ? 
_diffrn_source.pdbx_synchrotron_site       ? 
# 
_reflns.B_iso_Wilson_estimate                          ? 
_reflns.entry_id                                       8YUK 
_reflns.data_reduction_details                         ? 
_reflns.data_reduction_method                          ? 
_reflns.d_resolution_high                              1.78 
_reflns.d_resolution_low                               26 
_reflns.details                                        ? 
_reflns.limit_h_max                                    ? 
_reflns.limit_h_min                                    ? 
_reflns.limit_k_max                                    ? 
_reflns.limit_k_min                                    ? 
_reflns.limit_l_max                                    ? 
_reflns.limit_l_min                                    ? 
_reflns.number_all                                     ? 
_reflns.number_obs                                     5180 
_reflns.observed_criterion                             ? 
_reflns.observed_criterion_F_max                       ? 
_reflns.observed_criterion_F_min                       ? 
_reflns.observed_criterion_I_max                       ? 
_reflns.observed_criterion_I_min                       ? 
_reflns.observed_criterion_sigma_F                     ? 
_reflns.observed_criterion_sigma_I                     ? 
_reflns.percent_possible_obs                           91.9 
_reflns.R_free_details                                 ? 
_reflns.Rmerge_F_all                                   ? 
_reflns.Rmerge_F_obs                                   ? 
_reflns.Friedel_coverage                               ? 
_reflns.number_gt                                      ? 
_reflns.threshold_expression                           ? 
_reflns.pdbx_redundancy                                4.2 
_reflns.pdbx_netI_over_av_sigmaI                       ? 
_reflns.pdbx_netI_over_sigmaI                          17.4 
_reflns.pdbx_res_netI_over_av_sigmaI_2                 ? 
_reflns.pdbx_res_netI_over_sigmaI_2                    ? 
_reflns.pdbx_chi_squared                               ? 
_reflns.pdbx_scaling_rejects                           ? 
_reflns.pdbx_d_res_high_opt                            ? 
_reflns.pdbx_d_res_low_opt                             ? 
_reflns.pdbx_d_res_opt_method                          ? 
_reflns.phase_calculation_details                      ? 
_reflns.pdbx_Rrim_I_all                                ? 
_reflns.pdbx_Rpim_I_all                                ? 
_reflns.pdbx_d_opt                                     ? 
_reflns.pdbx_number_measured_all                       ? 
_reflns.pdbx_diffrn_id                                 1 
_reflns.pdbx_ordinal                                   1 
_reflns.pdbx_CC_half                                   0.998 
_reflns.pdbx_CC_star                                   ? 
_reflns.pdbx_R_split                                   ? 
_reflns.pdbx_Rmerge_I_obs                              ? 
_reflns.pdbx_Rmerge_I_all                              ? 
_reflns.pdbx_Rsym_value                                ? 
_reflns.pdbx_CC_split_method                           ? 
_reflns.pdbx_aniso_diffraction_limit_axis_1_ortho[1]   ? 
_reflns.pdbx_aniso_diffraction_limit_axis_1_ortho[2]   ? 
_reflns.pdbx_aniso_diffraction_limit_axis_1_ortho[3]   ? 
_reflns.pdbx_aniso_diffraction_limit_axis_2_ortho[1]   ? 
_reflns.pdbx_aniso_diffraction_limit_axis_2_ortho[2]   ? 
_reflns.pdbx_aniso_diffraction_limit_axis_2_ortho[3]   ? 
_reflns.pdbx_aniso_diffraction_limit_axis_3_ortho[1]   ? 
_reflns.pdbx_aniso_diffraction_limit_axis_3_ortho[2]   ? 
_reflns.pdbx_aniso_diffraction_limit_axis_3_ortho[3]   ? 
_reflns.pdbx_aniso_diffraction_limit_1                 ? 
_reflns.pdbx_aniso_diffraction_limit_2                 ? 
_reflns.pdbx_aniso_diffraction_limit_3                 ? 
_reflns.pdbx_aniso_B_tensor_eigenvector_1_ortho[1]     ? 
_reflns.pdbx_aniso_B_tensor_eigenvector_1_ortho[2]     ? 
_reflns.pdbx_aniso_B_tensor_eigenvector_1_ortho[3]     ? 
_reflns.pdbx_aniso_B_tensor_eigenvector_2_ortho[1]     ? 
_reflns.pdbx_aniso_B_tensor_eigenvector_2_ortho[2]     ? 
_reflns.pdbx_aniso_B_tensor_eigenvector_2_ortho[3]     ? 
_reflns.pdbx_aniso_B_tensor_eigenvector_3_ortho[1]     ? 
_reflns.pdbx_aniso_B_tensor_eigenvector_3_ortho[2]     ? 
_reflns.pdbx_aniso_B_tensor_eigenvector_3_ortho[3]     ? 
_reflns.pdbx_aniso_B_tensor_eigenvalue_1               ? 
_reflns.pdbx_aniso_B_tensor_eigenvalue_2               ? 
_reflns.pdbx_aniso_B_tensor_eigenvalue_3               ? 
_reflns.pdbx_orthogonalization_convention              ? 
_reflns.pdbx_percent_possible_ellipsoidal              ? 
_reflns.pdbx_percent_possible_spherical                ? 
_reflns.pdbx_percent_possible_ellipsoidal_anomalous    ? 
_reflns.pdbx_percent_possible_spherical_anomalous      ? 
_reflns.pdbx_redundancy_anomalous                      ? 
_reflns.pdbx_CC_half_anomalous                         ? 
_reflns.pdbx_absDiff_over_sigma_anomalous              ? 
_reflns.pdbx_percent_possible_anomalous                ? 
_reflns.pdbx_observed_signal_threshold                 ? 
_reflns.pdbx_signal_type                               ? 
_reflns.pdbx_signal_details                            ? 
_reflns.pdbx_signal_software_id                        ? 
# 
_reflns_shell.d_res_high                                    1.78 
_reflns_shell.d_res_low                                     1.84 
_reflns_shell.meanI_over_sigI_all                           ? 
_reflns_shell.meanI_over_sigI_obs                           ? 
_reflns_shell.number_measured_all                           ? 
_reflns_shell.number_measured_obs                           ? 
_reflns_shell.number_possible                               ? 
_reflns_shell.number_unique_all                             ? 
_reflns_shell.number_unique_obs                             311 
_reflns_shell.percent_possible_obs                          ? 
_reflns_shell.Rmerge_F_all                                  ? 
_reflns_shell.Rmerge_F_obs                                  ? 
_reflns_shell.meanI_over_sigI_gt                            ? 
_reflns_shell.meanI_over_uI_all                             ? 
_reflns_shell.meanI_over_uI_gt                              ? 
_reflns_shell.number_measured_gt                            ? 
_reflns_shell.number_unique_gt                              ? 
_reflns_shell.percent_possible_gt                           ? 
_reflns_shell.Rmerge_F_gt                                   ? 
_reflns_shell.Rmerge_I_gt                                   ? 
_reflns_shell.pdbx_redundancy                               ? 
_reflns_shell.pdbx_chi_squared                              ? 
_reflns_shell.pdbx_netI_over_sigmaI_all                     ? 
_reflns_shell.pdbx_netI_over_sigmaI_obs                     ? 
_reflns_shell.pdbx_Rrim_I_all                               ? 
_reflns_shell.pdbx_Rpim_I_all                               ? 
_reflns_shell.pdbx_rejects                                  ? 
_reflns_shell.pdbx_ordinal                                  1 
_reflns_shell.pdbx_diffrn_id                                1 
_reflns_shell.pdbx_CC_half                                  0.997 
_reflns_shell.pdbx_CC_star                                  ? 
_reflns_shell.pdbx_R_split                                  ? 
_reflns_shell.percent_possible_all                          ? 
_reflns_shell.Rmerge_I_all                                  ? 
_reflns_shell.Rmerge_I_obs                                  0.097 
_reflns_shell.pdbx_Rsym_value                               ? 
_reflns_shell.pdbx_percent_possible_ellipsoidal             ? 
_reflns_shell.pdbx_percent_possible_spherical               ? 
_reflns_shell.pdbx_percent_possible_ellipsoidal_anomalous   ? 
_reflns_shell.pdbx_percent_possible_spherical_anomalous     ? 
_reflns_shell.pdbx_redundancy_anomalous                     ? 
_reflns_shell.pdbx_CC_half_anomalous                        ? 
_reflns_shell.pdbx_absDiff_over_sigma_anomalous             ? 
_reflns_shell.pdbx_percent_possible_anomalous               ? 
# 
_refine.aniso_B[1][1]                            ? 
_refine.aniso_B[1][2]                            ? 
_refine.aniso_B[1][3]                            ? 
_refine.aniso_B[2][2]                            ? 
_refine.aniso_B[2][3]                            ? 
_refine.aniso_B[3][3]                            ? 
_refine.B_iso_max                                ? 
_refine.B_iso_mean                               ? 
_refine.B_iso_min                                ? 
_refine.correlation_coeff_Fo_to_Fc               ? 
_refine.correlation_coeff_Fo_to_Fc_free          ? 
_refine.details                                  ? 
_refine.diff_density_max                         ? 
_refine.diff_density_max_esd                     ? 
_refine.diff_density_min                         ? 
_refine.diff_density_min_esd                     ? 
_refine.diff_density_rms                         ? 
_refine.diff_density_rms_esd                     ? 
_refine.entry_id                                 8YUK 
_refine.pdbx_refine_id                           'X-RAY DIFFRACTION' 
_refine.ls_abs_structure_details                 ? 
_refine.ls_abs_structure_Flack                   ? 
_refine.ls_abs_structure_Flack_esd               ? 
_refine.ls_abs_structure_Rogers                  ? 
_refine.ls_abs_structure_Rogers_esd              ? 
_refine.ls_d_res_high                            1.78 
_refine.ls_d_res_low                             26.00 
_refine.ls_extinction_coef                       ? 
_refine.ls_extinction_coef_esd                   ? 
_refine.ls_extinction_expression                 ? 
_refine.ls_extinction_method                     ? 
_refine.ls_goodness_of_fit_all                   ? 
_refine.ls_goodness_of_fit_all_esd               ? 
_refine.ls_goodness_of_fit_obs                   ? 
_refine.ls_goodness_of_fit_obs_esd               ? 
_refine.ls_hydrogen_treatment                    ? 
_refine.ls_matrix_type                           ? 
_refine.ls_number_constraints                    ? 
_refine.ls_number_parameters                     ? 
_refine.ls_number_reflns_all                     ? 
_refine.ls_number_reflns_obs                     5165 
_refine.ls_number_reflns_R_free                  277 
_refine.ls_number_reflns_R_work                  ? 
_refine.ls_number_restraints                     ? 
_refine.ls_percent_reflns_obs                    91.85 
_refine.ls_percent_reflns_R_free                 5.36 
_refine.ls_R_factor_all                          ? 
_refine.ls_R_factor_obs                          0.1979 
_refine.ls_R_factor_R_free                       0.2417 
_refine.ls_R_factor_R_free_error                 ? 
_refine.ls_R_factor_R_free_error_details         ? 
_refine.ls_R_factor_R_work                       0.1955 
_refine.ls_R_Fsqd_factor_obs                     ? 
_refine.ls_R_I_factor_obs                        ? 
_refine.ls_redundancy_reflns_all                 ? 
_refine.ls_redundancy_reflns_obs                 ? 
_refine.ls_restrained_S_all                      ? 
_refine.ls_restrained_S_obs                      ? 
_refine.ls_shift_over_esd_max                    ? 
_refine.ls_shift_over_esd_mean                   ? 
_refine.ls_structure_factor_coef                 ? 
_refine.ls_weighting_details                     ? 
_refine.ls_weighting_scheme                      ? 
_refine.ls_wR_factor_all                         ? 
_refine.ls_wR_factor_obs                         ? 
_refine.ls_wR_factor_R_free                      ? 
_refine.ls_wR_factor_R_work                      ? 
_refine.occupancy_max                            ? 
_refine.occupancy_min                            ? 
_refine.solvent_model_details                    'FLAT BULK SOLVENT MODEL' 
_refine.solvent_model_param_bsol                 ? 
_refine.solvent_model_param_ksol                 ? 
_refine.pdbx_R_complete                          ? 
_refine.ls_R_factor_gt                           ? 
_refine.ls_goodness_of_fit_gt                    ? 
_refine.ls_goodness_of_fit_ref                   ? 
_refine.ls_shift_over_su_max                     ? 
_refine.ls_shift_over_su_max_lt                  ? 
_refine.ls_shift_over_su_mean                    ? 
_refine.ls_shift_over_su_mean_lt                 ? 
_refine.pdbx_ls_sigma_I                          ? 
_refine.pdbx_ls_sigma_F                          1.41 
_refine.pdbx_ls_sigma_Fsqd                       ? 
_refine.pdbx_data_cutoff_high_absF               ? 
_refine.pdbx_data_cutoff_high_rms_absF           ? 
_refine.pdbx_data_cutoff_low_absF                ? 
_refine.pdbx_isotropic_thermal_model             ? 
_refine.pdbx_ls_cross_valid_method               'FREE R-VALUE' 
_refine.pdbx_method_to_determine_struct          'MOLECULAR REPLACEMENT' 
_refine.pdbx_starting_model                      ? 
_refine.pdbx_stereochemistry_target_values       ML 
_refine.pdbx_R_Free_selection_details            ? 
_refine.pdbx_stereochem_target_val_spec_case     ? 
_refine.pdbx_overall_ESU_R                       ? 
_refine.pdbx_overall_ESU_R_Free                  ? 
_refine.pdbx_solvent_vdw_probe_radii             1.10 
_refine.pdbx_solvent_ion_probe_radii             ? 
_refine.pdbx_solvent_shrinkage_radii             0.90 
_refine.pdbx_real_space_R                        ? 
_refine.pdbx_density_correlation                 ? 
_refine.pdbx_pd_number_of_powder_patterns        ? 
_refine.pdbx_pd_number_of_points                 ? 
_refine.pdbx_pd_meas_number_of_points            ? 
_refine.pdbx_pd_proc_ls_prof_R_factor            ? 
_refine.pdbx_pd_proc_ls_prof_wR_factor           ? 
_refine.pdbx_pd_Marquardt_correlation_coeff      ? 
_refine.pdbx_pd_Fsqrd_R_factor                   ? 
_refine.pdbx_pd_ls_matrix_band_width             ? 
_refine.pdbx_overall_phase_error                 18.74 
_refine.pdbx_overall_SU_R_free_Cruickshank_DPI   ? 
_refine.pdbx_overall_SU_R_free_Blow_DPI          ? 
_refine.pdbx_overall_SU_R_Blow_DPI               ? 
_refine.pdbx_TLS_residual_ADP_flag               ? 
_refine.pdbx_diffrn_id                           1 
_refine.overall_SU_B                             ? 
_refine.overall_SU_ML                            0.13 
_refine.overall_SU_R_Cruickshank_DPI             ? 
_refine.overall_SU_R_free                        ? 
_refine.overall_FOM_free_R_set                   ? 
_refine.overall_FOM_work_R_set                   ? 
_refine.pdbx_average_fsc_overall                 ? 
_refine.pdbx_average_fsc_work                    ? 
_refine.pdbx_average_fsc_free                    ? 
# 
_refine_hist.pdbx_refine_id                   'X-RAY DIFFRACTION' 
_refine_hist.cycle_id                         LAST 
_refine_hist.pdbx_number_atoms_protein        552 
_refine_hist.pdbx_number_atoms_nucleic_acid   0 
_refine_hist.pdbx_number_atoms_ligand         0 
_refine_hist.number_atoms_solvent             92 
_refine_hist.number_atoms_total               644 
_refine_hist.d_res_high                       1.78 
_refine_hist.d_res_low                        26.00 
# 
loop_
_refine_ls_restr.pdbx_refine_id 
_refine_ls_restr.criterion 
_refine_ls_restr.dev_ideal 
_refine_ls_restr.dev_ideal_target 
_refine_ls_restr.number 
_refine_ls_restr.rejects 
_refine_ls_restr.type 
_refine_ls_restr.weight 
_refine_ls_restr.pdbx_restraint_function 
'X-RAY DIFFRACTION' ? 0.015 ? ?   ? f_bond_d           ? ? 
'X-RAY DIFFRACTION' ? 1.425 ? ?   ? f_angle_d          ? ? 
'X-RAY DIFFRACTION' ? 4.380 ? 105 ? f_dihedral_angle_d ? ? 
'X-RAY DIFFRACTION' ? 0.056 ? 75  ? f_chiral_restr     ? ? 
'X-RAY DIFFRACTION' ? 0.015 ? 111 ? f_plane_restr      ? ? 
# 
loop_
_refine_ls_shell.pdbx_refine_id 
_refine_ls_shell.d_res_high 
_refine_ls_shell.d_res_low 
_refine_ls_shell.number_reflns_all 
_refine_ls_shell.number_reflns_obs 
_refine_ls_shell.number_reflns_R_free 
_refine_ls_shell.number_reflns_R_work 
_refine_ls_shell.percent_reflns_obs 
_refine_ls_shell.percent_reflns_R_free 
_refine_ls_shell.R_factor_all 
_refine_ls_shell.R_factor_obs 
_refine_ls_shell.R_factor_R_free_error 
_refine_ls_shell.R_factor_R_work 
_refine_ls_shell.redundancy_reflns_all 
_refine_ls_shell.redundancy_reflns_obs 
_refine_ls_shell.wR_factor_all 
_refine_ls_shell.wR_factor_obs 
_refine_ls_shell.wR_factor_R_free 
_refine_ls_shell.wR_factor_R_work 
_refine_ls_shell.pdbx_R_complete 
_refine_ls_shell.pdbx_total_number_of_bins_used 
_refine_ls_shell.pdbx_phase_error 
_refine_ls_shell.pdbx_fsc_work 
_refine_ls_shell.pdbx_fsc_free 
_refine_ls_shell.R_factor_R_free 
'X-RAY DIFFRACTION' 1.78 2.24  . . 107 2234 85.00 . . . . 0.1911 . . . . . . . . . . . 0.2457 
'X-RAY DIFFRACTION' 2.24 26.00 . . 170 2654 99.00 . . . . 0.1975 . . . . . . . . . . . 0.2400 
# 
_struct.entry_id                     8YUK 
_struct.title                        'Structure of a triple-helix region of human collagen type VII' 
_struct.pdbx_model_details           ? 
_struct.pdbx_formula_weight          ? 
_struct.pdbx_formula_weight_method   ? 
_struct.pdbx_model_type_details      ? 
_struct.pdbx_CASP_flag               N 
# 
_struct_keywords.entry_id        8YUK 
_struct_keywords.text            'collagen, STRUCTURAL PROTEIN' 
_struct_keywords.pdbx_keywords   'STRUCTURAL PROTEIN' 
# 
loop_
_struct_asym.id 
_struct_asym.pdbx_blank_PDB_chainid_flag 
_struct_asym.pdbx_modified 
_struct_asym.entity_id 
_struct_asym.details 
A N N 1 ? 
B N N 1 ? 
C N N 1 ? 
D N N 2 ? 
E N N 2 ? 
F N N 2 ? 
# 
_struct_ref.id                         1 
_struct_ref.db_name                    PDB 
_struct_ref.db_code                    8YUK 
_struct_ref.pdbx_db_accession          8YUK 
_struct_ref.pdbx_db_isoform            ? 
_struct_ref.entity_id                  1 
_struct_ref.pdbx_seq_one_letter_code   ? 
_struct_ref.pdbx_align_begin           1 
# 
loop_
_struct_ref_seq.align_id 
_struct_ref_seq.ref_id 
_struct_ref_seq.pdbx_PDB_id_code 
_struct_ref_seq.pdbx_strand_id 
_struct_ref_seq.seq_align_beg 
_struct_ref_seq.pdbx_seq_align_beg_ins_code 
_struct_ref_seq.seq_align_end 
_struct_ref_seq.pdbx_seq_align_end_ins_code 
_struct_ref_seq.pdbx_db_accession 
_struct_ref_seq.db_align_beg 
_struct_ref_seq.pdbx_db_align_beg_ins_code 
_struct_ref_seq.db_align_end 
_struct_ref_seq.pdbx_db_align_end_ins_code 
_struct_ref_seq.pdbx_auth_seq_align_beg 
_struct_ref_seq.pdbx_auth_seq_align_end 
1 1 8YUK A 1 ? 28 ? 8YUK 1 ? 28 ? 1 28 
2 1 8YUK B 1 ? 28 ? 8YUK 1 ? 28 ? 1 28 
3 1 8YUK C 1 ? 28 ? 8YUK 1 ? 28 ? 1 28 
# 
_pdbx_struct_assembly.id                   1 
_pdbx_struct_assembly.details              author_and_software_defined_assembly 
_pdbx_struct_assembly.method_details       PISA 
_pdbx_struct_assembly.oligomeric_details   trimeric 
_pdbx_struct_assembly.oligomeric_count     3 
# 
loop_
_pdbx_struct_assembly_prop.biol_id 
_pdbx_struct_assembly_prop.type 
_pdbx_struct_assembly_prop.value 
_pdbx_struct_assembly_prop.details 
1 'ABSA (A^2)' 5560 ? 
1 MORE         -23  ? 
1 'SSA (A^2)'  5190 ? 
# 
_pdbx_struct_assembly_gen.assembly_id       1 
_pdbx_struct_assembly_gen.oper_expression   1 
_pdbx_struct_assembly_gen.asym_id_list      A,B,C,D,E,F 
# 
_pdbx_struct_assembly_auth_evidence.id                     1 
_pdbx_struct_assembly_auth_evidence.assembly_id            1 
_pdbx_struct_assembly_auth_evidence.experimental_support   none 
_pdbx_struct_assembly_auth_evidence.details                ? 
# 
_pdbx_struct_oper_list.id                   1 
_pdbx_struct_oper_list.type                 'identity operation' 
_pdbx_struct_oper_list.name                 1_555 
_pdbx_struct_oper_list.symmetry_operation   x,y,z 
_pdbx_struct_oper_list.matrix[1][1]         1.0000000000 
_pdbx_struct_oper_list.matrix[1][2]         0.0000000000 
_pdbx_struct_oper_list.matrix[1][3]         0.0000000000 
_pdbx_struct_oper_list.vector[1]            0.0000000000 
_pdbx_struct_oper_list.matrix[2][1]         0.0000000000 
_pdbx_struct_oper_list.matrix[2][2]         1.0000000000 
_pdbx_struct_oper_list.matrix[2][3]         0.0000000000 
_pdbx_struct_oper_list.vector[2]            0.0000000000 
_pdbx_struct_oper_list.matrix[3][1]         0.0000000000 
_pdbx_struct_oper_list.matrix[3][2]         0.0000000000 
_pdbx_struct_oper_list.matrix[3][3]         1.0000000000 
_pdbx_struct_oper_list.vector[3]            0.0000000000 
# 
loop_
_struct_conn.id 
_struct_conn.conn_type_id 
_struct_conn.pdbx_leaving_atom_flag 
_struct_conn.pdbx_PDB_id 
_struct_conn.ptnr1_label_asym_id 
_struct_conn.ptnr1_label_comp_id 
_struct_conn.ptnr1_label_seq_id 
_struct_conn.ptnr1_label_atom_id 
_struct_conn.pdbx_ptnr1_label_alt_id 
_struct_conn.pdbx_ptnr1_PDB_ins_code 
_struct_conn.pdbx_ptnr1_standard_comp_id 
_struct_conn.ptnr1_symmetry 
_struct_conn.ptnr2_label_asym_id 
_struct_conn.ptnr2_label_comp_id 
_struct_conn.ptnr2_label_seq_id 
_struct_conn.ptnr2_label_atom_id 
_struct_conn.pdbx_ptnr2_label_alt_id 
_struct_conn.pdbx_ptnr2_PDB_ins_code 
_struct_conn.ptnr1_auth_asym_id 
_struct_conn.ptnr1_auth_comp_id 
_struct_conn.ptnr1_auth_seq_id 
_struct_conn.ptnr2_auth_asym_id 
_struct_conn.ptnr2_auth_comp_id 
_struct_conn.ptnr2_auth_seq_id 
_struct_conn.ptnr2_symmetry 
_struct_conn.pdbx_ptnr3_label_atom_id 
_struct_conn.pdbx_ptnr3_label_seq_id 
_struct_conn.pdbx_ptnr3_label_comp_id 
_struct_conn.pdbx_ptnr3_label_asym_id 
_struct_conn.pdbx_ptnr3_label_alt_id 
_struct_conn.pdbx_ptnr3_PDB_ins_code 
_struct_conn.details 
_struct_conn.pdbx_dist_value 
_struct_conn.pdbx_value_order 
_struct_conn.pdbx_role 
covale1  covale both ? A ACE 1  C ? ? ? 1_555 A PRO 2  N ? ? A ACE 1  A PRO 2  1_555 ? ? ? ? ? ? ? 1.331 ? ? 
covale2  covale both ? A PRO 2  C ? ? ? 1_555 A HYP 3  N ? ? A PRO 2  A HYP 3  1_555 ? ? ? ? ? ? ? 1.325 ? ? 
covale3  covale both ? A HYP 3  C ? ? ? 1_555 A GLY 4  N ? ? A HYP 3  A GLY 4  1_555 ? ? ? ? ? ? ? 1.329 ? ? 
covale4  covale both ? A PRO 5  C ? ? ? 1_555 A HYP 6  N ? ? A PRO 5  A HYP 6  1_555 ? ? ? ? ? ? ? 1.325 ? ? 
covale5  covale both ? A HYP 6  C ? ? ? 1_555 A GLY 7  N ? ? A HYP 6  A GLY 7  1_555 ? ? ? ? ? ? ? 1.329 ? ? 
covale6  covale both ? A PRO 20 C ? ? ? 1_555 A HYP 21 N ? ? A PRO 20 A HYP 21 1_555 ? ? ? ? ? ? ? 1.324 ? ? 
covale7  covale both ? A HYP 21 C ? ? ? 1_555 A GLY 22 N ? ? A HYP 21 A GLY 22 1_555 ? ? ? ? ? ? ? 1.332 ? ? 
covale8  covale both ? A PRO 23 C ? ? ? 1_555 A HYP 24 N ? ? A PRO 23 A HYP 24 1_555 ? ? ? ? ? ? ? 1.326 ? ? 
covale9  covale both ? A HYP 24 C ? ? ? 1_555 A GLY 25 N ? ? A HYP 24 A GLY 25 1_555 ? ? ? ? ? ? ? 1.329 ? ? 
covale10 covale both ? A PRO 26 C ? ? ? 1_555 A HYP 27 N ? ? A PRO 26 A HYP 27 1_555 ? ? ? ? ? ? ? 1.326 ? ? 
covale11 covale both ? A HYP 27 C ? ? ? 1_555 A GLY 28 N ? ? A HYP 27 A GLY 28 1_555 ? ? ? ? ? ? ? 1.329 ? ? 
covale12 covale both ? B ACE 1  C ? ? ? 1_555 B PRO 2  N ? ? B ACE 1  B PRO 2  1_555 ? ? ? ? ? ? ? 1.329 ? ? 
covale13 covale both ? B PRO 2  C ? ? ? 1_555 B HYP 3  N ? ? B PRO 2  B HYP 3  1_555 ? ? ? ? ? ? ? 1.327 ? ? 
covale14 covale both ? B HYP 3  C ? ? ? 1_555 B GLY 4  N ? ? B HYP 3  B GLY 4  1_555 ? ? ? ? ? ? ? 1.312 ? ? 
covale15 covale both ? B PRO 5  C ? ? ? 1_555 B HYP 6  N ? ? B PRO 5  B HYP 6  1_555 ? ? ? ? ? ? ? 1.346 ? ? 
covale16 covale both ? B HYP 6  C ? ? ? 1_555 B GLY 7  N ? ? B HYP 6  B GLY 7  1_555 ? ? ? ? ? ? ? 1.328 ? ? 
covale17 covale both ? B PRO 20 C ? ? ? 1_555 B HYP 21 N ? ? B PRO 20 B HYP 21 1_555 ? ? ? ? ? ? ? 1.325 ? ? 
covale18 covale both ? B HYP 21 C ? ? ? 1_555 B GLY 22 N ? ? B HYP 21 B GLY 22 1_555 ? ? ? ? ? ? ? 1.327 ? ? 
covale19 covale both ? B PRO 23 C ? ? ? 1_555 B HYP 24 N ? ? B PRO 23 B HYP 24 1_555 ? ? ? ? ? ? ? 1.325 ? ? 
covale20 covale both ? B HYP 24 C ? ? ? 1_555 B GLY 25 N ? ? B HYP 24 B GLY 25 1_555 ? ? ? ? ? ? ? 1.327 ? ? 
covale21 covale both ? B PRO 26 C ? ? ? 1_555 B HYP 27 N ? ? B PRO 26 B HYP 27 1_555 ? ? ? ? ? ? ? 1.330 ? ? 
covale22 covale both ? B HYP 27 C ? ? ? 1_555 B GLY 28 N ? ? B HYP 27 B GLY 28 1_555 ? ? ? ? ? ? ? 1.333 ? ? 
covale23 covale both ? C ACE 1  C ? ? ? 1_555 C PRO 2  N ? ? C ACE 1  C PRO 2  1_555 ? ? ? ? ? ? ? 1.329 ? ? 
covale24 covale both ? C PRO 2  C ? ? ? 1_555 C HYP 3  N ? ? C PRO 2  C HYP 3  1_555 ? ? ? ? ? ? ? 1.328 ? ? 
covale25 covale both ? C HYP 3  C ? ? ? 1_555 C GLY 4  N ? ? C HYP 3  C GLY 4  1_555 ? ? ? ? ? ? ? 1.328 ? ? 
covale26 covale both ? C PRO 5  C ? ? ? 1_555 C HYP 6  N ? ? C PRO 5  C HYP 6  1_555 ? ? ? ? ? ? ? 1.327 ? ? 
covale27 covale both ? C HYP 6  C ? ? ? 1_555 C GLY 7  N ? ? C HYP 6  C GLY 7  1_555 ? ? ? ? ? ? ? 1.329 ? ? 
covale28 covale both ? C PRO 20 C ? ? ? 1_555 C HYP 21 N ? ? C PRO 20 C HYP 21 1_555 ? ? ? ? ? ? ? 1.324 ? ? 
covale29 covale both ? C HYP 21 C ? ? ? 1_555 C GLY 22 N ? ? C HYP 21 C GLY 22 1_555 ? ? ? ? ? ? ? 1.330 ? ? 
covale30 covale both ? C PRO 23 C ? ? ? 1_555 C HYP 24 N ? ? C PRO 23 C HYP 24 1_555 ? ? ? ? ? ? ? 1.325 ? ? 
covale31 covale both ? C HYP 24 C ? ? ? 1_555 C GLY 25 N ? ? C HYP 24 C GLY 25 1_555 ? ? ? ? ? ? ? 1.334 ? ? 
covale32 covale both ? C PRO 26 C ? ? ? 1_555 C HYP 27 N ? ? C PRO 26 C HYP 27 1_555 ? ? ? ? ? ? ? 1.322 ? ? 
covale33 covale both ? C HYP 27 C ? ? ? 1_555 C GLY 28 N ? ? C HYP 27 C GLY 28 1_555 ? ? ? ? ? ? ? 1.328 ? ? 
# 
_struct_conn_type.id          covale 
_struct_conn_type.criteria    ? 
_struct_conn_type.reference   ? 
# 
loop_
_pdbx_modification_feature.ordinal 
_pdbx_modification_feature.label_comp_id 
_pdbx_modification_feature.label_asym_id 
_pdbx_modification_feature.label_seq_id 
_pdbx_modification_feature.label_alt_id 
_pdbx_modification_feature.modified_residue_label_comp_id 
_pdbx_modification_feature.modified_residue_label_asym_id 
_pdbx_modification_feature.modified_residue_label_seq_id 
_pdbx_modification_feature.modified_residue_label_alt_id 
_pdbx_modification_feature.auth_comp_id 
_pdbx_modification_feature.auth_asym_id 
_pdbx_modification_feature.auth_seq_id 
_pdbx_modification_feature.PDB_ins_code 
_pdbx_modification_feature.symmetry 
_pdbx_modification_feature.modified_residue_auth_comp_id 
_pdbx_modification_feature.modified_residue_auth_asym_id 
_pdbx_modification_feature.modified_residue_auth_seq_id 
_pdbx_modification_feature.modified_residue_PDB_ins_code 
_pdbx_modification_feature.modified_residue_symmetry 
_pdbx_modification_feature.comp_id_linking_atom 
_pdbx_modification_feature.modified_residue_id_linking_atom 
_pdbx_modification_feature.modified_residue_id 
_pdbx_modification_feature.ref_pcm_id 
_pdbx_modification_feature.ref_comp_id 
_pdbx_modification_feature.type 
_pdbx_modification_feature.category 
1  HYP A 3  ? .   . . . HYP A 3  ? 1_555 .   . . . .     . . PRO 1  HYP Hydroxylation 'Named protein modification' 
2  HYP A 6  ? .   . . . HYP A 6  ? 1_555 .   . . . .     . . PRO 1  HYP Hydroxylation 'Named protein modification' 
3  HYP A 21 ? .   . . . HYP A 21 ? 1_555 .   . . . .     . . PRO 1  HYP Hydroxylation 'Named protein modification' 
4  HYP A 24 ? .   . . . HYP A 24 ? 1_555 .   . . . .     . . PRO 1  HYP Hydroxylation 'Named protein modification' 
5  HYP A 27 ? .   . . . HYP A 27 ? 1_555 .   . . . .     . . PRO 1  HYP Hydroxylation 'Named protein modification' 
6  HYP B 3  ? .   . . . HYP B 3  ? 1_555 .   . . . .     . . PRO 1  HYP Hydroxylation 'Named protein modification' 
7  HYP B 6  ? .   . . . HYP B 6  ? 1_555 .   . . . .     . . PRO 1  HYP Hydroxylation 'Named protein modification' 
8  HYP B 21 ? .   . . . HYP B 21 ? 1_555 .   . . . .     . . PRO 1  HYP Hydroxylation 'Named protein modification' 
9  HYP B 24 ? .   . . . HYP B 24 ? 1_555 .   . . . .     . . PRO 1  HYP Hydroxylation 'Named protein modification' 
10 HYP B 27 ? .   . . . HYP B 27 ? 1_555 .   . . . .     . . PRO 1  HYP Hydroxylation 'Named protein modification' 
11 HYP C 3  ? .   . . . HYP C 3  ? 1_555 .   . . . .     . . PRO 1  HYP Hydroxylation 'Named protein modification' 
12 HYP C 6  ? .   . . . HYP C 6  ? 1_555 .   . . . .     . . PRO 1  HYP Hydroxylation 'Named protein modification' 
13 HYP C 21 ? .   . . . HYP C 21 ? 1_555 .   . . . .     . . PRO 1  HYP Hydroxylation 'Named protein modification' 
14 HYP C 24 ? .   . . . HYP C 24 ? 1_555 .   . . . .     . . PRO 1  HYP Hydroxylation 'Named protein modification' 
15 HYP C 27 ? .   . . . HYP C 27 ? 1_555 .   . . . .     . . PRO 1  HYP Hydroxylation 'Named protein modification' 
16 ACE A 1  ? PRO A 2 ? ACE A 1  ? 1_555 PRO A 2 ? 1_555 . . PRO 13 ACE None          'Terminal acetylation'       
17 ACE B 1  ? PRO B 2 ? ACE B 1  ? 1_555 PRO B 2 ? 1_555 . . PRO 13 ACE None          'Terminal acetylation'       
18 ACE C 1  ? PRO C 2 ? ACE C 1  ? 1_555 PRO C 2 ? 1_555 . . PRO 13 ACE None          'Terminal acetylation'       
# 
_pdbx_entry_details.entry_id                   8YUK 
_pdbx_entry_details.has_ligand_of_interest     N 
_pdbx_entry_details.compound_details           ? 
_pdbx_entry_details.source_details             ? 
_pdbx_entry_details.nonpolymer_details         ? 
_pdbx_entry_details.sequence_details           ? 
_pdbx_entry_details.has_protein_modification   Y 
# 
loop_
_pdbx_validate_close_contact.id 
_pdbx_validate_close_contact.PDB_model_num 
_pdbx_validate_close_contact.auth_atom_id_1 
_pdbx_validate_close_contact.auth_asym_id_1 
_pdbx_validate_close_contact.auth_comp_id_1 
_pdbx_validate_close_contact.auth_seq_id_1 
_pdbx_validate_close_contact.PDB_ins_code_1 
_pdbx_validate_close_contact.label_alt_id_1 
_pdbx_validate_close_contact.auth_atom_id_2 
_pdbx_validate_close_contact.auth_asym_id_2 
_pdbx_validate_close_contact.auth_comp_id_2 
_pdbx_validate_close_contact.auth_seq_id_2 
_pdbx_validate_close_contact.PDB_ins_code_2 
_pdbx_validate_close_contact.label_alt_id_2 
_pdbx_validate_close_contact.dist 
1 1 O   A HOH 124 ? ? O B HOH 116 ? ? 1.93 
2 1 OD1 A HYP 21  ? ? O A HOH 101 ? ? 2.13 
3 1 O   B GLY 28  ? ? O B HOH 101 ? ? 2.15 
4 1 O   B HOH 127 ? ? O C HOH 108 ? ? 2.18 
5 1 OD1 B HYP 27  ? ? O B HOH 102 ? ? 2.19 
# 
_pdbx_validate_symm_contact.id                1 
_pdbx_validate_symm_contact.PDB_model_num     1 
_pdbx_validate_symm_contact.auth_atom_id_1    NH1 
_pdbx_validate_symm_contact.auth_asym_id_1    B 
_pdbx_validate_symm_contact.auth_comp_id_1    ARG 
_pdbx_validate_symm_contact.auth_seq_id_1     15 
_pdbx_validate_symm_contact.PDB_ins_code_1    ? 
_pdbx_validate_symm_contact.label_alt_id_1    ? 
_pdbx_validate_symm_contact.site_symmetry_1   1_555 
_pdbx_validate_symm_contact.auth_atom_id_2    O 
_pdbx_validate_symm_contact.auth_asym_id_2    A 
_pdbx_validate_symm_contact.auth_comp_id_2    HOH 
_pdbx_validate_symm_contact.auth_seq_id_2     101 
_pdbx_validate_symm_contact.PDB_ins_code_2    ? 
_pdbx_validate_symm_contact.label_alt_id_2    ? 
_pdbx_validate_symm_contact.site_symmetry_2   1_655 
_pdbx_validate_symm_contact.dist              2.15 
# 
loop_
_pdbx_refine_tls.id 
_pdbx_refine_tls.pdbx_refine_id 
_pdbx_refine_tls.details 
_pdbx_refine_tls.method 
_pdbx_refine_tls.origin_x 
_pdbx_refine_tls.origin_y 
_pdbx_refine_tls.origin_z 
_pdbx_refine_tls.T[1][1] 
_pdbx_refine_tls.T[1][1]_esd 
_pdbx_refine_tls.T[1][2] 
_pdbx_refine_tls.T[1][2]_esd 
_pdbx_refine_tls.T[1][3] 
_pdbx_refine_tls.T[1][3]_esd 
_pdbx_refine_tls.T[2][2] 
_pdbx_refine_tls.T[2][2]_esd 
_pdbx_refine_tls.T[2][3] 
_pdbx_refine_tls.T[2][3]_esd 
_pdbx_refine_tls.T[3][3] 
_pdbx_refine_tls.T[3][3]_esd 
_pdbx_refine_tls.L[1][1] 
_pdbx_refine_tls.L[1][1]_esd 
_pdbx_refine_tls.L[1][2] 
_pdbx_refine_tls.L[1][2]_esd 
_pdbx_refine_tls.L[1][3] 
_pdbx_refine_tls.L[1][3]_esd 
_pdbx_refine_tls.L[2][2] 
_pdbx_refine_tls.L[2][2]_esd 
_pdbx_refine_tls.L[2][3] 
_pdbx_refine_tls.L[2][3]_esd 
_pdbx_refine_tls.L[3][3] 
_pdbx_refine_tls.L[3][3]_esd 
_pdbx_refine_tls.S[1][1] 
_pdbx_refine_tls.S[1][1]_esd 
_pdbx_refine_tls.S[1][2] 
_pdbx_refine_tls.S[1][2]_esd 
_pdbx_refine_tls.S[1][3] 
_pdbx_refine_tls.S[1][3]_esd 
_pdbx_refine_tls.S[2][1] 
_pdbx_refine_tls.S[2][1]_esd 
_pdbx_refine_tls.S[2][2] 
_pdbx_refine_tls.S[2][2]_esd 
_pdbx_refine_tls.S[2][3] 
_pdbx_refine_tls.S[2][3]_esd 
_pdbx_refine_tls.S[3][1] 
_pdbx_refine_tls.S[3][1]_esd 
_pdbx_refine_tls.S[3][2] 
_pdbx_refine_tls.S[3][2]_esd 
_pdbx_refine_tls.S[3][3] 
_pdbx_refine_tls.S[3][3]_esd 
1  'X-RAY DIFFRACTION' ? refined 13.2427  14.3574  -6.9240 0.1707 ? -0.0454 ? -0.0113 ? 0.1647 ? 0.0109  ? 0.2417  ? 0.6549 ? 0.6908  ? -0.4171 ? 1.1702 ? -0.5406 ? 0.3207 ? 0.0072  ? 0.1527  ? -0.1201 ? -0.0767 ? 0.0291  ? -0.0267 ? -0.1117 ? 0.0059  ? -0.0714 ? 
2  'X-RAY DIFFRACTION' ? refined -0.9070  -2.6905  3.9433  0.1522 ? -0.0318 ? -0.0172 ? 0.1503 ? -0.0061 ? 0.1303  ? 4.6806 ? 3.3479  ? -0.9245 ? 4.7472 ? -1.9897 ? 1.4414 ? -0.0843 ? -0.1746 ? 0.2477  ? 0.2842  ? -0.0508 ? -0.0590 ? -0.0432 ? 0.0494  ? 0.0739  ? 
3  'X-RAY DIFFRACTION' ? refined -15.7825 -17.8189 5.9454  0.0856 ? 0.0417  ? 0.0047  ? 0.0715 ? -0.0010 ? 0.0271  ? 1.5310 ? 0.2646  ? 0.1281  ? 2.2078 ? 0.1624  ? 1.1146 ? 0.0394  ? -0.0625 ? -0.1082 ? 0.1307  ? -0.0768 ? 0.1456  ? 0.0881  ? -0.0811 ? -0.0804 ? 
4  'X-RAY DIFFRACTION' ? refined 12.2833  21.5601  -7.3583 0.2671 ? -0.0913 ? -0.0261 ? 0.2530 ? 0.0247  ? 0.2649  ? 1.3860 ? 1.8783  ? -0.3724 ? 4.2936 ? -0.1799 ? 0.1999 ? 0.0971  ? -0.1032 ? -0.1211 ? -0.0232 ? 0.1247  ? 0.2387  ? -0.1169 ? -0.1007 ? 0.0361  ? 
5  'X-RAY DIFFRACTION' ? refined 3.0590   5.2038   -5.3605 0.2064 ? -0.0602 ? 0.0501  ? 0.1240 ? 0.0239  ? 0.2091  ? 2.7925 ? 1.4863  ? -0.4139 ? 6.3648 ? -1.6845 ? 1.8307 ? -0.0556 ? 0.3489  ? 0.1418  ? -0.4550 ? 0.0323  ? -0.1822 ? 0.0392  ? 0.0303  ? -0.1619 ? 
6  'X-RAY DIFFRACTION' ? refined -1.4860  -7.0194  -0.0217 0.0766 ? -0.0072 ? -0.0058 ? 0.0895 ? -0.0105 ? 0.1398  ? 4.9695 ? 2.9804  ? -1.8785 ? 5.1880 ? -1.2094 ? 1.4251 ? -0.0144 ? 0.1787  ? 0.2699  ? -0.1923 ? 0.0392  ? -0.2514 ? -0.0097 ? 0.0769  ? -0.0841 ? 
7  'X-RAY DIFFRACTION' ? refined -15.1820 -20.4624 9.7683  0.0189 ? 0.0224  ? -0.0795 ? 0.0999 ? 0.0195  ? 0.0152  ? 4.3818 ? -0.1757 ? 0.5162  ? 2.7331 ? 0.9179  ? 3.8014 ? -0.0480 ? -0.4025 ? -0.4674 ? -0.0251 ? -0.2552 ? 0.1126  ? 0.2480  ? -0.4691 ? -0.0753 ? 
8  'X-RAY DIFFRACTION' ? refined 14.2372  18.3960  -4.0055 0.1785 ? -0.0762 ? -0.0383 ? 0.2219 ? 0.0292  ? 0.2999  ? 2.9911 ? 2.0678  ? -1.1410 ? 2.5006 ? -0.8289 ? 0.6960 ? -0.1124 ? -0.0772 ? 0.0469  ? 0.0774  ? -0.0979 ? -0.1447 ? -0.1918 ? 0.0833  ? 0.0100  ? 
9  'X-RAY DIFFRACTION' ? refined -3.0644  1.6026   0.0044  0.1347 ? -0.0118 ? 0.0084  ? 0.0664 ? 0.0022  ? 0.2091  ? 2.6339 ? 2.4443  ? -0.6004 ? 5.9651 ? -0.1905 ? 0.9971 ? 0.0663  ? -0.0607 ? 0.2922  ? -0.0765 ? 0.0905  ? -0.0744 ? -0.1303 ? -0.0006 ? -0.2063 ? 
10 'X-RAY DIFFRACTION' ? refined -11.7039 -17.8887 3.9737  0.0432 ? 0.0333  ? -0.0093 ? 0.0333 ? 0.0342  ? -0.0045 ? 0.7073 ? -0.1564 ? 0.1555  ? 0.5248 ? -0.1607 ? 0.3174 ? 0.0140  ? -0.0640 ? -0.0767 ? 0.0618  ? 0.0816  ? 0.0681  ? 0.0322  ? -0.0301 ? -0.0386 ? 
# 
loop_
_pdbx_refine_tls_group.id 
_pdbx_refine_tls_group.pdbx_refine_id 
_pdbx_refine_tls_group.refine_tls_id 
_pdbx_refine_tls_group.beg_label_asym_id 
_pdbx_refine_tls_group.beg_label_seq_id 
_pdbx_refine_tls_group.beg_auth_asym_id 
_pdbx_refine_tls_group.beg_auth_seq_id 
_pdbx_refine_tls_group.beg_PDB_ins_code 
_pdbx_refine_tls_group.end_label_asym_id 
_pdbx_refine_tls_group.end_label_seq_id 
_pdbx_refine_tls_group.end_auth_asym_id 
_pdbx_refine_tls_group.end_auth_seq_id 
_pdbx_refine_tls_group.end_PDB_ins_code 
_pdbx_refine_tls_group.selection 
_pdbx_refine_tls_group.selection_details 
1  'X-RAY DIFFRACTION' 1  ? ? ? ? ? ? ? ? ? ? ? 
;chain 'A' and (resid 2 through 13 )
;
2  'X-RAY DIFFRACTION' 2  ? ? ? ? ? ? ? ? ? ? ? 
;chain 'A' and (resid 14 through 18 )
;
3  'X-RAY DIFFRACTION' 3  ? ? ? ? ? ? ? ? ? ? ? 
;chain 'A' and (resid 19 through 28 )
;
4  'X-RAY DIFFRACTION' 4  ? ? ? ? ? ? ? ? ? ? ? 
;chain 'B' and (resid 2 through 8 )
;
5  'X-RAY DIFFRACTION' 5  ? ? ? ? ? ? ? ? ? ? ? 
;chain 'B' and (resid 9 through 13 )
;
6  'X-RAY DIFFRACTION' 6  ? ? ? ? ? ? ? ? ? ? ? 
;chain 'B' and (resid 14 through 18 )
;
7  'X-RAY DIFFRACTION' 7  ? ? ? ? ? ? ? ? ? ? ? 
;chain 'B' and (resid 19 through 28 )
;
8  'X-RAY DIFFRACTION' 8  ? ? ? ? ? ? ? ? ? ? ? 
;chain 'C' and (resid 2 through 13 )
;
9  'X-RAY DIFFRACTION' 9  ? ? ? ? ? ? ? ? ? ? ? 
;chain 'C' and (resid 14 through 18 )
;
10 'X-RAY DIFFRACTION' 10 ? ? ? ? ? ? ? ? ? ? ? 
;chain 'C' and (resid 19 through 28 )
;
# 
loop_
_chem_comp_atom.comp_id 
_chem_comp_atom.atom_id 
_chem_comp_atom.type_symbol 
_chem_comp_atom.pdbx_aromatic_flag 
_chem_comp_atom.pdbx_stereo_config 
_chem_comp_atom.pdbx_ordinal 
ACE C    C N N 1   
ACE O    O N N 2   
ACE CH3  C N N 3   
ACE H    H N N 4   
ACE H1   H N N 5   
ACE H2   H N N 6   
ACE H3   H N N 7   
ARG N    N N N 8   
ARG CA   C N S 9   
ARG C    C N N 10  
ARG O    O N N 11  
ARG CB   C N N 12  
ARG CG   C N N 13  
ARG CD   C N N 14  
ARG NE   N N N 15  
ARG CZ   C N N 16  
ARG NH1  N N N 17  
ARG NH2  N N N 18  
ARG OXT  O N N 19  
ARG H    H N N 20  
ARG H2   H N N 21  
ARG HA   H N N 22  
ARG HB2  H N N 23  
ARG HB3  H N N 24  
ARG HG2  H N N 25  
ARG HG3  H N N 26  
ARG HD2  H N N 27  
ARG HD3  H N N 28  
ARG HE   H N N 29  
ARG HH11 H N N 30  
ARG HH12 H N N 31  
ARG HH21 H N N 32  
ARG HH22 H N N 33  
ARG HXT  H N N 34  
GLU N    N N N 35  
GLU CA   C N S 36  
GLU C    C N N 37  
GLU O    O N N 38  
GLU CB   C N N 39  
GLU CG   C N N 40  
GLU CD   C N N 41  
GLU OE1  O N N 42  
GLU OE2  O N N 43  
GLU OXT  O N N 44  
GLU H    H N N 45  
GLU H2   H N N 46  
GLU HA   H N N 47  
GLU HB2  H N N 48  
GLU HB3  H N N 49  
GLU HG2  H N N 50  
GLU HG3  H N N 51  
GLU HE2  H N N 52  
GLU HXT  H N N 53  
GLY N    N N N 54  
GLY CA   C N N 55  
GLY C    C N N 56  
GLY O    O N N 57  
GLY OXT  O N N 58  
GLY H    H N N 59  
GLY H2   H N N 60  
GLY HA2  H N N 61  
GLY HA3  H N N 62  
GLY HXT  H N N 63  
HOH O    O N N 64  
HOH H1   H N N 65  
HOH H2   H N N 66  
HYP N    N N N 67  
HYP CA   C N S 68  
HYP C    C N N 69  
HYP O    O N N 70  
HYP CB   C N N 71  
HYP CG   C N R 72  
HYP CD   C N N 73  
HYP OD1  O N N 74  
HYP OXT  O N N 75  
HYP H    H N N 76  
HYP HA   H N N 77  
HYP HB2  H N N 78  
HYP HB3  H N N 79  
HYP HG   H N N 80  
HYP HD22 H N N 81  
HYP HD23 H N N 82  
HYP HD1  H N N 83  
HYP HXT  H N N 84  
LEU N    N N N 85  
LEU CA   C N S 86  
LEU C    C N N 87  
LEU O    O N N 88  
LEU CB   C N N 89  
LEU CG   C N N 90  
LEU CD1  C N N 91  
LEU CD2  C N N 92  
LEU OXT  O N N 93  
LEU H    H N N 94  
LEU H2   H N N 95  
LEU HA   H N N 96  
LEU HB2  H N N 97  
LEU HB3  H N N 98  
LEU HG   H N N 99  
LEU HD11 H N N 100 
LEU HD12 H N N 101 
LEU HD13 H N N 102 
LEU HD21 H N N 103 
LEU HD22 H N N 104 
LEU HD23 H N N 105 
LEU HXT  H N N 106 
PRO N    N N N 107 
PRO CA   C N S 108 
PRO C    C N N 109 
PRO O    O N N 110 
PRO CB   C N N 111 
PRO CG   C N N 112 
PRO CD   C N N 113 
PRO OXT  O N N 114 
PRO H    H N N 115 
PRO HA   H N N 116 
PRO HB2  H N N 117 
PRO HB3  H N N 118 
PRO HG2  H N N 119 
PRO HG3  H N N 120 
PRO HD2  H N N 121 
PRO HD3  H N N 122 
PRO HXT  H N N 123 
# 
loop_
_chem_comp_bond.comp_id 
_chem_comp_bond.atom_id_1 
_chem_comp_bond.atom_id_2 
_chem_comp_bond.value_order 
_chem_comp_bond.pdbx_aromatic_flag 
_chem_comp_bond.pdbx_stereo_config 
_chem_comp_bond.pdbx_ordinal 
ACE C   O    doub N N 1   
ACE C   CH3  sing N N 2   
ACE C   H    sing N N 3   
ACE CH3 H1   sing N N 4   
ACE CH3 H2   sing N N 5   
ACE CH3 H3   sing N N 6   
ARG N   CA   sing N N 7   
ARG N   H    sing N N 8   
ARG N   H2   sing N N 9   
ARG CA  C    sing N N 10  
ARG CA  CB   sing N N 11  
ARG CA  HA   sing N N 12  
ARG C   O    doub N N 13  
ARG C   OXT  sing N N 14  
ARG CB  CG   sing N N 15  
ARG CB  HB2  sing N N 16  
ARG CB  HB3  sing N N 17  
ARG CG  CD   sing N N 18  
ARG CG  HG2  sing N N 19  
ARG CG  HG3  sing N N 20  
ARG CD  NE   sing N N 21  
ARG CD  HD2  sing N N 22  
ARG CD  HD3  sing N N 23  
ARG NE  CZ   sing N N 24  
ARG NE  HE   sing N N 25  
ARG CZ  NH1  sing N N 26  
ARG CZ  NH2  doub N N 27  
ARG NH1 HH11 sing N N 28  
ARG NH1 HH12 sing N N 29  
ARG NH2 HH21 sing N N 30  
ARG NH2 HH22 sing N N 31  
ARG OXT HXT  sing N N 32  
GLU N   CA   sing N N 33  
GLU N   H    sing N N 34  
GLU N   H2   sing N N 35  
GLU CA  C    sing N N 36  
GLU CA  CB   sing N N 37  
GLU CA  HA   sing N N 38  
GLU C   O    doub N N 39  
GLU C   OXT  sing N N 40  
GLU CB  CG   sing N N 41  
GLU CB  HB2  sing N N 42  
GLU CB  HB3  sing N N 43  
GLU CG  CD   sing N N 44  
GLU CG  HG2  sing N N 45  
GLU CG  HG3  sing N N 46  
GLU CD  OE1  doub N N 47  
GLU CD  OE2  sing N N 48  
GLU OE2 HE2  sing N N 49  
GLU OXT HXT  sing N N 50  
GLY N   CA   sing N N 51  
GLY N   H    sing N N 52  
GLY N   H2   sing N N 53  
GLY CA  C    sing N N 54  
GLY CA  HA2  sing N N 55  
GLY CA  HA3  sing N N 56  
GLY C   O    doub N N 57  
GLY C   OXT  sing N N 58  
GLY OXT HXT  sing N N 59  
HOH O   H1   sing N N 60  
HOH O   H2   sing N N 61  
HYP N   CA   sing N N 62  
HYP N   CD   sing N N 63  
HYP N   H    sing N N 64  
HYP CA  C    sing N N 65  
HYP CA  CB   sing N N 66  
HYP CA  HA   sing N N 67  
HYP C   O    doub N N 68  
HYP C   OXT  sing N N 69  
HYP CB  CG   sing N N 70  
HYP CB  HB2  sing N N 71  
HYP CB  HB3  sing N N 72  
HYP CG  CD   sing N N 73  
HYP CG  OD1  sing N N 74  
HYP CG  HG   sing N N 75  
HYP CD  HD22 sing N N 76  
HYP CD  HD23 sing N N 77  
HYP OD1 HD1  sing N N 78  
HYP OXT HXT  sing N N 79  
LEU N   CA   sing N N 80  
LEU N   H    sing N N 81  
LEU N   H2   sing N N 82  
LEU CA  C    sing N N 83  
LEU CA  CB   sing N N 84  
LEU CA  HA   sing N N 85  
LEU C   O    doub N N 86  
LEU C   OXT  sing N N 87  
LEU CB  CG   sing N N 88  
LEU CB  HB2  sing N N 89  
LEU CB  HB3  sing N N 90  
LEU CG  CD1  sing N N 91  
LEU CG  CD2  sing N N 92  
LEU CG  HG   sing N N 93  
LEU CD1 HD11 sing N N 94  
LEU CD1 HD12 sing N N 95  
LEU CD1 HD13 sing N N 96  
LEU CD2 HD21 sing N N 97  
LEU CD2 HD22 sing N N 98  
LEU CD2 HD23 sing N N 99  
LEU OXT HXT  sing N N 100 
PRO N   CA   sing N N 101 
PRO N   CD   sing N N 102 
PRO N   H    sing N N 103 
PRO CA  C    sing N N 104 
PRO CA  CB   sing N N 105 
PRO CA  HA   sing N N 106 
PRO C   O    doub N N 107 
PRO C   OXT  sing N N 108 
PRO CB  CG   sing N N 109 
PRO CB  HB2  sing N N 110 
PRO CB  HB3  sing N N 111 
PRO CG  CD   sing N N 112 
PRO CG  HG2  sing N N 113 
PRO CG  HG3  sing N N 114 
PRO CD  HD2  sing N N 115 
PRO CD  HD3  sing N N 116 
PRO OXT HXT  sing N N 117 
# 
_pdbx_audit_support.funding_organization   'Not funded' 
_pdbx_audit_support.country                ? 
_pdbx_audit_support.grant_number           ? 
_pdbx_audit_support.ordinal                1 
# 
_atom_sites.entry_id                    8YUK 
_atom_sites.Cartn_transf_matrix[1][1]   ? 
_atom_sites.Cartn_transf_matrix[1][2]   ? 
_atom_sites.Cartn_transf_matrix[1][3]   ? 
_atom_sites.Cartn_transf_matrix[2][1]   ? 
_atom_sites.Cartn_transf_matrix[2][2]   ? 
_atom_sites.Cartn_transf_matrix[2][3]   ? 
_atom_sites.Cartn_transf_matrix[3][1]   ? 
_atom_sites.Cartn_transf_matrix[3][2]   ? 
_atom_sites.Cartn_transf_matrix[3][3]   ? 
_atom_sites.Cartn_transf_vector[1]      ? 
_atom_sites.Cartn_transf_vector[2]      ? 
_atom_sites.Cartn_transf_vector[3]      ? 
_atom_sites.Cartn_transform_axes        ? 
_atom_sites.fract_transf_matrix[1][1]   0.00633554 
_atom_sites.fract_transf_matrix[1][2]   0.01756763 
_atom_sites.fract_transf_matrix[1][3]   -0.04967073 
_atom_sites.fract_transf_matrix[2][1]   0.04056441 
_atom_sites.fract_transf_matrix[2][2]   -0.03188120 
_atom_sites.fract_transf_matrix[2][3]   -0.00610178 
_atom_sites.fract_transf_matrix[3][1]   -0.00781918 
_atom_sites.fract_transf_matrix[3][2]   -0.00907633 
_atom_sites.fract_transf_matrix[3][3]   -0.00455869 
_atom_sites.fract_transf_vector[1]      -1.084468 
_atom_sites.fract_transf_vector[2]      0.490613 
_atom_sites.fract_transf_vector[3]      0.773755 
_atom_sites.solution_primary            ? 
_atom_sites.solution_secondary          ? 
_atom_sites.solution_hydrogens          ? 
_atom_sites.special_details             ? 
# 
loop_
_atom_type.symbol 
C 
N 
O 
# 
loop_
_atom_site.group_PDB 
_atom_site.id 
_atom_site.type_symbol 
_atom_site.label_atom_id 
_atom_site.label_alt_id 
_atom_site.label_comp_id 
_atom_site.label_asym_id 
_atom_site.label_entity_id 
_atom_site.label_seq_id 
_atom_site.pdbx_PDB_ins_code 
_atom_site.Cartn_x 
_atom_site.Cartn_y 
_atom_site.Cartn_z 
_atom_site.occupancy 
_atom_site.B_iso_or_equiv 
_atom_site.pdbx_formal_charge 
_atom_site.auth_seq_id 
_atom_site.auth_comp_id 
_atom_site.auth_asym_id 
_atom_site.auth_atom_id 
_atom_site.pdbx_PDB_model_num 
HETATM 1   C C   . ACE A 1 1  ? 20.584  30.732  -12.767 1.00 16.94 ? 1   ACE A C   1 
HETATM 2   O O   . ACE A 1 1  ? 19.454  31.081  -12.438 1.00 17.75 ? 1   ACE A O   1 
HETATM 3   C CH3 . ACE A 1 1  ? 21.796  31.551  -12.432 1.00 17.36 ? 1   ACE A CH3 1 
ATOM   4   N N   . PRO A 1 2  ? 20.810  29.606  -13.441 1.00 22.63 ? 2   PRO A N   1 
ATOM   5   C CA  . PRO A 1 2  ? 19.721  28.703  -13.831 1.00 18.43 ? 2   PRO A CA  1 
ATOM   6   C C   . PRO A 1 2  ? 19.084  27.999  -12.633 1.00 18.03 ? 2   PRO A C   1 
ATOM   7   O O   . PRO A 1 2  ? 19.706  27.876  -11.579 1.00 18.56 ? 2   PRO A O   1 
ATOM   8   C CB  . PRO A 1 2  ? 20.422  27.689  -14.757 1.00 21.33 ? 2   PRO A CB  1 
ATOM   9   C CG  . PRO A 1 2  ? 21.814  28.266  -15.004 1.00 23.74 ? 2   PRO A CG  1 
ATOM   10  C CD  . PRO A 1 2  ? 22.117  29.014  -13.755 1.00 23.43 ? 2   PRO A CD  1 
HETATM 11  N N   . HYP A 1 3  ? 17.848  27.548  -12.789 1.00 19.64 ? 3   HYP A N   1 
HETATM 12  C CA  . HYP A 1 3  ? 17.173  26.816  -11.698 1.00 17.49 ? 3   HYP A CA  1 
HETATM 13  C C   . HYP A 1 3  ? 17.950  25.496  -11.299 1.00 16.54 ? 3   HYP A C   1 
HETATM 14  O O   . HYP A 1 3  ? 18.604  24.880  -12.159 1.00 18.74 ? 3   HYP A O   1 
HETATM 15  C CB  . HYP A 1 3  ? 15.735  26.508  -12.158 1.00 20.30 ? 3   HYP A CB  1 
HETATM 16  C CG  . HYP A 1 3  ? 15.466  27.502  -13.296 1.00 19.73 ? 3   HYP A CG  1 
HETATM 17  C CD  . HYP A 1 3  ? 16.877  27.624  -13.904 1.00 21.13 ? 3   HYP A CD  1 
HETATM 18  O OD1 . HYP A 1 3  ? 14.938  28.729  -12.910 1.00 27.19 ? 3   HYP A OD1 1 
ATOM   19  N N   . GLY A 1 4  ? 17.882  25.115  -10.028 1.00 17.79 ? 4   GLY A N   1 
ATOM   20  C CA  . GLY A 1 4  ? 18.535  23.908  -9.557  1.00 16.29 ? 4   GLY A CA  1 
ATOM   21  C C   . GLY A 1 4  ? 17.951  22.659  -10.190 1.00 16.84 ? 4   GLY A C   1 
ATOM   22  O O   . GLY A 1 4  ? 16.870  22.708  -10.776 1.00 16.25 ? 4   GLY A O   1 
ATOM   23  N N   . PRO A 1 5  ? 18.664  21.530  -10.085 1.00 16.12 ? 5   PRO A N   1 
ATOM   24  C CA  . PRO A 1 5  ? 18.157  20.284  -10.663 1.00 18.25 ? 5   PRO A CA  1 
ATOM   25  C C   . PRO A 1 5  ? 16.978  19.754  -9.865  1.00 16.79 ? 5   PRO A C   1 
ATOM   26  O O   . PRO A 1 5  ? 16.831  20.081  -8.685  1.00 15.72 ? 5   PRO A O   1 
ATOM   27  C CB  . PRO A 1 5  ? 19.354  19.338  -10.563 1.00 18.07 ? 5   PRO A CB  1 
ATOM   28  C CG  . PRO A 1 5  ? 20.106  19.844  -9.376  1.00 20.17 ? 5   PRO A CG  1 
ATOM   29  C CD  . PRO A 1 5  ? 19.976  21.343  -9.440  1.00 18.85 ? 5   PRO A CD  1 
HETATM 30  N N   . HYP A 1 6  ? 16.145  18.945  -10.504 1.00 19.05 ? 6   HYP A N   1 
HETATM 31  C CA  . HYP A 1 6  ? 14.988  18.347  -9.814  1.00 17.08 ? 6   HYP A CA  1 
HETATM 32  C C   . HYP A 1 6  ? 15.400  17.402  -8.632  1.00 16.66 ? 6   HYP A C   1 
HETATM 33  O O   . HYP A 1 6  ? 16.375  16.639  -8.756  1.00 16.15 ? 6   HYP A O   1 
HETATM 34  C CB  . HYP A 1 6  ? 14.169  17.588  -10.864 1.00 17.94 ? 6   HYP A CB  1 
HETATM 35  C CG  . HYP A 1 6  ? 14.501  18.291  -12.181 1.00 21.52 ? 6   HYP A CG  1 
HETATM 36  C CD  . HYP A 1 6  ? 15.980  18.653  -11.943 1.00 18.02 ? 6   HYP A CD  1 
HETATM 37  O OD1 . HYP A 1 6  ? 13.714  19.400  -12.476 1.00 21.88 ? 6   HYP A OD1 1 
ATOM   38  N N   . GLY A 1 7  ? 14.667  17.481  -7.526  1.00 15.37 ? 7   GLY A N   1 
ATOM   39  C CA  . GLY A 1 7  ? 14.845  16.552  -6.427  1.00 20.45 ? 7   GLY A CA  1 
ATOM   40  C C   . GLY A 1 7  ? 14.528  15.127  -6.843  1.00 15.73 ? 7   GLY A C   1 
ATOM   41  O O   . GLY A 1 7  ? 13.864  14.898  -7.855  1.00 16.75 ? 7   GLY A O   1 
ATOM   42  N N   . LEU A 1 8  ? 15.011  14.167  -6.060  1.00 18.56 ? 8   LEU A N   1 
ATOM   43  C CA  . LEU A 1 8  ? 14.824  12.764  -6.376  1.00 15.21 ? 8   LEU A CA  1 
ATOM   44  C C   . LEU A 1 8  ? 13.364  12.358  -6.179  1.00 16.95 ? 8   LEU A C   1 
ATOM   45  O O   . LEU A 1 8  ? 12.614  13.026  -5.462  1.00 17.31 ? 8   LEU A O   1 
ATOM   46  C CB  . LEU A 1 8  ? 15.742  11.908  -5.506  1.00 18.21 ? 8   LEU A CB  1 
ATOM   47  C CG  . LEU A 1 8  ? 17.228  12.017  -5.869  1.00 18.09 ? 8   LEU A CG  1 
ATOM   48  C CD1 . LEU A 1 8  ? 18.113  11.683  -4.679  1.00 17.80 ? 8   LEU A CD1 1 
ATOM   49  C CD2 . LEU A 1 8  ? 17.567  11.127  -7.062  1.00 20.40 ? 8   LEU A CD2 1 
ATOM   50  N N   . PRO A 1 9  ? 12.932  11.274  -6.827  1.00 16.33 ? 9   PRO A N   1 
ATOM   51  C CA  . PRO A 1 9  ? 11.545  10.828  -6.666  1.00 17.56 ? 9   PRO A CA  1 
ATOM   52  C C   . PRO A 1 9  ? 11.241  10.458  -5.222  1.00 15.78 ? 9   PRO A C   1 
ATOM   53  O O   . PRO A 1 9  ? 12.103  9.971   -4.486  1.00 15.28 ? 9   PRO A O   1 
ATOM   54  C CB  . PRO A 1 9  ? 11.463  9.601   -7.580  1.00 18.41 ? 9   PRO A CB  1 
ATOM   55  C CG  . PRO A 1 9  ? 12.497  9.861   -8.621  1.00 19.28 ? 9   PRO A CG  1 
ATOM   56  C CD  . PRO A 1 9  ? 13.627  10.512  -7.881  1.00 19.26 ? 9   PRO A CD  1 
ATOM   57  N N   . GLY A 1 10 ? 9.991   10.685  -4.826  1.00 21.92 ? 10  GLY A N   1 
ATOM   58  C CA  . GLY A 1 10 ? 9.569   10.340  -3.486  1.00 16.21 ? 10  GLY A CA  1 
ATOM   59  C C   . GLY A 1 10 ? 9.601   8.845   -3.228  1.00 18.79 ? 10  GLY A C   1 
ATOM   60  O O   . GLY A 1 10 ? 9.582   8.015   -4.141  1.00 20.63 ? 10  GLY A O   1 
ATOM   61  N N   . GLU A 1 11 ? 9.656   8.505   -1.944  1.00 14.25 ? 11  GLU A N   1 
ATOM   62  C CA  . GLU A 1 11 ? 9.627   7.111   -1.524  1.00 17.31 ? 11  GLU A CA  1 
ATOM   63  C C   . GLU A 1 11 ? 8.263   6.493   -1.818  1.00 14.23 ? 11  GLU A C   1 
ATOM   64  O O   . GLU A 1 11 ? 7.227   7.147   -1.677  1.00 16.86 ? 11  GLU A O   1 
ATOM   65  C CB  . GLU A 1 11 ? 9.945   7.017   -0.031  1.00 18.58 ? 11  GLU A CB  1 
ATOM   66  C CG  . GLU A 1 11 ? 9.718   5.656   0.586   1.00 16.31 ? 11  GLU A CG  1 
ATOM   67  C CD  . GLU A 1 11 ? 9.942   5.650   2.087   1.00 20.32 ? 11  GLU A CD  1 
ATOM   68  O OE1 . GLU A 1 11 ? 9.800   6.716   2.719   1.00 25.72 ? 11  GLU A OE1 1 
ATOM   69  O OE2 . GLU A 1 11 ? 10.274  4.578   2.634   1.00 19.95 ? 11  GLU A OE2 1 
ATOM   70  N N   . ARG A 1 12 ? 8.265   5.232   -2.248  1.00 14.36 ? 12  ARG A N   1 
ATOM   71  C CA  . ARG A 1 12 ? 7.009   4.522   -2.453  1.00 14.96 ? 12  ARG A CA  1 
ATOM   72  C C   . ARG A 1 12 ? 6.199   4.476   -1.162  1.00 14.14 ? 12  ARG A C   1 
ATOM   73  O O   . ARG A 1 12 ? 6.751   4.369   -0.064  1.00 15.79 ? 12  ARG A O   1 
ATOM   74  C CB  . ARG A 1 12 ? 7.269   3.106   -2.973  1.00 16.96 ? 12  ARG A CB  1 
ATOM   75  C CG  . ARG A 1 12 ? 5.999   2.293   -3.171  1.00 14.70 ? 12  ARG A CG  1 
ATOM   76  C CD  . ARG A 1 12 ? 6.260   0.920   -3.764  1.00 17.35 ? 12  ARG A CD  1 
ATOM   77  N NE  . ARG A 1 12 ? 5.196   0.553   -4.691  1.00 19.79 ? 12  ARG A NE  1 
ATOM   78  C CZ  . ARG A 1 12 ? 5.232   -0.497  -5.500  1.00 22.75 ? 12  ARG A CZ  1 
ATOM   79  N NH1 . ARG A 1 12 ? 6.303   -1.268  -5.585  1.00 23.13 ? 12  ARG A NH1 1 
ATOM   80  N NH2 . ARG A 1 12 ? 4.171   -0.772  -6.254  1.00 25.58 ? 12  ARG A NH2 1 
ATOM   81  N N   . GLY A 1 13 ? 4.882   4.585   -1.301  1.00 14.17 ? 13  GLY A N   1 
ATOM   82  C CA  . GLY A 1 13 ? 4.003   4.583   -0.149  1.00 14.00 ? 13  GLY A CA  1 
ATOM   83  C C   . GLY A 1 13 ? 4.079   3.288   0.635   1.00 15.90 ? 13  GLY A C   1 
ATOM   84  O O   . GLY A 1 13 ? 4.597   2.266   0.189   1.00 13.98 ? 13  GLY A O   1 
ATOM   85  N N   . LEU A 1 14 ? 3.547   3.356   1.851   1.00 17.99 ? 14  LEU A N   1 
ATOM   86  C CA  . LEU A 1 14 ? 3.506   2.209   2.745   1.00 14.36 ? 14  LEU A CA  1 
ATOM   87  C C   . LEU A 1 14 ? 2.613   1.114   2.168   1.00 14.58 ? 14  LEU A C   1 
ATOM   88  O O   . LEU A 1 14 ? 1.610   1.387   1.503   1.00 13.67 ? 14  LEU A O   1 
ATOM   89  C CB  . LEU A 1 14 ? 3.000   2.659   4.116   1.00 19.40 ? 14  LEU A CB  1 
ATOM   90  C CG  . LEU A 1 14 ? 3.264   1.843   5.375   1.00 25.86 ? 14  LEU A CG  1 
ATOM   91  C CD1 . LEU A 1 14 ? 4.541   2.327   6.029   1.00 25.91 ? 14  LEU A CD1 1 
ATOM   92  C CD2 . LEU A 1 14 ? 2.096   2.014   6.325   1.00 26.43 ? 14  LEU A CD2 1 
ATOM   93  N N   . ARG A 1 15 ? 3.002   -0.140  2.405   1.00 12.32 ? 15  ARG A N   1 
ATOM   94  C CA  . ARG A 1 15 ? 2.185   -1.263  1.963   1.00 11.70 ? 15  ARG A CA  1 
ATOM   95  C C   . ARG A 1 15 ? 0.795   -1.173  2.579   1.00 12.79 ? 15  ARG A C   1 
ATOM   96  O O   . ARG A 1 15 ? 0.635   -0.741  3.725   1.00 13.22 ? 15  ARG A O   1 
ATOM   97  C CB  . ARG A 1 15 ? 2.853   -2.596  2.332   1.00 12.32 ? 15  ARG A CB  1 
ATOM   98  C CG  . ARG A 1 15 ? 2.036   -3.821  1.932   1.00 14.73 ? 15  ARG A CG  1 
ATOM   99  C CD  . ARG A 1 15 ? 2.813   -5.141  1.985   1.00 16.41 ? 15  ARG A CD  1 
ATOM   100 N NE  . ARG A 1 15 ? 2.211   -6.119  1.082   1.00 19.82 ? 15  ARG A NE  1 
ATOM   101 C CZ  . ARG A 1 15 ? 2.421   -7.428  1.126   1.00 18.75 ? 15  ARG A CZ  1 
ATOM   102 N NH1 . ARG A 1 15 ? 3.289   -7.964  1.971   1.00 23.82 ? 15  ARG A NH1 1 
ATOM   103 N NH2 . ARG A 1 15 ? 1.740   -8.222  0.301   1.00 20.85 ? 15  ARG A NH2 1 
ATOM   104 N N   . GLY A 1 16 ? -0.214  -1.557  1.802   1.00 11.15 ? 16  GLY A N   1 
ATOM   105 C CA  . GLY A 1 16 ? -1.585  -1.536  2.284   1.00 11.23 ? 16  GLY A CA  1 
ATOM   106 C C   . GLY A 1 16 ? -1.795  -2.430  3.496   1.00 11.26 ? 16  GLY A C   1 
ATOM   107 O O   . GLY A 1 16 ? -0.978  -3.275  3.856   1.00 11.21 ? 16  GLY A O   1 
ATOM   108 N N   . GLU A 1 17 ? -2.938  -2.220  4.145   1.00 11.67 ? 17  GLU A N   1 
ATOM   109 C CA  . GLU A 1 17 ? -3.305  -3.021  5.302   1.00 14.08 ? 17  GLU A CA  1 
ATOM   110 C C   . GLU A 1 17 ? -3.742  -4.420  4.868   1.00 11.29 ? 17  GLU A C   1 
ATOM   111 O O   . GLU A 1 17 ? -4.157  -4.621  3.725   1.00 10.86 ? 17  GLU A O   1 
ATOM   112 C CB  . GLU A 1 17 ? -4.423  -2.330  6.079   1.00 16.05 ? 17  GLU A CB  1 
ATOM   113 C CG  . GLU A 1 17 ? -5.682  -2.070  5.263   1.00 17.18 ? 17  GLU A CG  1 
ATOM   114 C CD  . GLU A 1 17 ? -6.885  -1.757  6.136   1.00 26.35 ? 17  GLU A CD  1 
ATOM   115 O OE1 . GLU A 1 17 ? -6.693  -1.545  7.352   1.00 34.10 ? 17  GLU A OE1 1 
ATOM   116 O OE2 . GLU A 1 17 ? -8.021  -1.715  5.607   1.00 27.00 ? 17  GLU A OE2 1 
ATOM   117 N N   . PRO A 1 18 ? -3.649  -5.408  5.762   1.00 11.51 ? 18  PRO A N   1 
ATOM   118 C CA  . PRO A 1 18 ? -4.161  -6.741  5.428   1.00 11.14 ? 18  PRO A CA  1 
ATOM   119 C C   . PRO A 1 18 ? -5.640  -6.683  5.091   1.00 11.09 ? 18  PRO A C   1 
ATOM   120 O O   . PRO A 1 18 ? -6.387  -5.856  5.621   1.00 11.66 ? 18  PRO A O   1 
ATOM   121 C CB  . PRO A 1 18 ? -3.916  -7.551  6.707   1.00 11.81 ? 18  PRO A CB  1 
ATOM   122 C CG  . PRO A 1 18 ? -2.816  -6.820  7.412   1.00 17.56 ? 18  PRO A CG  1 
ATOM   123 C CD  . PRO A 1 18 ? -3.053  -5.371  7.109   1.00 12.83 ? 18  PRO A CD  1 
ATOM   124 N N   . GLY A 1 19 ? -6.056  -7.568  4.189   1.00 8.56  ? 19  GLY A N   1 
ATOM   125 C CA  . GLY A 1 19 ? -7.441  -7.671  3.809   1.00 6.80  ? 19  GLY A CA  1 
ATOM   126 C C   . GLY A 1 19 ? -8.312  -8.146  4.951   1.00 5.20  ? 19  GLY A C   1 
ATOM   127 O O   . GLY A 1 19 ? -7.821  -8.599  5.988   1.00 7.64  ? 19  GLY A O   1 
ATOM   128 N N   . PRO A 1 20 ? -9.638  -8.036  4.792   1.00 7.65  ? 20  PRO A N   1 
ATOM   129 C CA  . PRO A 1 20 ? -10.515 -8.532  5.853   1.00 5.78  ? 20  PRO A CA  1 
ATOM   130 C C   . PRO A 1 20 ? -10.506 -10.052 5.924   1.00 4.19  ? 20  PRO A C   1 
ATOM   131 O O   . PRO A 1 20 ? -10.063 -10.720 4.989   1.00 4.03  ? 20  PRO A O   1 
ATOM   132 C CB  . PRO A 1 20 ? -11.897 -8.005  5.448   1.00 10.43 ? 20  PRO A CB  1 
ATOM   133 C CG  . PRO A 1 20 ? -11.816 -7.814  3.985   1.00 10.39 ? 20  PRO A CG  1 
ATOM   134 C CD  . PRO A 1 20 ? -10.389 -7.441  3.676   1.00 8.44  ? 20  PRO A CD  1 
HETATM 135 N N   . HYP A 1 21 ? -10.971 -10.584 7.044   1.00 6.46  ? 21  HYP A N   1 
HETATM 136 C CA  . HYP A 1 21 ? -11.200 -12.041 7.173   1.00 5.30  ? 21  HYP A CA  1 
HETATM 137 C C   . HYP A 1 21 ? -11.991 -12.633 5.946   1.00 4.46  ? 21  HYP A C   1 
HETATM 138 O O   . HYP A 1 21 ? -12.813 -11.923 5.343   1.00 11.80 ? 21  HYP A O   1 
HETATM 139 C CB  . HYP A 1 21 ? -11.969 -12.264 8.490   1.00 8.68  ? 21  HYP A CB  1 
HETATM 140 C CG  . HYP A 1 21 ? -11.524 -11.085 9.352   1.00 12.68 ? 21  HYP A CG  1 
HETATM 141 C CD  . HYP A 1 21 ? -11.451 -9.968  8.295   1.00 10.56 ? 21  HYP A CD  1 
HETATM 142 O OD1 . HYP A 1 21 ? -10.303 -11.259 9.974   1.00 15.12 ? 21  HYP A OD1 1 
ATOM   143 N N   . GLY A 1 22 ? -11.723 -13.891 5.600   1.00 5.65  ? 22  GLY A N   1 
ATOM   144 C CA  . GLY A 1 22 ? -12.453 -14.546 4.528   1.00 5.98  ? 22  GLY A CA  1 
ATOM   145 C C   . GLY A 1 22 ? -13.892 -14.841 4.909   1.00 5.02  ? 22  GLY A C   1 
ATOM   146 O O   . GLY A 1 22 ? -14.288 -14.627 6.049   1.00 5.45  ? 22  GLY A O   1 
ATOM   147 N N   . PRO A 1 23 ? -14.690 -15.326 3.944   1.00 4.77  ? 23  PRO A N   1 
ATOM   148 C CA  . PRO A 1 23 ? -16.069 -15.743 4.202   1.00 4.42  ? 23  PRO A CA  1 
ATOM   149 C C   . PRO A 1 23 ? -16.131 -16.924 5.161   1.00 4.66  ? 23  PRO A C   1 
ATOM   150 O O   . PRO A 1 23 ? -15.148 -17.653 5.315   1.00 5.47  ? 23  PRO A O   1 
ATOM   151 C CB  . PRO A 1 23 ? -16.594 -16.142 2.815   1.00 7.78  ? 23  PRO A CB  1 
ATOM   152 C CG  . PRO A 1 23 ? -15.644 -15.529 1.833   1.00 7.53  ? 23  PRO A CG  1 
ATOM   153 C CD  . PRO A 1 23 ? -14.319 -15.463 2.525   1.00 8.46  ? 23  PRO A CD  1 
HETATM 154 N N   . HYP A 1 24 ? -17.281 -17.092 5.798   1.00 6.33  ? 24  HYP A N   1 
HETATM 155 C CA  . HYP A 1 24 ? -17.510 -18.210 6.723   1.00 5.52  ? 24  HYP A CA  1 
HETATM 156 C C   . HYP A 1 24 ? -17.370 -19.566 5.970   1.00 5.86  ? 24  HYP A C   1 
HETATM 157 O O   . HYP A 1 24 ? -17.621 -19.612 4.751   1.00 5.52  ? 24  HYP A O   1 
HETATM 158 C CB  . HYP A 1 24 ? -18.912 -18.026 7.326   1.00 6.44  ? 24  HYP A CB  1 
HETATM 159 C CG  . HYP A 1 24 ? -19.137 -16.519 7.228   1.00 9.78  ? 24  HYP A CG  1 
HETATM 160 C CD  . HYP A 1 24 ? -18.509 -16.266 5.852   1.00 13.17 ? 24  HYP A CD  1 
HETATM 161 O OD1 . HYP A 1 24 ? -18.527 -15.770 8.226   1.00 11.80 ? 24  HYP A OD1 1 
ATOM   162 N N   . GLY A 1 25 ? -16.969 -20.615 6.681   1.00 5.94  ? 25  GLY A N   1 
ATOM   163 C CA  . GLY A 1 25 ? -16.740 -21.893 6.050   1.00 6.16  ? 25  GLY A CA  1 
ATOM   164 C C   . GLY A 1 25 ? -18.016 -22.646 5.743   1.00 10.72 ? 25  GLY A C   1 
ATOM   165 O O   . GLY A 1 25 ? -19.109 -22.178 6.047   1.00 8.47  ? 25  GLY A O   1 
ATOM   166 N N   . PRO A 1 26 ? -17.881 -23.829 5.134   1.00 13.85 ? 26  PRO A N   1 
ATOM   167 C CA  . PRO A 1 26 ? -19.046 -24.669 4.844   1.00 8.76  ? 26  PRO A CA  1 
ATOM   168 C C   . PRO A 1 26 ? -19.664 -25.273 6.106   1.00 12.41 ? 26  PRO A C   1 
ATOM   169 O O   . PRO A 1 26 ? -18.971 -25.491 7.101   1.00 13.06 ? 26  PRO A O   1 
ATOM   170 C CB  . PRO A 1 26 ? -18.478 -25.771 3.935   1.00 14.45 ? 26  PRO A CB  1 
ATOM   171 C CG  . PRO A 1 26 ? -17.056 -25.357 3.611   1.00 11.74 ? 26  PRO A CG  1 
ATOM   172 C CD  . PRO A 1 26 ? -16.620 -24.457 4.708   1.00 9.88  ? 26  PRO A CD  1 
HETATM 173 N N   . HYP A 1 27 ? -20.960 -25.550 6.061   1.00 23.30 ? 27  HYP A N   1 
HETATM 174 C CA  . HYP A 1 27 ? -21.623 -26.237 7.195   1.00 19.04 ? 27  HYP A CA  1 
HETATM 175 C C   . HYP A 1 27 ? -20.990 -27.653 7.481   1.00 21.84 ? 27  HYP A C   1 
HETATM 176 O O   . HYP A 1 27 ? -20.587 -28.354 6.537   1.00 25.34 ? 27  HYP A O   1 
HETATM 177 C CB  . HYP A 1 27 ? -23.124 -26.362 6.868   1.00 21.56 ? 27  HYP A CB  1 
HETATM 178 C CG  . HYP A 1 27 ? -23.373 -25.331 5.765   1.00 14.58 ? 27  HYP A CG  1 
HETATM 179 C CD  . HYP A 1 27 ? -22.010 -25.358 5.036   1.00 19.99 ? 27  HYP A CD  1 
HETATM 180 O OD1 . HYP A 1 27 ? -23.719 -24.069 6.210   1.00 23.12 ? 27  HYP A OD1 1 
ATOM   181 N N   . GLY A 1 28 ? -20.912 -28.025 8.755   1.00 28.06 ? 28  GLY A N   1 
ATOM   182 C CA  . GLY A 1 28 ? -20.361 -29.312 9.141   1.00 21.64 ? 28  GLY A CA  1 
ATOM   183 C C   . GLY A 1 28 ? -21.277 -30.475 8.803   1.00 27.89 ? 28  GLY A C   1 
ATOM   184 O O   . GLY A 1 28 ? -22.466 -30.285 8.533   1.00 29.54 ? 28  GLY A O   1 
HETATM 185 C C   . ACE B 1 1  ? 19.037  30.042  -8.174  1.00 19.65 ? 1   ACE B C   1 
HETATM 186 O O   . ACE B 1 1  ? 19.257  29.821  -6.986  1.00 18.66 ? 1   ACE B O   1 
HETATM 187 C CH3 . ACE B 1 1  ? 20.117  30.476  -9.122  1.00 19.07 ? 1   ACE B CH3 1 
ATOM   188 N N   . PRO B 1 2  ? 17.824  29.918  -8.703  1.00 19.41 ? 2   PRO B N   1 
ATOM   189 C CA  . PRO B 1 2  ? 16.669  29.497  -7.908  1.00 20.62 ? 2   PRO B CA  1 
ATOM   190 C C   . PRO B 1 2  ? 16.740  28.020  -7.547  1.00 19.80 ? 2   PRO B C   1 
ATOM   191 O O   . PRO B 1 2  ? 17.347  27.239  -8.278  1.00 19.46 ? 2   PRO B O   1 
ATOM   192 C CB  . PRO B 1 2  ? 15.477  29.767  -8.841  1.00 21.18 ? 2   PRO B CB  1 
ATOM   193 C CG  . PRO B 1 2  ? 16.055  30.493  -10.046 1.00 25.28 ? 2   PRO B CG  1 
ATOM   194 C CD  . PRO B 1 2  ? 17.469  30.037  -10.124 1.00 23.24 ? 2   PRO B CD  1 
HETATM 195 N N   . HYP B 1 3  ? 16.124  27.640  -6.435  1.00 22.83 ? 3   HYP B N   1 
HETATM 196 C CA  . HYP B 1 3  ? 16.078  26.217  -6.054  1.00 19.94 ? 3   HYP B CA  1 
HETATM 197 C C   . HYP B 1 3  ? 15.369  25.345  -7.150  1.00 19.88 ? 3   HYP B C   1 
HETATM 198 O O   . HYP B 1 3  ? 14.463  25.844  -7.841  1.00 21.93 ? 3   HYP B O   1 
HETATM 199 C CB  . HYP B 1 3  ? 15.346  26.100  -4.708  1.00 21.60 ? 3   HYP B CB  1 
HETATM 200 C CG  . HYP B 1 3  ? 15.396  27.496  -4.099  1.00 23.36 ? 3   HYP B CG  1 
HETATM 201 C CD  . HYP B 1 3  ? 15.391  28.368  -5.379  1.00 23.01 ? 3   HYP B CD  1 
HETATM 202 O OD1 . HYP B 1 3  ? 16.490  27.747  -3.275  1.00 28.84 ? 3   HYP B OD1 1 
ATOM   203 N N   . GLY B 1 4  ? 15.800  24.107  -7.199  1.00 19.83 ? 4   GLY B N   1 
ATOM   204 C CA  . GLY B 1 4  ? 15.200  23.182  -8.161  1.00 19.90 ? 4   GLY B CA  1 
ATOM   205 C C   . GLY B 1 4  ? 13.800  22.773  -7.746  1.00 20.21 ? 4   GLY B C   1 
ATOM   206 O O   . GLY B 1 4  ? 13.405  23.042  -6.624  1.00 20.41 ? 4   GLY B O   1 
ATOM   207 N N   . PRO B 1 5  ? 13.044  22.139  -8.663  1.00 20.43 ? 5   PRO B N   1 
ATOM   208 C CA  . PRO B 1 5  ? 11.683  21.773  -8.350  1.00 22.63 ? 5   PRO B CA  1 
ATOM   209 C C   . PRO B 1 5  ? 11.733  20.525  -7.461  1.00 20.83 ? 5   PRO B C   1 
ATOM   210 O O   . PRO B 1 5  ? 12.673  19.790  -7.545  1.00 21.08 ? 5   PRO B O   1 
ATOM   211 C CB  . PRO B 1 5  ? 11.043  21.496  -9.710  1.00 21.20 ? 5   PRO B CB  1 
ATOM   212 C CG  . PRO B 1 5  ? 12.112  21.809  -10.737 1.00 25.88 ? 5   PRO B CG  1 
ATOM   213 C CD  . PRO B 1 5  ? 13.438  21.768  -10.007 1.00 29.05 ? 5   PRO B CD  1 
HETATM 214 N N   . HYP B 1 6  ? 10.718  20.299  -6.607  1.00 21.29 ? 6   HYP B N   1 
HETATM 215 C CA  . HYP B 1 6  ? 10.674  19.076  -5.812  1.00 22.38 ? 6   HYP B CA  1 
HETATM 216 C C   . HYP B 1 6  ? 10.514  17.845  -6.703  1.00 22.42 ? 6   HYP B C   1 
HETATM 217 O O   . HYP B 1 6  ? 10.018  17.974  -7.770  1.00 23.19 ? 6   HYP B O   1 
HETATM 218 C CB  . HYP B 1 6  ? 9.391   19.211  -4.992  1.00 22.65 ? 6   HYP B CB  1 
HETATM 219 C CG  . HYP B 1 6  ? 9.103   20.703  -4.972  1.00 27.82 ? 6   HYP B CG  1 
HETATM 220 C CD  . HYP B 1 6  ? 9.611   21.206  -6.313  1.00 24.49 ? 6   HYP B CD  1 
HETATM 221 O OD1 . HYP B 1 6  ? 9.790   21.298  -3.881  1.00 28.94 ? 6   HYP B OD1 1 
ATOM   222 N N   . GLY B 1 7  ? 10.946  16.686  -6.220  1.00 21.88 ? 7   GLY B N   1 
ATOM   223 C CA  . GLY B 1 7  ? 10.727  15.444  -6.933  1.00 22.40 ? 7   GLY B CA  1 
ATOM   224 C C   . GLY B 1 7  ? 9.243   15.138  -6.969  1.00 22.89 ? 7   GLY B C   1 
ATOM   225 O O   . GLY B 1 7  ? 8.474   15.684  -6.181  1.00 25.75 ? 7   GLY B O   1 
ATOM   226 N N   . LEU B 1 8  ? 8.828   14.282  -7.895  1.00 22.11 ? 8   LEU B N   1 
ATOM   227 C CA  . LEU B 1 8  ? 7.432   13.889  -7.943  1.00 27.55 ? 8   LEU B CA  1 
ATOM   228 C C   . LEU B 1 8  ? 7.085   12.970  -6.775  1.00 26.35 ? 8   LEU B C   1 
ATOM   229 O O   . LEU B 1 8  ? 7.962   12.303  -6.214  1.00 22.69 ? 8   LEU B O   1 
ATOM   230 C CB  . LEU B 1 8  ? 7.105   13.201  -9.265  1.00 27.57 ? 8   LEU B CB  1 
ATOM   231 C CG  . LEU B 1 8  ? 6.512   14.109  -10.346 1.00 30.48 ? 8   LEU B CG  1 
ATOM   232 C CD1 . LEU B 1 8  ? 7.168   15.482  -10.365 1.00 31.02 ? 8   LEU B CD1 1 
ATOM   233 C CD2 . LEU B 1 8  ? 6.605   13.449  -11.713 1.00 32.48 ? 8   LEU B CD2 1 
ATOM   234 N N   . PRO B 1 9  ? 5.817   12.950  -6.367  1.00 22.32 ? 9   PRO B N   1 
ATOM   235 C CA  . PRO B 1 9  ? 5.398   12.036  -5.300  1.00 18.79 ? 9   PRO B CA  1 
ATOM   236 C C   . PRO B 1 9  ? 5.734   10.593  -5.637  1.00 22.40 ? 9   PRO B C   1 
ATOM   237 O O   . PRO B 1 9  ? 5.738   10.185  -6.801  1.00 22.92 ? 9   PRO B O   1 
ATOM   238 C CB  . PRO B 1 9  ? 3.883   12.247  -5.213  1.00 23.39 ? 9   PRO B CB  1 
ATOM   239 C CG  . PRO B 1 9  ? 3.609   13.556  -5.877  1.00 24.55 ? 9   PRO B CG  1 
ATOM   240 C CD  . PRO B 1 9  ? 4.819   13.998  -6.644  1.00 28.05 ? 9   PRO B CD  1 
ATOM   241 N N   . GLY B 1 10 ? 6.016   9.821   -4.596  1.00 20.51 ? 10  GLY B N   1 
ATOM   242 C CA  . GLY B 1 10 ? 6.377   8.436   -4.777  1.00 18.71 ? 10  GLY B CA  1 
ATOM   243 C C   . GLY B 1 10 ? 5.232   7.606   -5.322  1.00 16.43 ? 10  GLY B C   1 
ATOM   244 O O   . GLY B 1 10 ? 4.071   8.017   -5.379  1.00 15.02 ? 10  GLY B O   1 
ATOM   245 N N   . GLU B 1 11 ? 5.583   6.405   -5.751  1.00 16.49 ? 11  GLU B N   1 
ATOM   246 C CA  . GLU B 1 11 ? 4.586   5.470   -6.238  1.00 16.18 ? 11  GLU B CA  1 
ATOM   247 C C   . GLU B 1 11 ? 3.718   4.985   -5.076  1.00 14.14 ? 11  GLU B C   1 
ATOM   248 O O   . GLU B 1 11 ? 4.141   4.983   -3.918  1.00 16.38 ? 11  GLU B O   1 
ATOM   249 C CB  . GLU B 1 11 ? 5.292   4.320   -6.962  1.00 20.69 ? 11  GLU B CB  1 
ATOM   250 C CG  . GLU B 1 11 ? 4.720   2.942   -6.789  1.00 25.64 ? 11  GLU B CG  1 
ATOM   251 C CD  . GLU B 1 11 ? 5.489   1.903   -7.585  1.00 32.34 ? 11  GLU B CD  1 
ATOM   252 O OE1 . GLU B 1 11 ? 4.862   1.193   -8.396  1.00 33.55 ? 11  GLU B OE1 1 
ATOM   253 O OE2 . GLU B 1 11 ? 6.723   1.806   -7.412  1.00 34.92 ? 11  GLU B OE2 1 
ATOM   254 N N   . ARG B 1 12 ? 2.469   4.639   -5.379  1.00 14.95 ? 12  ARG B N   1 
ATOM   255 C CA  . ARG B 1 12 ? 1.584   4.143   -4.335  1.00 14.43 ? 12  ARG B CA  1 
ATOM   256 C C   . ARG B 1 12 ? 2.138   2.828   -3.794  1.00 14.69 ? 12  ARG B C   1 
ATOM   257 O O   . ARG B 1 12 ? 2.802   2.073   -4.508  1.00 13.55 ? 12  ARG B O   1 
ATOM   258 C CB  . ARG B 1 12 ? 0.168   3.942   -4.882  1.00 19.74 ? 12  ARG B CB  1 
ATOM   259 C CG  . ARG B 1 12 ? -0.796  3.261   -3.924  1.00 13.18 ? 12  ARG B CG  1 
ATOM   260 C CD  . ARG B 1 12 ? -2.033  2.808   -4.651  1.00 22.08 ? 12  ARG B CD  1 
ATOM   261 N NE  . ARG B 1 12 ? -1.853  1.439   -5.119  1.00 31.42 ? 12  ARG B NE  1 
ATOM   262 C CZ  . ARG B 1 12 ? -2.245  0.988   -6.303  1.00 30.83 ? 12  ARG B CZ  1 
ATOM   263 N NH1 . ARG B 1 12 ? -2.863  1.773   -7.171  1.00 25.51 ? 12  ARG B NH1 1 
ATOM   264 N NH2 . ARG B 1 12 ? -2.009  -0.281  -6.623  1.00 30.09 ? 12  ARG B NH2 1 
ATOM   265 N N   . GLY B 1 13 ? 1.888   2.570   -2.513  1.00 12.26 ? 13  GLY B N   1 
ATOM   266 C CA  . GLY B 1 13 ? 2.388   1.366   -1.883  1.00 12.16 ? 13  GLY B CA  1 
ATOM   267 C C   . GLY B 1 13 ? 1.809   0.097   -2.487  1.00 12.45 ? 13  GLY B C   1 
ATOM   268 O O   . GLY B 1 13 ? 0.809   0.097   -3.204  1.00 12.72 ? 13  GLY B O   1 
ATOM   269 N N   . LEU B 1 14 ? 2.481   -1.015  -2.196  1.00 14.77 ? 14  LEU B N   1 
ATOM   270 C CA  . LEU B 1 14 ? 1.991   -2.315  -2.626  1.00 13.98 ? 14  LEU B CA  1 
ATOM   271 C C   . LEU B 1 14 ? 0.662   -2.624  -1.944  1.00 11.28 ? 14  LEU B C   1 
ATOM   272 O O   . LEU B 1 14 ? 0.403   -2.179  -0.825  1.00 12.35 ? 14  LEU B O   1 
ATOM   273 C CB  . LEU B 1 14 ? 3.005   -3.407  -2.288  1.00 14.68 ? 14  LEU B CB  1 
ATOM   274 C CG  . LEU B 1 14 ? 4.420   -3.315  -2.855  1.00 15.44 ? 14  LEU B CG  1 
ATOM   275 C CD1 . LEU B 1 14 ? 5.361   -4.214  -2.058  1.00 21.78 ? 14  LEU B CD1 1 
ATOM   276 C CD2 . LEU B 1 14 ? 4.436   -3.681  -4.327  1.00 17.09 ? 14  LEU B CD2 1 
ATOM   277 N N   . ARG B 1 15 ? -0.186  -3.387  -2.631  1.00 11.07 ? 15  ARG B N   1 
ATOM   278 C CA  . ARG B 1 15 ? -1.404  -3.878  -2.000  1.00 10.24 ? 15  ARG B CA  1 
ATOM   279 C C   . ARG B 1 15 ? -1.072  -4.677  -0.741  1.00 9.27  ? 15  ARG B C   1 
ATOM   280 O O   . ARG B 1 15 ? -0.029  -5.326  -0.647  1.00 11.30 ? 15  ARG B O   1 
ATOM   281 C CB  . ARG B 1 15 ? -2.203  -4.764  -2.956  1.00 11.75 ? 15  ARG B CB  1 
ATOM   282 C CG  . ARG B 1 15 ? -3.661  -4.884  -2.552  1.00 16.03 ? 15  ARG B CG  1 
ATOM   283 C CD  . ARG B 1 15 ? -4.370  -6.010  -3.281  1.00 15.91 ? 15  ARG B CD  1 
ATOM   284 N NE  . ARG B 1 15 ? -5.778  -6.088  -2.904  1.00 16.96 ? 15  ARG B NE  1 
ATOM   285 C CZ  . ARG B 1 15 ? -6.699  -6.743  -3.595  1.00 19.94 ? 15  ARG B CZ  1 
ATOM   286 N NH1 . ARG B 1 15 ? -6.383  -7.437  -4.679  1.00 21.55 ? 15  ARG B NH1 1 
ATOM   287 N NH2 . ARG B 1 15 ? -7.965  -6.711  -3.187  1.00 15.43 ? 15  ARG B NH2 1 
ATOM   288 N N   . GLY B 1 16 ? -1.982  -4.636  0.227   1.00 8.80  ? 16  GLY B N   1 
ATOM   289 C CA  . GLY B 1 16 ? -1.791  -5.385  1.451   1.00 8.25  ? 16  GLY B CA  1 
ATOM   290 C C   . GLY B 1 16 ? -1.883  -6.888  1.236   1.00 11.49 ? 16  GLY B C   1 
ATOM   291 O O   . GLY B 1 16 ? -2.262  -7.388  0.177   1.00 7.68  ? 16  GLY B O   1 
ATOM   292 N N   . GLU B 1 17 ? -1.513  -7.623  2.279   1.00 8.94  ? 17  GLU B N   1 
ATOM   293 C CA  . GLU B 1 17 ? -1.591  -9.071  2.244   1.00 8.81  ? 17  GLU B CA  1 
ATOM   294 C C   . GLU B 1 17 ? -3.051  -9.530  2.274   1.00 6.63  ? 17  GLU B C   1 
ATOM   295 O O   . GLU B 1 17 ? -3.919  -8.823  2.791   1.00 7.16  ? 17  GLU B O   1 
ATOM   296 C CB  . GLU B 1 17 ? -0.836  -9.667  3.430   1.00 10.06 ? 17  GLU B CB  1 
ATOM   297 C CG  . GLU B 1 17 ? 0.483   -8.976  3.745   1.00 19.47 ? 17  GLU B CG  1 
ATOM   298 C CD  . GLU B 1 17 ? 1.650   -9.948  3.834   1.00 31.31 ? 17  GLU B CD  1 
ATOM   299 O OE1 . GLU B 1 17 ? 2.615   -9.654  4.576   1.00 31.60 ? 17  GLU B OE1 1 
ATOM   300 O OE2 . GLU B 1 17 ? 1.590   -11.017 3.185   1.00 31.14 ? 17  GLU B OE2 1 
ATOM   301 N N   . PRO B 1 18 ? -3.347  -10.706 1.721   1.00 6.53  ? 18  PRO B N   1 
ATOM   302 C CA  . PRO B 1 18 ? -4.694  -11.267 1.869   1.00 6.12  ? 18  PRO B CA  1 
ATOM   303 C C   . PRO B 1 18 ? -5.064  -11.424 3.336   1.00 5.88  ? 18  PRO B C   1 
ATOM   304 O O   . PRO B 1 18 ? -4.205  -11.619 4.200   1.00 6.99  ? 18  PRO B O   1 
ATOM   305 C CB  . PRO B 1 18 ? -4.591  -12.629 1.172   1.00 6.98  ? 18  PRO B CB  1 
ATOM   306 C CG  . PRO B 1 18 ? -3.481  -12.450 0.180   1.00 7.16  ? 18  PRO B CG  1 
ATOM   307 C CD  . PRO B 1 18 ? -2.491  -11.546 0.865   1.00 8.59  ? 18  PRO B CD  1 
ATOM   308 N N   . GLY B 1 19 ? -6.362  -11.328 3.610   1.00 4.66  ? 19  GLY B N   1 
ATOM   309 C CA  . GLY B 1 19 ? -6.871  -11.453 4.955   1.00 7.19  ? 19  GLY B CA  1 
ATOM   310 C C   . GLY B 1 19 ? -6.719  -12.863 5.479   1.00 3.72  ? 19  GLY B C   1 
ATOM   311 O O   . GLY B 1 19 ? -6.407  -13.796 4.734   1.00 7.10  ? 19  GLY B O   1 
ATOM   312 N N   . PRO B 1 20 ? -6.927  -13.049 6.789   1.00 4.15  ? 20  PRO B N   1 
ATOM   313 C CA  . PRO B 1 20 ? -6.861  -14.396 7.353   1.00 8.10  ? 20  PRO B CA  1 
ATOM   314 C C   . PRO B 1 20 ? -8.039  -15.242 6.899   1.00 3.25  ? 20  PRO B C   1 
ATOM   315 O O   . PRO B 1 20 ? -9.037  -14.717 6.387   1.00 3.21  ? 20  PRO B O   1 
ATOM   316 C CB  . PRO B 1 20 ? -6.916  -14.148 8.866   1.00 8.61  ? 20  PRO B CB  1 
ATOM   317 C CG  . PRO B 1 20 ? -7.604  -12.850 8.993   1.00 13.55 ? 20  PRO B CG  1 
ATOM   318 C CD  . PRO B 1 20 ? -7.138  -12.034 7.830   1.00 5.89  ? 20  PRO B CD  1 
HETATM 319 N N   . HYP B 1 21 ? -7.915  -16.549 7.078   1.00 4.19  ? 21  HYP B N   1 
HETATM 320 C CA  . HYP B 1 21 ? -9.047  -17.464 6.815   1.00 3.99  ? 21  HYP B CA  1 
HETATM 321 C C   . HYP B 1 21 ? -10.360 -16.998 7.522   1.00 3.30  ? 21  HYP B C   1 
HETATM 322 O O   . HYP B 1 21 ? -10.306 -16.414 8.622   1.00 6.98  ? 21  HYP B O   1 
HETATM 323 C CB  . HYP B 1 21 ? -8.636  -18.862 7.298   1.00 3.80  ? 21  HYP B CB  1 
HETATM 324 C CG  . HYP B 1 21 ? -7.113  -18.852 7.102   1.00 4.07  ? 21  HYP B CG  1 
HETATM 325 C CD  . HYP B 1 21 ? -6.803  -17.412 7.552   1.00 3.79  ? 21  HYP B CD  1 
HETATM 326 O OD1 . HYP B 1 21 ? -6.695  -19.098 5.796   1.00 6.79  ? 21  HYP B OD1 1 
ATOM   327 N N   . GLY B 1 22 ? -11.492 -17.244 6.875   1.00 3.42  ? 22  GLY B N   1 
ATOM   328 C CA  . GLY B 1 22 ? -12.773 -16.988 7.496   1.00 5.18  ? 22  GLY B CA  1 
ATOM   329 C C   . GLY B 1 22 ? -12.986 -17.862 8.715   1.00 4.72  ? 22  GLY B C   1 
ATOM   330 O O   . GLY B 1 22 ? -12.220 -18.789 8.979   1.00 4.77  ? 22  GLY B O   1 
ATOM   331 N N   . PRO B 1 23 ? -14.044 -17.567 9.470   1.00 8.37  ? 23  PRO B N   1 
ATOM   332 C CA  . PRO B 1 23 ? -14.415 -18.348 10.648  1.00 5.38  ? 23  PRO B CA  1 
ATOM   333 C C   . PRO B 1 23 ? -15.009 -19.685 10.230  1.00 8.86  ? 23  PRO B C   1 
ATOM   334 O O   . PRO B 1 23 ? -15.438 -19.838 9.087   1.00 8.08  ? 23  PRO B O   1 
ATOM   335 C CB  . PRO B 1 23 ? -15.474 -17.478 11.325  1.00 5.10  ? 23  PRO B CB  1 
ATOM   336 C CG  . PRO B 1 23 ? -16.096 -16.729 10.190  1.00 9.07  ? 23  PRO B CG  1 
ATOM   337 C CD  . PRO B 1 23 ? -14.985 -16.468 9.211   1.00 4.26  ? 23  PRO B CD  1 
HETATM 338 N N   . HYP B 1 24 ? -15.044 -20.635 11.152  1.00 8.87  ? 24  HYP B N   1 
HETATM 339 C CA  . HYP B 1 24 ? -15.635 -21.954 10.871  1.00 6.41  ? 24  HYP B CA  1 
HETATM 340 C C   . HYP B 1 24 ? -17.113 -21.867 10.383  1.00 9.00  ? 24  HYP B C   1 
HETATM 341 O O   . HYP B 1 24 ? -17.841 -20.938 10.775  1.00 11.67 ? 24  HYP B O   1 
HETATM 342 C CB  . HYP B 1 24 ? -15.543 -22.778 12.161  1.00 7.38  ? 24  HYP B CB  1 
HETATM 343 C CG  . HYP B 1 24 ? -14.270 -22.263 12.816  1.00 10.11 ? 24  HYP B CG  1 
HETATM 344 C CD  . HYP B 1 24 ? -14.359 -20.757 12.467  1.00 11.42 ? 24  HYP B CD  1 
HETATM 345 O OD1 . HYP B 1 24 ? -13.104 -22.851 12.352  1.00 17.18 ? 24  HYP B OD1 1 
ATOM   346 N N   . GLY B 1 25 ? -17.523 -22.813 9.548   1.00 7.35  ? 25  GLY B N   1 
ATOM   347 C CA  . GLY B 1 25 ? -18.910 -22.894 9.135   1.00 10.55 ? 25  GLY B CA  1 
ATOM   348 C C   . GLY B 1 25 ? -19.806 -23.288 10.291  1.00 14.24 ? 25  GLY B C   1 
ATOM   349 O O   . GLY B 1 25 ? -19.329 -23.522 11.403  1.00 12.25 ? 25  GLY B O   1 
ATOM   350 N N   . PRO B 1 26 ? -21.121 -23.357 10.037  1.00 17.92 ? 26  PRO B N   1 
ATOM   351 C CA  . PRO B 1 26 ? -22.089 -23.777 11.052  1.00 19.45 ? 26  PRO B CA  1 
ATOM   352 C C   . PRO B 1 26 ? -21.806 -25.185 11.548  1.00 23.93 ? 26  PRO B C   1 
ATOM   353 O O   . PRO B 1 26 ? -21.530 -26.068 10.734  1.00 18.60 ? 26  PRO B O   1 
ATOM   354 C CB  . PRO B 1 26 ? -23.423 -23.725 10.302  1.00 19.14 ? 26  PRO B CB  1 
ATOM   355 C CG  . PRO B 1 26 ? -23.200 -22.717 9.226   1.00 19.58 ? 26  PRO B CG  1 
ATOM   356 C CD  . PRO B 1 26 ? -21.784 -22.955 8.785   1.00 14.98 ? 26  PRO B CD  1 
HETATM 357 N N   . HYP B 1 27 ? -21.871 -25.385 12.861  1.00 27.89 ? 27  HYP B N   1 
HETATM 358 C CA  . HYP B 1 27 ? -21.723 -26.739 13.449  1.00 27.78 ? 27  HYP B CA  1 
HETATM 359 C C   . HYP B 1 27 ? -22.733 -27.762 12.815  1.00 31.53 ? 27  HYP B C   1 
HETATM 360 O O   . HYP B 1 27 ? -23.884 -27.387 12.527  1.00 33.20 ? 27  HYP B O   1 
HETATM 361 C CB  . HYP B 1 27 ? -21.934 -26.633 14.971  1.00 27.33 ? 27  HYP B CB  1 
HETATM 362 C CG  . HYP B 1 27 ? -21.806 -25.141 15.314  1.00 26.09 ? 27  HYP B CG  1 
HETATM 363 C CD  . HYP B 1 27 ? -22.212 -24.464 13.975  1.00 25.32 ? 27  HYP B CD  1 
HETATM 364 O OD1 . HYP B 1 27 ? -20.555 -24.733 15.767  1.00 35.49 ? 27  HYP B OD1 1 
ATOM   365 N N   . GLY B 1 28 ? -22.274 -28.998 12.620  1.00 37.52 ? 28  GLY B N   1 
ATOM   366 C CA  . GLY B 1 28 ? -23.023 -30.045 11.944  1.00 38.35 ? 28  GLY B CA  1 
ATOM   367 C C   . GLY B 1 28 ? -24.528 -30.050 12.122  1.00 42.89 ? 28  GLY B C   1 
ATOM   368 O O   . GLY B 1 28 ? -25.246 -29.437 11.329  1.00 46.69 ? 28  GLY B O   1 
HETATM 369 C C   . ACE C 1 1  ? 25.780  30.646  -12.260 1.00 27.92 ? 1   ACE C C   1 
HETATM 370 O O   . ACE C 1 1  ? 25.264  30.019  -13.184 1.00 26.17 ? 1   ACE C O   1 
HETATM 371 C CH3 . ACE C 1 1  ? 26.076  32.114  -12.354 1.00 26.42 ? 1   ACE C CH3 1 
ATOM   372 N N   . PRO C 1 2  ? 26.109  30.063  -11.112 1.00 31.36 ? 2   PRO C N   1 
ATOM   373 C CA  . PRO C 1 2  ? 25.881  28.635  -10.885 1.00 27.13 ? 2   PRO C CA  1 
ATOM   374 C C   . PRO C 1 2  ? 24.412  28.259  -10.678 1.00 27.93 ? 2   PRO C C   1 
ATOM   375 O O   . PRO C 1 2  ? 23.627  29.054  -10.159 1.00 25.24 ? 2   PRO C O   1 
ATOM   376 C CB  . PRO C 1 2  ? 26.703  28.372  -9.626  1.00 30.41 ? 2   PRO C CB  1 
ATOM   377 C CG  . PRO C 1 2  ? 26.541  29.639  -8.834  1.00 32.79 ? 2   PRO C CG  1 
ATOM   378 C CD  . PRO C 1 2  ? 26.407  30.767  -9.850  1.00 32.62 ? 2   PRO C CD  1 
HETATM 379 N N   . HYP C 1 3  ? 24.049  27.053  -11.098 1.00 28.54 ? 3   HYP C N   1 
HETATM 380 C CA  . HYP C 1 3  ? 22.676  26.546  -10.882 1.00 24.57 ? 3   HYP C CA  1 
HETATM 381 C C   . HYP C 1 3  ? 22.254  26.611  -9.368  1.00 26.34 ? 3   HYP C C   1 
HETATM 382 O O   . HYP C 1 3  ? 23.119  26.517  -8.478  1.00 25.81 ? 3   HYP C O   1 
HETATM 383 C CB  . HYP C 1 3  ? 22.620  25.110  -11.421 1.00 28.56 ? 3   HYP C CB  1 
HETATM 384 C CG  . HYP C 1 3  ? 23.678  25.084  -12.535 1.00 27.84 ? 3   HYP C CG  1 
HETATM 385 C CD  . HYP C 1 3  ? 24.742  26.051  -11.955 1.00 29.35 ? 3   HYP C CD  1 
HETATM 386 O OD1 . HYP C 1 3  ? 23.219  25.450  -13.800 1.00 30.12 ? 3   HYP C OD1 1 
ATOM   387 N N   . GLY C 1 4  ? 20.963  26.782  -9.111  1.00 22.30 ? 4   GLY C N   1 
ATOM   388 C CA  . GLY C 1 4  ? 20.473  26.904  -7.753  1.00 22.21 ? 4   GLY C CA  1 
ATOM   389 C C   . GLY C 1 4  ? 20.551  25.617  -6.960  1.00 25.10 ? 4   GLY C C   1 
ATOM   390 O O   . GLY C 1 4  ? 20.981  24.588  -7.482  1.00 21.44 ? 4   GLY C O   1 
ATOM   391 N N   . PRO C 1 5  ? 20.138  25.674  -5.686  1.00 22.41 ? 5   PRO C N   1 
ATOM   392 C CA  . PRO C 1 5  ? 20.114  24.509  -4.799  1.00 24.24 ? 5   PRO C CA  1 
ATOM   393 C C   . PRO C 1 5  ? 19.283  23.374  -5.383  1.00 22.66 ? 5   PRO C C   1 
ATOM   394 O O   . PRO C 1 5  ? 18.204  23.615  -5.934  1.00 20.54 ? 5   PRO C O   1 
ATOM   395 C CB  . PRO C 1 5  ? 19.470  25.053  -3.519  1.00 24.74 ? 5   PRO C CB  1 
ATOM   396 C CG  . PRO C 1 5  ? 19.706  26.520  -3.572  1.00 27.28 ? 5   PRO C CG  1 
ATOM   397 C CD  . PRO C 1 5  ? 19.614  26.877  -5.020  1.00 24.67 ? 5   PRO C CD  1 
HETATM 398 N N   . HYP C 1 6  ? 19.800  22.156  -5.283  1.00 21.91 ? 6   HYP C N   1 
HETATM 399 C CA  . HYP C 1 6  ? 19.049  20.959  -5.720  1.00 23.83 ? 6   HYP C CA  1 
HETATM 400 C C   . HYP C 1 6  ? 17.635  20.888  -5.052  1.00 19.69 ? 6   HYP C C   1 
HETATM 401 O O   . HYP C 1 6  ? 17.491  21.246  -3.869  1.00 19.97 ? 6   HYP C O   1 
HETATM 402 C CB  . HYP C 1 6  ? 19.892  19.725  -5.372  1.00 24.72 ? 6   HYP C CB  1 
HETATM 403 C CG  . HYP C 1 6  ? 21.329  20.249  -5.344  1.00 28.20 ? 6   HYP C CG  1 
HETATM 404 C CD  . HYP C 1 6  ? 21.112  21.682  -4.798  1.00 25.68 ? 6   HYP C CD  1 
HETATM 405 O OD1 . HYP C 1 6  ? 21.994  20.231  -6.566  1.00 34.67 ? 6   HYP C OD1 1 
ATOM   406 N N   . GLY C 1 7  ? 16.636  20.459  -5.815  1.00 19.25 ? 7   GLY C N   1 
ATOM   407 C CA  . GLY C 1 7  ? 15.273  20.428  -5.328  1.00 20.14 ? 7   GLY C CA  1 
ATOM   408 C C   . GLY C 1 7  ? 15.038  19.461  -4.186  1.00 18.82 ? 7   GLY C C   1 
ATOM   409 O O   . GLY C 1 7  ? 15.823  18.546  -3.960  1.00 18.86 ? 7   GLY C O   1 
ATOM   410 N N   . LEU C 1 8  ? 13.944  19.677  -3.464  1.00 19.72 ? 8   LEU C N   1 
ATOM   411 C CA  . LEU C 1 8  ? 13.573  18.786  -2.379  1.00 18.97 ? 8   LEU C CA  1 
ATOM   412 C C   . LEU C 1 8  ? 13.130  17.435  -2.936  1.00 18.18 ? 8   LEU C C   1 
ATOM   413 O O   . LEU C 1 8  ? 12.632  17.352  -4.063  1.00 18.47 ? 8   LEU C O   1 
ATOM   414 C CB  . LEU C 1 8  ? 12.444  19.396  -1.557  1.00 19.01 ? 8   LEU C CB  1 
ATOM   415 C CG  . LEU C 1 8  ? 12.808  20.676  -0.811  1.00 25.27 ? 8   LEU C CG  1 
ATOM   416 C CD1 . LEU C 1 8  ? 11.652  21.126  0.067   1.00 20.50 ? 8   LEU C CD1 1 
ATOM   417 C CD2 . LEU C 1 8  ? 14.064  20.452  0.016   1.00 22.58 ? 8   LEU C CD2 1 
ATOM   418 N N   . PRO C 1 9  ? 13.300  16.361  -2.171  1.00 18.20 ? 9   PRO C N   1 
ATOM   419 C CA  . PRO C 1 9  ? 12.795  15.060  -2.615  1.00 17.80 ? 9   PRO C CA  1 
ATOM   420 C C   . PRO C 1 9  ? 11.275  15.055  -2.655  1.00 17.44 ? 9   PRO C C   1 
ATOM   421 O O   . PRO C 1 9  ? 10.603  15.852  -1.999  1.00 17.60 ? 9   PRO C O   1 
ATOM   422 C CB  . PRO C 1 9  ? 13.327  14.085  -1.560  1.00 19.67 ? 9   PRO C CB  1 
ATOM   423 C CG  . PRO C 1 9  ? 13.572  14.930  -0.353  1.00 22.51 ? 9   PRO C CG  1 
ATOM   424 C CD  . PRO C 1 9  ? 14.000  16.272  -0.877  1.00 18.81 ? 9   PRO C CD  1 
ATOM   425 N N   . GLY C 1 10 ? 10.737  14.136  -3.452  1.00 17.68 ? 10  GLY C N   1 
ATOM   426 C CA  . GLY C 1 10 ? 9.303   14.058  -3.614  1.00 17.37 ? 10  GLY C CA  1 
ATOM   427 C C   . GLY C 1 10 ? 8.590   13.623  -2.350  1.00 18.92 ? 10  GLY C C   1 
ATOM   428 O O   . GLY C 1 10 ? 9.169   13.046  -1.429  1.00 17.42 ? 10  GLY C O   1 
ATOM   429 N N   . GLU C 1 11 ? 7.295   13.931  -2.314  1.00 17.81 ? 11  GLU C N   1 
ATOM   430 C CA  . GLU C 1 11 ? 6.418   13.453  -1.255  1.00 20.06 ? 11  GLU C CA  1 
ATOM   431 C C   . GLU C 1 11 ? 6.331   11.929  -1.291  1.00 16.58 ? 11  GLU C C   1 
ATOM   432 O O   . GLU C 1 11 ? 6.396   11.306  -2.352  1.00 20.14 ? 11  GLU C O   1 
ATOM   433 C CB  . GLU C 1 11 ? 5.032   14.082  -1.423  1.00 18.11 ? 11  GLU C CB  1 
ATOM   434 C CG  . GLU C 1 11 ? 3.968   13.613  -0.448  1.00 18.55 ? 11  GLU C CG  1 
ATOM   435 C CD  . GLU C 1 11 ? 2.591   14.161  -0.787  1.00 23.05 ? 11  GLU C CD  1 
ATOM   436 O OE1 . GLU C 1 11 ? 2.377   14.573  -1.950  1.00 24.61 ? 11  GLU C OE1 1 
ATOM   437 O OE2 . GLU C 1 11 ? 1.721   14.180  0.108   1.00 24.08 ? 11  GLU C OE2 1 
ATOM   438 N N   . ARG C 1 12 ? 6.214   11.319  -0.112  1.00 18.20 ? 12  ARG C N   1 
ATOM   439 C CA  . ARG C 1 12 ? 6.005   9.877   -0.058  1.00 17.65 ? 12  ARG C CA  1 
ATOM   440 C C   . ARG C 1 12 ? 4.696   9.500   -0.738  1.00 18.59 ? 12  ARG C C   1 
ATOM   441 O O   . ARG C 1 12 ? 3.693   10.214  -0.634  1.00 20.14 ? 12  ARG C O   1 
ATOM   442 C CB  . ARG C 1 12 ? 6.007   9.379   1.388   1.00 20.08 ? 12  ARG C CB  1 
ATOM   443 C CG  . ARG C 1 12 ? 5.751   7.878   1.518   1.00 18.93 ? 12  ARG C CG  1 
ATOM   444 C CD  . ARG C 1 12 ? 6.393   7.317   2.765   1.00 27.33 ? 12  ARG C CD  1 
ATOM   445 N NE  . ARG C 1 12 ? 6.748   5.911   2.619   1.00 31.22 ? 12  ARG C NE  1 
ATOM   446 C CZ  . ARG C 1 12 ? 6.958   5.090   3.638   1.00 27.70 ? 12  ARG C CZ  1 
ATOM   447 N NH1 . ARG C 1 12 ? 6.939   5.524   4.888   1.00 31.36 ? 12  ARG C NH1 1 
ATOM   448 N NH2 . ARG C 1 12 ? 7.206   3.805   3.398   1.00 28.05 ? 12  ARG C NH2 1 
ATOM   449 N N   . GLY C 1 13 ? 4.713   8.372   -1.437  1.00 16.23 ? 13  GLY C N   1 
ATOM   450 C CA  . GLY C 1 13 ? 3.541   7.916   -2.157  1.00 16.15 ? 13  GLY C CA  1 
ATOM   451 C C   . GLY C 1 13 ? 2.380   7.592   -1.234  1.00 16.42 ? 13  GLY C C   1 
ATOM   452 O O   . GLY C 1 13 ? 2.501   7.490   -0.013  1.00 16.21 ? 13  GLY C O   1 
ATOM   453 N N   . LEU C 1 14 ? 1.218   7.434   -1.861  1.00 14.54 ? 14  LEU C N   1 
ATOM   454 C CA  . LEU C 1 14 ? 0.003   7.043   -1.161  1.00 15.32 ? 14  LEU C CA  1 
ATOM   455 C C   . LEU C 1 14 ? 0.141   5.645   -0.568  1.00 15.88 ? 14  LEU C C   1 
ATOM   456 O O   . LEU C 1 14 ? 0.890   4.803   -1.071  1.00 16.88 ? 14  LEU C O   1 
ATOM   457 C CB  . LEU C 1 14 ? -1.184  7.068   -2.121  1.00 17.63 ? 14  LEU C CB  1 
ATOM   458 C CG  . LEU C 1 14 ? -1.691  8.442   -2.550  1.00 26.77 ? 14  LEU C CG  1 
ATOM   459 C CD1 . LEU C 1 14 ? -2.543  8.316   -3.801  1.00 27.63 ? 14  LEU C CD1 1 
ATOM   460 C CD2 . LEU C 1 14 ? -2.472  9.091   -1.424  1.00 25.00 ? 14  LEU C CD2 1 
ATOM   461 N N   . ARG C 1 15 ? -0.606  5.394   0.506   1.00 15.20 ? 15  ARG C N   1 
ATOM   462 C CA  . ARG C 1 15 ? -0.631  4.059   1.084   1.00 12.84 ? 15  ARG C CA  1 
ATOM   463 C C   . ARG C 1 15 ? -1.263  3.084   0.099   1.00 12.41 ? 15  ARG C C   1 
ATOM   464 O O   . ARG C 1 15 ? -2.218  3.422   -0.608  1.00 14.22 ? 15  ARG C O   1 
ATOM   465 C CB  . ARG C 1 15 ? -1.408  4.056   2.406   1.00 14.02 ? 15  ARG C CB  1 
ATOM   466 C CG  . ARG C 1 15 ? -1.604  2.666   3.006   1.00 19.14 ? 15  ARG C CG  1 
ATOM   467 C CD  . ARG C 1 15 ? -1.303  2.620   4.497   1.00 24.39 ? 15  ARG C CD  1 
ATOM   468 N NE  . ARG C 1 15 ? -0.874  1.293   4.927   1.00 20.29 ? 15  ARG C NE  1 
ATOM   469 C CZ  . ARG C 1 15 ? -1.166  0.753   6.103   1.00 24.23 ? 15  ARG C CZ  1 
ATOM   470 N NH1 . ARG C 1 15 ? -1.924  1.386   6.985   1.00 29.10 ? 15  ARG C NH1 1 
ATOM   471 N NH2 . ARG C 1 15 ? -0.685  -0.451  6.403   1.00 26.98 ? 15  ARG C NH2 1 
ATOM   472 N N   . GLY C 1 16 ? -0.713  1.872   0.048   1.00 12.62 ? 16  GLY C N   1 
ATOM   473 C CA  . GLY C 1 16 ? -1.244  0.857   -0.834  1.00 10.93 ? 16  GLY C CA  1 
ATOM   474 C C   . GLY C 1 16 ? -2.674  0.489   -0.489  1.00 12.29 ? 16  GLY C C   1 
ATOM   475 O O   . GLY C 1 16 ? -3.192  0.793   0.586   1.00 10.50 ? 16  GLY C O   1 
ATOM   476 N N   . GLU C 1 17 ? -3.324  -0.170  -1.437  1.00 10.34 ? 17  GLU C N   1 
ATOM   477 C CA  . GLU C 1 17 ? -4.703  -0.557  -1.239  1.00 10.74 ? 17  GLU C CA  1 
ATOM   478 C C   . GLU C 1 17 ? -4.776  -1.704  -0.231  1.00 12.68 ? 17  GLU C C   1 
ATOM   479 O O   . GLU C 1 17 ? -3.803  -2.442  -0.049  1.00 9.57  ? 17  GLU C O   1 
ATOM   480 C CB  . GLU C 1 17 ? -5.318  -0.969  -2.573  1.00 11.71 ? 17  GLU C CB  1 
ATOM   481 C CG  . GLU C 1 17 ? -5.862  0.211   -3.356  1.00 18.79 ? 17  GLU C CG  1 
ATOM   482 C CD  . GLU C 1 17 ? -6.035  -0.091  -4.829  1.00 25.81 ? 17  GLU C CD  1 
ATOM   483 O OE1 . GLU C 1 17 ? -6.054  0.870   -5.631  1.00 32.98 ? 17  GLU C OE1 1 
ATOM   484 O OE2 . GLU C 1 17 ? -6.139  -1.285  -5.183  1.00 27.84 ? 17  GLU C OE2 1 
ATOM   485 N N   . PRO C 1 18 ? -5.908  -1.857  0.458   1.00 11.01 ? 18  PRO C N   1 
ATOM   486 C CA  . PRO C 1 18 ? -6.059  -2.993  1.370   1.00 9.44  ? 18  PRO C CA  1 
ATOM   487 C C   . PRO C 1 18 ? -5.946  -4.305  0.610   1.00 9.11  ? 18  PRO C C   1 
ATOM   488 O O   . PRO C 1 18 ? -6.281  -4.390  -0.574  1.00 9.18  ? 18  PRO C O   1 
ATOM   489 C CB  . PRO C 1 18 ? -7.472  -2.806  1.943   1.00 14.31 ? 18  PRO C CB  1 
ATOM   490 C CG  . PRO C 1 18 ? -7.766  -1.371  1.766   1.00 16.05 ? 18  PRO C CG  1 
ATOM   491 C CD  . PRO C 1 18 ? -7.092  -0.982  0.479   1.00 13.06 ? 18  PRO C CD  1 
ATOM   492 N N   . GLY C 1 19 ? -5.478  -5.335  1.308   1.00 7.87  ? 19  GLY C N   1 
ATOM   493 C CA  . GLY C 1 19 ? -5.344  -6.645  0.716   1.00 4.68  ? 19  GLY C CA  1 
ATOM   494 C C   . GLY C 1 19 ? -6.691  -7.271  0.416   1.00 4.17  ? 19  GLY C C   1 
ATOM   495 O O   . GLY C 1 19 ? -7.740  -6.797  0.867   1.00 7.39  ? 19  GLY C O   1 
ATOM   496 N N   . PRO C 1 20 ? -6.689  -8.355  -0.368  1.00 5.26  ? 20  PRO C N   1 
ATOM   497 C CA  . PRO C 1 20 ? -7.951  -9.020  -0.697  1.00 5.27  ? 20  PRO C CA  1 
ATOM   498 C C   . PRO C 1 20 ? -8.532  -9.726  0.518   1.00 5.29  ? 20  PRO C C   1 
ATOM   499 O O   . PRO C 1 20 ? -7.804  -10.051 1.457   1.00 6.24  ? 20  PRO C O   1 
ATOM   500 C CB  . PRO C 1 20 ? -7.554  -10.032 -1.773  1.00 8.21  ? 20  PRO C CB  1 
ATOM   501 C CG  . PRO C 1 20 ? -6.096  -10.262 -1.565  1.00 11.15 ? 20  PRO C CG  1 
ATOM   502 C CD  . PRO C 1 20 ? -5.532  -8.978  -1.038  1.00 6.86  ? 20  PRO C CD  1 
HETATM 503 N N   . HYP C 1 21 ? -9.836  -9.955  0.500   1.00 4.94  ? 21  HYP C N   1 
HETATM 504 C CA  . HYP C 1 21 ? -10.454 -10.780 1.549   1.00 3.23  ? 21  HYP C CA  1 
HETATM 505 C C   . HYP C 1 21 ? -9.752  -12.177 1.654   1.00 2.36  ? 21  HYP C C   1 
HETATM 506 O O   . HYP C 1 21 ? -9.287  -12.717 0.634   1.00 5.41  ? 21  HYP C O   1 
HETATM 507 C CB  . HYP C 1 21 ? -11.945 -10.918 1.217   1.00 6.09  ? 21  HYP C CB  1 
HETATM 508 C CG  . HYP C 1 21 ? -12.249 -9.679  0.378   1.00 3.81  ? 21  HYP C CG  1 
HETATM 509 C CD  . HYP C 1 21 ? -10.930 -9.576  -0.419  1.00 2.08  ? 21  HYP C CD  1 
HETATM 510 O OD1 . HYP C 1 21 ? -12.538 -8.522  1.097   1.00 6.66  ? 21  HYP C OD1 1 
ATOM   511 N N   . GLY C 1 22 ? -9.667  -12.714 2.867   1.00 4.96  ? 22  GLY C N   1 
ATOM   512 C CA  . GLY C 1 22 ? -9.064  -14.016 3.059   1.00 2.29  ? 22  GLY C CA  1 
ATOM   513 C C   . GLY C 1 22 ? -9.851  -15.121 2.387   1.00 2.31  ? 22  GLY C C   1 
ATOM   514 O O   . GLY C 1 22 ? -10.920 -14.884 1.829   1.00 6.22  ? 22  GLY C O   1 
ATOM   515 N N   . PRO C 1 23 ? -9.320  -16.349 2.439   1.00 4.27  ? 23  PRO C N   1 
ATOM   516 C CA  . PRO C 1 23 ? -10.011 -17.521 1.905   1.00 6.32  ? 23  PRO C CA  1 
ATOM   517 C C   . PRO C 1 23 ? -11.169 -17.936 2.802   1.00 2.62  ? 23  PRO C C   1 
ATOM   518 O O   . PRO C 1 23 ? -11.210 -17.550 3.972   1.00 4.90  ? 23  PRO C O   1 
ATOM   519 C CB  . PRO C 1 23 ? -8.928  -18.596 1.903   1.00 6.95  ? 23  PRO C CB  1 
ATOM   520 C CG  . PRO C 1 23 ? -8.033  -18.200 3.029   1.00 4.28  ? 23  PRO C CG  1 
ATOM   521 C CD  . PRO C 1 23 ? -8.007  -16.693 3.009   1.00 7.49  ? 23  PRO C CD  1 
HETATM 522 N N   . HYP C 1 24 ? -12.081 -18.735 2.267   1.00 4.49  ? 24  HYP C N   1 
HETATM 523 C CA  . HYP C 1 24 ? -13.203 -19.265 3.078   1.00 2.94  ? 24  HYP C CA  1 
HETATM 524 C C   . HYP C 1 24 ? -12.731 -20.074 4.342   1.00 6.16  ? 24  HYP C C   1 
HETATM 525 O O   . HYP C 1 24 ? -11.701 -20.773 4.280   1.00 3.12  ? 24  HYP C O   1 
HETATM 526 C CB  . HYP C 1 24 ? -14.057 -20.146 2.149   1.00 4.53  ? 24  HYP C CB  1 
HETATM 527 C CG  . HYP C 1 24 ? -13.849 -19.499 0.782   1.00 2.82  ? 24  HYP C CG  1 
HETATM 528 C CD  . HYP C 1 24 ? -12.344 -19.178 0.877   1.00 5.48  ? 24  HYP C CD  1 
HETATM 529 O OD1 . HYP C 1 24 ? -14.626 -18.365 0.532   1.00 5.34  ? 24  HYP C OD1 1 
ATOM   530 N N   . GLY C 1 25 ? -13.487 -19.967 5.436   1.00 3.34  ? 25  GLY C N   1 
ATOM   531 C CA  . GLY C 1 25 ? -13.134 -20.647 6.669   1.00 6.67  ? 25  GLY C CA  1 
ATOM   532 C C   . GLY C 1 25 ? -13.278 -22.154 6.591   1.00 3.79  ? 25  GLY C C   1 
ATOM   533 O O   . GLY C 1 25 ? -13.761 -22.685 5.596   1.00 3.76  ? 25  GLY C O   1 
ATOM   534 N N   . PRO C 1 26 ? -12.869 -22.853 7.657   1.00 4.04  ? 26  PRO C N   1 
ATOM   535 C CA  . PRO C 1 26 ? -12.964 -24.310 7.741   1.00 4.47  ? 26  PRO C CA  1 
ATOM   536 C C   . PRO C 1 26 ? -14.409 -24.768 7.863   1.00 6.58  ? 26  PRO C C   1 
ATOM   537 O O   . PRO C 1 26 ? -15.277 -24.007 8.286   1.00 4.64  ? 26  PRO C O   1 
ATOM   538 C CB  . PRO C 1 26 ? -12.194 -24.654 9.020   1.00 8.36  ? 26  PRO C CB  1 
ATOM   539 C CG  . PRO C 1 26 ? -11.501 -23.404 9.429   1.00 7.95  ? 26  PRO C CG  1 
ATOM   540 C CD  . PRO C 1 26 ? -12.273 -22.268 8.866   1.00 4.13  ? 26  PRO C CD  1 
HETATM 541 N N   . HYP C 1 27 ? -14.649 -26.015 7.496   1.00 7.98  ? 27  HYP C N   1 
HETATM 542 C CA  . HYP C 1 27 ? -15.955 -26.626 7.711   1.00 8.10  ? 27  HYP C CA  1 
HETATM 543 C C   . HYP C 1 27 ? -16.306 -26.689 9.240   1.00 10.16 ? 27  HYP C C   1 
HETATM 544 O O   . HYP C 1 27 ? -15.391 -26.762 10.082  1.00 14.14 ? 27  HYP C O   1 
HETATM 545 C CB  . HYP C 1 27 ? -15.926 -28.033 7.087   1.00 9.58  ? 27  HYP C CB  1 
HETATM 546 C CG  . HYP C 1 27 ? -14.756 -28.003 6.096   1.00 11.16 ? 27  HYP C CG  1 
HETATM 547 C CD  . HYP C 1 27 ? -13.806 -27.014 6.799   1.00 9.05  ? 27  HYP C CD  1 
HETATM 548 O OD1 . HYP C 1 27 ? -15.078 -27.598 4.804   1.00 16.10 ? 27  HYP C OD1 1 
ATOM   549 N N   . GLY C 1 28 ? -17.593 -26.641 9.564   1.00 10.98 ? 28  GLY C N   1 
ATOM   550 C CA  . GLY C 1 28 ? -18.023 -26.817 10.938  1.00 14.12 ? 28  GLY C CA  1 
ATOM   551 C C   . GLY C 1 28 ? -17.764 -28.225 11.440  1.00 16.49 ? 28  GLY C C   1 
ATOM   552 O O   . GLY C 1 28 ? -17.661 -28.453 12.648  1.00 15.51 ? 28  GLY C O   1 
HETATM 553 O O   . HOH D 2 .  ? -9.951  -12.898 11.284  1.00 29.02 ? 101 HOH A O   1 
HETATM 554 O O   . HOH D 2 .  ? -20.163 -14.952 9.725   1.00 12.96 ? 102 HOH A O   1 
HETATM 555 O O   . HOH D 2 .  ? 11.334  18.813  -12.931 1.00 28.30 ? 103 HOH A O   1 
HETATM 556 O O   . HOH D 2 .  ? 17.177  30.961  -13.738 1.00 27.82 ? 104 HOH A O   1 
HETATM 557 O O   . HOH D 2 .  ? -14.994 -10.704 4.495   1.00 11.88 ? 105 HOH A O   1 
HETATM 558 O O   . HOH D 2 .  ? -21.088 -20.427 5.841   1.00 14.52 ? 106 HOH A O   1 
HETATM 559 O O   . HOH D 2 .  ? -7.579  -8.059  8.583   1.00 37.20 ? 107 HOH A O   1 
HETATM 560 O O   . HOH D 2 .  ? 10.468  4.244   5.269   1.00 25.41 ? 108 HOH A O   1 
HETATM 561 O O   . HOH D 2 .  ? -22.828 -21.936 4.875   1.00 18.63 ? 109 HOH A O   1 
HETATM 562 O O   . HOH D 2 .  ? 9.740   8.212   4.954   1.00 30.11 ? 110 HOH A O   1 
HETATM 563 O O   . HOH D 2 .  ? -17.665 -21.199 2.571   1.00 7.49  ? 111 HOH A O   1 
HETATM 564 O O   . HOH D 2 .  ? 2.410   5.773   2.342   1.00 18.06 ? 112 HOH A O   1 
HETATM 565 O O   . HOH D 2 .  ? -8.930  -4.250  5.092   1.00 15.45 ? 113 HOH A O   1 
HETATM 566 O O   . HOH D 2 .  ? 4.746   -0.375  -0.559  1.00 17.10 ? 114 HOH A O   1 
HETATM 567 O O   . HOH D 2 .  ? -7.669  -5.291  8.016   1.00 35.94 ? 115 HOH A O   1 
HETATM 568 O O   . HOH D 2 .  ? 2.314   -1.110  5.945   1.00 33.09 ? 116 HOH A O   1 
HETATM 569 O O   . HOH D 2 .  ? 0.851   -3.340  6.069   1.00 32.59 ? 117 HOH A O   1 
HETATM 570 O O   . HOH D 2 .  ? 16.350  15.253  -3.745  1.00 22.83 ? 118 HOH A O   1 
HETATM 571 O O   . HOH D 2 .  ? 12.429  7.059   -4.568  1.00 27.66 ? 119 HOH A O   1 
HETATM 572 O O   . HOH D 2 .  ? 10.704  3.484   -2.072  1.00 19.43 ? 120 HOH A O   1 
HETATM 573 O O   . HOH D 2 .  ? 17.639  23.885  -14.927 1.00 22.38 ? 121 HOH A O   1 
HETATM 574 O O   . HOH D 2 .  ? 9.447   10.069  3.064   1.00 25.86 ? 122 HOH A O   1 
HETATM 575 O O   . HOH D 2 .  ? 14.177  18.719  -15.763 1.00 31.12 ? 123 HOH A O   1 
HETATM 576 O O   . HOH D 2 .  ? 8.845   7.033   -7.668  1.00 36.47 ? 124 HOH A O   1 
HETATM 577 O O   . HOH D 2 .  ? -10.723 -3.422  3.275   1.00 21.82 ? 125 HOH A O   1 
HETATM 578 O O   . HOH D 2 .  ? -21.729 -13.258 7.990   1.00 14.25 ? 126 HOH A O   1 
HETATM 579 O O   . HOH D 2 .  ? -6.433  1.765   4.061   1.00 36.82 ? 127 HOH A O   1 
HETATM 580 O O   . HOH D 2 .  ? 10.221  20.753  -14.457 1.00 44.33 ? 128 HOH A O   1 
HETATM 581 O O   . HOH D 2 .  ? 14.785  24.152  -14.667 1.00 31.36 ? 129 HOH A O   1 
HETATM 582 O O   . HOH D 2 .  ? 7.413   -1.276  -0.964  1.00 34.80 ? 130 HOH A O   1 
HETATM 583 O O   . HOH E 2 .  ? -26.052 -30.533 9.661   1.00 44.71 ? 101 HOH B O   1 
HETATM 584 O O   . HOH E 2 .  ? -20.605 -22.672 16.517  1.00 12.60 ? 102 HOH B O   1 
HETATM 585 O O   . HOH E 2 .  ? -19.153 -24.386 13.854  1.00 40.42 ? 103 HOH B O   1 
HETATM 586 O O   . HOH E 2 .  ? -1.855  -0.563  -3.735  1.00 13.51 ? 104 HOH B O   1 
HETATM 587 O O   . HOH E 2 .  ? -10.790 -22.807 13.279  1.00 10.69 ? 105 HOH B O   1 
HETATM 588 O O   . HOH E 2 .  ? 8.309   0.255   -8.634  1.00 41.62 ? 106 HOH B O   1 
HETATM 589 O O   . HOH E 2 .  ? -19.723 -26.074 17.775  1.00 17.94 ? 107 HOH B O   1 
HETATM 590 O O   . HOH E 2 .  ? -7.476  -21.340 4.824   1.00 8.76  ? 108 HOH B O   1 
HETATM 591 O O   . HOH E 2 .  ? 12.306  22.051  -3.961  1.00 21.92 ? 109 HOH B O   1 
HETATM 592 O O   . HOH E 2 .  ? -4.414  -18.051 4.973   1.00 12.77 ? 110 HOH B O   1 
HETATM 593 O O   . HOH E 2 .  ? -8.607  -16.995 10.636  1.00 10.41 ? 111 HOH B O   1 
HETATM 594 O O   . HOH E 2 .  ? 12.644  27.833  -8.218  1.00 30.95 ? 112 HOH B O   1 
HETATM 595 O O   . HOH E 2 .  ? -0.483  -6.170  4.346   1.00 24.17 ? 113 HOH B O   1 
HETATM 596 O O   . HOH E 2 .  ? 6.430   15.648  -4.364  1.00 20.81 ? 114 HOH B O   1 
HETATM 597 O O   . HOH E 2 .  ? 1.413   7.790   -4.758  1.00 16.47 ? 115 HOH B O   1 
HETATM 598 O O   . HOH E 2 .  ? 8.364   6.022   -6.094  1.00 26.79 ? 116 HOH B O   1 
HETATM 599 O O   . HOH E 2 .  ? -3.483  -11.107 6.918   1.00 13.89 ? 117 HOH B O   1 
HETATM 600 O O   . HOH E 2 .  ? -20.190 -19.702 9.689   1.00 31.77 ? 118 HOH B O   1 
HETATM 601 O O   . HOH E 2 .  ? 2.021   1.495   -7.989  1.00 27.45 ? 119 HOH B O   1 
HETATM 602 O O   . HOH E 2 .  ? -11.723 -14.987 10.697  1.00 11.02 ? 120 HOH B O   1 
HETATM 603 O O   . HOH E 2 .  ? 20.027  30.068  -4.180  1.00 27.36 ? 121 HOH B O   1 
HETATM 604 O O   . HOH E 2 .  ? 1.211   -11.629 0.353   1.00 14.42 ? 122 HOH B O   1 
HETATM 605 O O   . HOH E 2 .  ? 0.813   -4.278  -5.244  1.00 16.06 ? 123 HOH B O   1 
HETATM 606 O O   . HOH E 2 .  ? -4.059  -9.161  -5.175  1.00 19.55 ? 124 HOH B O   1 
HETATM 607 O O   . HOH E 2 .  ? 1.183   -0.280  -6.109  1.00 23.15 ? 125 HOH B O   1 
HETATM 608 O O   . HOH E 2 .  ? 10.055  17.160  -10.720 1.00 25.19 ? 126 HOH B O   1 
HETATM 609 O O   . HOH E 2 .  ? -3.789  -2.782  -7.276  1.00 35.45 ? 127 HOH B O   1 
HETATM 610 O O   . HOH E 2 .  ? -10.402 -8.654  -4.138  1.00 5.43  ? 128 HOH B O   1 
HETATM 611 O O   . HOH E 2 .  ? 0.489   -2.689  -7.146  1.00 20.76 ? 129 HOH B O   1 
HETATM 612 O O   . HOH E 2 .  ? -11.803 -23.157 15.845  1.00 6.41  ? 130 HOH B O   1 
HETATM 613 O O   . HOH E 2 .  ? -1.492  -3.881  -8.367  1.00 19.27 ? 131 HOH B O   1 
HETATM 614 O O   . HOH F 2 .  ? 25.388  29.198  -15.355 1.00 27.25 ? 101 HOH C O   1 
HETATM 615 O O   . HOH F 2 .  ? -17.755 -26.805 14.629  1.00 15.11 ? 102 HOH C O   1 
HETATM 616 O O   . HOH F 2 .  ? 22.942  18.014  -7.558  1.00 18.90 ? 103 HOH C O   1 
HETATM 617 O O   . HOH F 2 .  ? -11.616 -15.234 -0.676  1.00 5.71  ? 104 HOH C O   1 
HETATM 618 O O   . HOH F 2 .  ? -14.282 -25.643 12.226  1.00 20.70 ? 105 HOH C O   1 
HETATM 619 O O   . HOH F 2 .  ? 5.790   12.738  2.117   1.00 25.85 ? 106 HOH C O   1 
HETATM 620 O O   . HOH F 2 .  ? -10.064 -22.180 5.871   1.00 5.90  ? 107 HOH C O   1 
HETATM 621 O O   . HOH F 2 .  ? -4.592  -3.471  -5.373  1.00 38.80 ? 108 HOH C O   1 
HETATM 622 O O   . HOH F 2 .  ? -9.557  -5.540  -0.672  1.00 17.27 ? 109 HOH C O   1 
HETATM 623 O O   . HOH F 2 .  ? 22.782  22.622  -7.917  1.00 21.28 ? 110 HOH C O   1 
HETATM 624 O O   . HOH F 2 .  ? -6.779  -0.217  -8.016  1.00 31.03 ? 111 HOH C O   1 
HETATM 625 O O   . HOH F 2 .  ? -13.814 -16.830 -1.595  1.00 5.64  ? 112 HOH C O   1 
HETATM 626 O O   . HOH F 2 .  ? -7.619  -14.795 -0.053  1.00 7.16  ? 113 HOH C O   1 
HETATM 627 O O   . HOH F 2 .  ? -13.102 -23.686 3.102   1.00 9.42  ? 114 HOH C O   1 
HETATM 628 O O   . HOH F 2 .  ? 6.985   4.257   7.366   1.00 30.14 ? 115 HOH C O   1 
HETATM 629 O O   . HOH F 2 .  ? -4.444  0.152   3.009   1.00 14.93 ? 116 HOH C O   1 
HETATM 630 O O   . HOH F 2 .  ? -1.946  7.266   2.170   1.00 26.48 ? 117 HOH C O   1 
HETATM 631 O O   . HOH F 2 .  ? 10.033  10.742  0.009   1.00 25.03 ? 118 HOH C O   1 
HETATM 632 O O   . HOH F 2 .  ? -17.389 -31.327 12.925  1.00 42.48 ? 119 HOH C O   1 
HETATM 633 O O   . HOH F 2 .  ? 18.767  21.745  -1.301  1.00 26.68 ? 120 HOH C O   1 
HETATM 634 O O   . HOH F 2 .  ? -10.792 -12.771 -1.858  1.00 5.52  ? 121 HOH C O   1 
HETATM 635 O O   . HOH F 2 .  ? 9.727   14.254  1.169   1.00 22.67 ? 122 HOH C O   1 
HETATM 636 O O   . HOH F 2 .  ? 7.738   2.595   6.018   1.00 42.59 ? 123 HOH C O   1 
HETATM 637 O O   . HOH F 2 .  ? 0.983   11.375  -1.399  1.00 25.43 ? 124 HOH C O   1 
HETATM 638 O O   . HOH F 2 .  ? -0.660  15.159  -1.726  1.00 28.31 ? 125 HOH C O   1 
HETATM 639 O O   . HOH F 2 .  ? -1.455  -2.306  8.903   1.00 23.66 ? 126 HOH C O   1 
HETATM 640 O O   . HOH F 2 .  ? 7.101   8.772   5.358   1.00 43.10 ? 127 HOH C O   1 
HETATM 641 O O   . HOH F 2 .  ? 29.470  31.035  -10.748 1.00 21.76 ? 128 HOH C O   1 
HETATM 642 O O   . HOH F 2 .  ? -18.609 -28.750 16.064  1.00 14.06 ? 129 HOH C O   1 
HETATM 643 O O   . HOH F 2 .  ? -12.719 -19.068 -2.686  1.00 11.84 ? 130 HOH C O   1 
HETATM 644 O O   . HOH F 2 .  ? -13.003 -4.146  2.175   1.00 12.94 ? 131 HOH C O   1 
# 
loop_
_atom_site_anisotrop.id 
_atom_site_anisotrop.type_symbol 
_atom_site_anisotrop.pdbx_label_atom_id 
_atom_site_anisotrop.pdbx_label_alt_id 
_atom_site_anisotrop.pdbx_label_comp_id 
_atom_site_anisotrop.pdbx_label_asym_id 
_atom_site_anisotrop.pdbx_label_seq_id 
_atom_site_anisotrop.pdbx_PDB_ins_code 
_atom_site_anisotrop.U[1][1] 
_atom_site_anisotrop.U[2][2] 
_atom_site_anisotrop.U[3][3] 
_atom_site_anisotrop.U[1][2] 
_atom_site_anisotrop.U[1][3] 
_atom_site_anisotrop.U[2][3] 
_atom_site_anisotrop.pdbx_auth_seq_id 
_atom_site_anisotrop.pdbx_auth_comp_id 
_atom_site_anisotrop.pdbx_auth_asym_id 
_atom_site_anisotrop.pdbx_auth_atom_id 
1   C C   . ACE A 1  ? 0.3006 0.1640 0.1792 -0.1017 0.0265  0.0352  1  ACE A C   
2   O O   . ACE A 1  ? 0.2469 0.2152 0.2124 -0.0431 0.0247  0.0054  1  ACE A O   
3   C CH3 . ACE A 1  ? 0.2459 0.2079 0.2058 -0.0403 0.0228  0.0099  1  ACE A CH3 
4   N N   . PRO A 2  ? 0.3123 0.2755 0.2720 -0.0655 0.0293  0.0320  2  PRO A N   
5   C CA  . PRO A 2  ? 0.2558 0.2244 0.2200 -0.0632 0.0256  0.0320  2  PRO A CA  
6   C C   . PRO A 2  ? 0.2495 0.2153 0.2203 -0.0614 0.0236  0.0321  2  PRO A C   
7   O O   . PRO A 2  ? 0.2572 0.2185 0.2297 -0.0628 0.0240  0.0305  2  PRO A O   
8   C CB  . PRO A 2  ? 0.2892 0.2656 0.2557 -0.0652 0.0241  0.0257  2  PRO A CB  
9   C CG  . PRO A 2  ? 0.3210 0.2964 0.2843 -0.0679 0.0276  0.0236  2  PRO A CG  
10  C CD  . PRO A 2  ? 0.3200 0.2876 0.2826 -0.0682 0.0291  0.0265  2  PRO A CD  
11  N N   . HYP A 3  ? 0.2677 0.2363 0.2423 -0.0587 0.0211  0.0344  3  HYP A N   
12  C CA  . HYP A 3  ? 0.2392 0.2052 0.2204 -0.0568 0.0193  0.0345  3  HYP A CA  
13  C C   . HYP A 3  ? 0.2234 0.1935 0.2115 -0.0583 0.0163  0.0280  3  HYP A C   
14  O O   . HYP A 3  ? 0.2485 0.2251 0.2382 -0.0598 0.0153  0.0235  3  HYP A O   
15  C CB  . HYP A 3  ? 0.2721 0.2420 0.2572 -0.0539 0.0166  0.0384  3  HYP A CB  
16  C CG  . HYP A 3  ? 0.2659 0.2383 0.2454 -0.0541 0.0177  0.0433  3  HYP A CG  
17  C CD  . HYP A 3  ? 0.2851 0.2592 0.2586 -0.0576 0.0189  0.0381  3  HYP A CD  
18  O OD1 . HYP A 3  ? 0.3633 0.3283 0.3412 -0.0522 0.0221  0.0503  3  HYP A OD1 
19  N N   . GLY A 4  ? 0.2396 0.2049 0.2314 -0.0583 0.0157  0.0279  4  GLY A N   
20  C CA  . GLY A 4  ? 0.2165 0.1857 0.2167 -0.0595 0.0128  0.0235  4  GLY A CA  
21  C C   . GLY A 4  ? 0.2184 0.1954 0.2261 -0.0576 0.0096  0.0204  4  GLY A C   
22  O O   . GLY A 4  ? 0.2108 0.1897 0.2171 -0.0555 0.0086  0.0224  4  GLY A O   
23  N N   . PRO A 5  ? 0.2046 0.1865 0.2213 -0.0587 0.0079  0.0158  5  PRO A N   
24  C CA  . PRO A 5  ? 0.2272 0.2155 0.2507 -0.0575 0.0058  0.0120  5  PRO A CA  
25  C C   . PRO A 5  ? 0.2078 0.1946 0.2357 -0.0549 0.0029  0.0141  5  PRO A C   
26  O O   . PRO A 5  ? 0.1963 0.1771 0.2239 -0.0545 0.0027  0.0173  5  PRO A O   
27  C CB  . PRO A 5  ? 0.2202 0.2123 0.2539 -0.0593 0.0063  0.0075  5  PRO A CB  
28  C CG  . PRO A 5  ? 0.2479 0.2355 0.2827 -0.0608 0.0060  0.0107  5  PRO A CG  
29  C CD  . PRO A 5  ? 0.2376 0.2192 0.2596 -0.0615 0.0081  0.0145  5  PRO A CD  
30  N N   . HYP A 6  ? 0.2338 0.2254 0.2646 -0.0536 0.0007  0.0124  6  HYP A N   
31  C CA  . HYP A 6  ? 0.2072 0.1984 0.2435 -0.0510 -0.0021 0.0143  6  HYP A CA  
32  C C   . HYP A 6  ? 0.1988 0.1891 0.2450 -0.0508 -0.0035 0.0124  6  HYP A C   
33  O O   . HYP A 6  ? 0.1889 0.1828 0.2419 -0.0524 -0.0032 0.0081  6  HYP A O   
34  C CB  . HYP A 6  ? 0.2157 0.2129 0.2531 -0.0510 -0.0046 0.0123  6  HYP A CB  
35  C CG  . HYP A 6  ? 0.2636 0.2629 0.2914 -0.0537 -0.0031 0.0120  6  HYP A CG  
36  C CD  . HYP A 6  ? 0.2201 0.2172 0.2474 -0.0552 0.0006  0.0093  6  HYP A CD  
37  O OD1 . HYP A 6  ? 0.2707 0.2686 0.2919 -0.0528 -0.0035 0.0186  6  HYP A OD1 
38  N N   . GLY A 7  ? 0.1838 0.1689 0.2311 -0.0491 -0.0044 0.0160  7  GLY A N   
39  C CA  . GLY A 7  ? 0.2454 0.2300 0.3014 -0.0492 -0.0064 0.0151  7  GLY A CA  
40  C C   . GLY A 7  ? 0.1799 0.1716 0.2463 -0.0479 -0.0088 0.0109  7  GLY A C   
41  O O   . GLY A 7  ? 0.1918 0.1875 0.2570 -0.0471 -0.0094 0.0094  7  GLY A O   
42  N N   . LEU A 8  ? 0.2120 0.2050 0.2883 -0.0485 -0.0104 0.0094  8  LEU A N   
43  C CA  . LEU A 8  ? 0.1638 0.1628 0.2514 -0.0474 -0.0119 0.0052  8  LEU A CA  
44  C C   . LEU A 8  ? 0.1856 0.1842 0.2741 -0.0446 -0.0142 0.0066  8  LEU A C   
45  O O   . LEU A 8  ? 0.1937 0.1868 0.2774 -0.0433 -0.0144 0.0113  8  LEU A O   
46  C CB  . LEU A 8  ? 0.1970 0.1978 0.2970 -0.0485 -0.0130 0.0048  8  LEU A CB  
47  C CG  . LEU A 8  ? 0.1933 0.1967 0.2974 -0.0512 -0.0107 0.0034  8  LEU A CG  
48  C CD1 . LEU A 8  ? 0.1862 0.1897 0.3002 -0.0533 -0.0129 0.0068  8  LEU A CD1 
49  C CD2 . LEU A 8  ? 0.2183 0.2274 0.3296 -0.0510 -0.0075 -0.0028 8  LEU A CD2 
50  N N   . PRO A 9  ? 0.1739 0.1777 0.2689 -0.0440 -0.0153 0.0026  9  PRO A N   
51  C CA  . PRO A 9  ? 0.1886 0.1928 0.2858 -0.0416 -0.0180 0.0042  9  PRO A CA  
52  C C   . PRO A 9  ? 0.1652 0.1657 0.2689 -0.0399 -0.0194 0.0071  9  PRO A C   
53  O O   . PRO A 9  ? 0.1566 0.1571 0.2670 -0.0409 -0.0196 0.0062  9  PRO A O   
54  C CB  . PRO A 9  ? 0.1953 0.2055 0.2985 -0.0427 -0.0185 -0.0018 9  PRO A CB  
55  C CG  . PRO A 9  ? 0.2076 0.2192 0.3057 -0.0457 -0.0152 -0.0057 9  PRO A CG  
56  C CD  . PRO A 9  ? 0.2080 0.2168 0.3069 -0.0459 -0.0133 -0.0036 9  PRO A CD  
57  N N   . GLY A 10 ? 0.2443 0.2420 0.3466 -0.0375 -0.0204 0.0111  10 GLY A N   
58  C CA  . GLY A 10 ? 0.1719 0.1651 0.2789 -0.0361 -0.0212 0.0136  10 GLY A CA  
59  C C   . GLY A 10 ? 0.1988 0.1968 0.3184 -0.0356 -0.0236 0.0101  10 GLY A C   
60  O O   . GLY A 10 ? 0.2183 0.2226 0.3431 -0.0357 -0.0245 0.0057  10 GLY A O   
61  N N   . GLU A 11 ? 0.1413 0.1353 0.2650 -0.0356 -0.0244 0.0122  11 GLU A N   
62  C CA  . GLU A 11 ? 0.1744 0.1723 0.3110 -0.0349 -0.0268 0.0100  11 GLU A CA  
63  C C   . GLU A 11 ? 0.1332 0.1333 0.2741 -0.0319 -0.0281 0.0095  11 GLU A C   
64  O O   . GLU A 11 ? 0.1696 0.1658 0.3052 -0.0302 -0.0276 0.0133  11 GLU A O   
65  C CB  . GLU A 11 ? 0.1917 0.1844 0.3299 -0.0364 -0.0278 0.0135  11 GLU A CB  
66  C CG  . GLU A 11 ? 0.1576 0.1533 0.3089 -0.0354 -0.0304 0.0128  11 GLU A CG  
67  C CD  . GLU A 11 ? 0.2107 0.2003 0.3611 -0.0379 -0.0319 0.0172  11 GLU A CD  
68  O OE1 . GLU A 11 ? 0.2863 0.2672 0.4238 -0.0400 -0.0302 0.0206  11 GLU A OE1 
69  O OE2 . GLU A 11 ? 0.2007 0.1940 0.3632 -0.0385 -0.0345 0.0173  11 GLU A OE2 
70  N N   . ARG A 12 ? 0.1293 0.1356 0.2807 -0.0316 -0.0295 0.0052  12 ARG A N   
71  C CA  . ARG A 12 ? 0.1345 0.1430 0.2908 -0.0294 -0.0314 0.0048  12 ARG A CA  
72  C C   . ARG A 12 ? 0.1251 0.1284 0.2840 -0.0272 -0.0322 0.0094  12 ARG A C   
73  O O   . ARG A 12 ? 0.1465 0.1462 0.3074 -0.0280 -0.0321 0.0110  12 ARG A O   
74  C CB  . ARG A 12 ? 0.1543 0.1686 0.3215 -0.0301 -0.0319 -0.0012 12 ARG A CB  
75  C CG  . ARG A 12 ? 0.1231 0.1399 0.2954 -0.0286 -0.0343 -0.0019 12 ARG A CG  
76  C CD  . ARG A 12 ? 0.1520 0.1735 0.3337 -0.0300 -0.0338 -0.0084 12 ARG A CD  
77  N NE  . ARG A 12 ? 0.1829 0.2071 0.3621 -0.0311 -0.0357 -0.0103 12 ARG A NE  
78  C CZ  . ARG A 12 ? 0.2181 0.2452 0.4009 -0.0338 -0.0349 -0.0166 12 ARG A CZ  
79  N NH1 . ARG A 12 ? 0.2204 0.2476 0.4106 -0.0348 -0.0308 -0.0221 12 ARG A NH1 
80  N NH2 . ARG A 12 ? 0.2545 0.2838 0.4337 -0.0359 -0.0377 -0.0173 12 ARG A NH2 
81  N N   . GLY A 13 ? 0.1256 0.1285 0.2843 -0.0249 -0.0330 0.0121  13 GLY A N   
82  C CA  . GLY A 13 ? 0.1245 0.1218 0.2857 -0.0226 -0.0325 0.0165  13 GLY A CA  
83  C C   . GLY A 13 ? 0.1445 0.1431 0.3165 -0.0222 -0.0343 0.0145  13 GLY A C   
84  O O   . GLY A 13 ? 0.1154 0.1203 0.2955 -0.0230 -0.0360 0.0098  13 GLY A O   
85  N N   . LEU A 14 ? 0.1974 0.2137 0.2725 -0.0495 -0.0603 0.0087  14 LEU A N   
86  C CA  . LEU A 14 ? 0.1612 0.1730 0.2113 -0.0465 -0.0572 0.0033  14 LEU A CA  
87  C C   . LEU A 14 ? 0.1654 0.1813 0.2072 -0.0425 -0.0463 0.0054  14 LEU A C   
88  O O   . LEU A 14 ? 0.1510 0.1682 0.2002 -0.0434 -0.0420 0.0078  14 LEU A O   
89  C CB  . LEU A 14 ? 0.2372 0.2309 0.2690 -0.0495 -0.0565 -0.0110 14 LEU A CB  
90  C CG  . LEU A 14 ? 0.3309 0.3195 0.3324 -0.0538 -0.0599 -0.0148 14 LEU A CG  
91  C CD1 . LEU A 14 ? 0.3327 0.3217 0.3300 -0.0650 -0.0761 -0.0119 14 LEU A CD1 
92  C CD2 . LEU A 14 ? 0.3515 0.3225 0.3305 -0.0564 -0.0483 -0.0310 14 LEU A CD2 
93  N N   . ARG A 15 ? 0.1398 0.1579 0.1705 -0.0398 -0.0431 0.0072  15 ARG A N   
94  C CA  . ARG A 15 ? 0.1354 0.1534 0.1558 -0.0378 -0.0321 0.0071  15 ARG A CA  
95  C C   . ARG A 15 ? 0.1559 0.1654 0.1646 -0.0364 -0.0288 0.0009  15 ARG A C   
96  O O   . ARG A 15 ? 0.1674 0.1678 0.1674 -0.0360 -0.0309 -0.0065 15 ARG A O   
97  C CB  . ARG A 15 ? 0.1437 0.1623 0.1619 -0.0340 -0.0282 0.0102  15 ARG A CB  
98  C CG  . ARG A 15 ? 0.1794 0.1938 0.1865 -0.0331 -0.0156 0.0081  15 ARG A CG  
99  C CD  . ARG A 15 ? 0.1972 0.2108 0.2155 -0.0292 -0.0072 0.0124  15 ARG A CD  
100 N NE  . ARG A 15 ? 0.2454 0.2524 0.2554 -0.0326 0.0093  0.0072  15 ARG A NE  
101 C CZ  . ARG A 15 ? 0.2315 0.2314 0.2496 -0.0293 0.0218  0.0074  15 ARG A CZ  
102 N NH1 . ARG A 15 ? 0.2865 0.2890 0.3296 -0.0215 0.0185  0.0176  15 ARG A NH1 
103 N NH2 . ARG A 15 ? 0.2663 0.2563 0.2698 -0.0364 0.0370  -0.0006 15 ARG A NH2 
104 N N   . GLY A 16 ? 0.1344 0.1467 0.1426 -0.0383 -0.0226 0.0040  16 GLY A N   
105 C CA  . GLY A 16 ? 0.1377 0.1449 0.1440 -0.0365 -0.0179 0.0017  16 GLY A CA  
106 C C   . GLY A 16 ? 0.1479 0.1468 0.1330 -0.0322 -0.0132 -0.0052 16 GLY A C   
107 O O   . GLY A 16 ? 0.1509 0.1497 0.1253 -0.0311 -0.0152 -0.0043 16 GLY A O   
108 N N   . GLU A 17 ? 0.1552 0.1483 0.1398 -0.0304 -0.0062 -0.0096 17 GLU A N   
109 C CA  . GLU A 17 ? 0.1956 0.1820 0.1573 -0.0292 -0.0006 -0.0151 17 GLU A CA  
110 C C   . GLU A 17 ? 0.1611 0.1519 0.1162 -0.0286 0.0018  -0.0078 17 GLU A C   
111 O O   . GLU A 17 ? 0.1501 0.1469 0.1156 -0.0313 0.0021  -0.0011 17 GLU A O   
112 C CB  . GLU A 17 ? 0.2223 0.1999 0.1877 -0.0285 0.0118  -0.0239 17 GLU A CB  
113 C CG  . GLU A 17 ? 0.2238 0.2080 0.2211 -0.0259 0.0180  -0.0151 17 GLU A CG  
114 C CD  . GLU A 17 ? 0.3392 0.3156 0.3464 -0.0231 0.0359  -0.0222 17 GLU A CD  
115 O OE1 . GLU A 17 ? 0.4499 0.4124 0.4331 -0.0256 0.0456  -0.0384 17 GLU A OE1 
116 O OE2 . GLU A 17 ? 0.3340 0.3186 0.3734 -0.0209 0.0409  -0.0105 17 GLU A OE2 
117 N N   . PRO A 18 ? 0.1712 0.1587 0.1076 -0.0281 0.0028  -0.0078 18 PRO A N   
118 C CA  . PRO A 18 ? 0.1672 0.1557 0.1003 -0.0278 0.0070  -0.0018 18 PRO A CA  
119 C C   . PRO A 18 ? 0.1639 0.1541 0.1033 -0.0290 0.0138  -0.0002 18 PRO A C   
120 O O   . PRO A 18 ? 0.1691 0.1586 0.1155 -0.0275 0.0193  -0.0038 18 PRO A O   
121 C CB  . PRO A 18 ? 0.1822 0.1680 0.0984 -0.0281 0.0053  0.0006  18 PRO A CB  
122 C CG  . PRO A 18 ? 0.2571 0.2430 0.1673 -0.0312 -0.0042 -0.0009 18 PRO A CG  
123 C CD  . PRO A 18 ? 0.1959 0.1790 0.1126 -0.0315 -0.0016 -0.0111 18 PRO A CD  
124 N N   . GLY A 19 ? 0.1161 0.1307 0.0785 0.0369  0.0056  -0.0071 19 GLY A N   
125 C CA  . GLY A 19 ? 0.0957 0.1053 0.0575 0.0364  0.0063  -0.0029 19 GLY A CA  
126 C C   . GLY A 19 ? 0.0786 0.0813 0.0377 0.0356  0.0042  -0.0038 19 GLY A C   
127 O O   . GLY A 19 ? 0.1111 0.1118 0.0672 0.0350  0.0015  -0.0066 19 GLY A O   
128 N N   . PRO A 20 ? 0.1105 0.1101 0.0703 0.0357  0.0058  -0.0013 20 PRO A N   
129 C CA  . PRO A 20 ? 0.0890 0.0839 0.0468 0.0344  0.0058  -0.0022 20 PRO A CA  
130 C C   . PRO A 20 ? 0.0678 0.0648 0.0269 0.0347  0.0027  -0.0018 20 PRO A C   
131 O O   . PRO A 20 ? 0.0626 0.0650 0.0255 0.0362  0.0005  -0.0011 20 PRO A O   
132 C CB  . PRO A 20 ? 0.1476 0.1411 0.1074 0.0355  0.0090  -0.0001 20 PRO A CB  
133 C CG  . PRO A 20 ? 0.1449 0.1433 0.1066 0.0381  0.0082  0.0031  20 PRO A CG  
134 C CD  . PRO A 20 ? 0.1196 0.1204 0.0809 0.0379  0.0080  0.0023  20 PRO A CD  
135 N N   . HYP A 21 ? 0.0994 0.0916 0.0544 0.0332  0.0033  -0.0027 21 HYP A N   
136 C CA  . HYP A 21 ? 0.0849 0.0767 0.0397 0.0339  0.0016  -0.0022 21 HYP A CA  
137 C C   . HYP A 21 ? 0.0711 0.0674 0.0311 0.0359  0.0012  -0.0003 21 HYP A C   
138 O O   . HYP A 21 ? 0.1627 0.1611 0.1244 0.0361  0.0027  0.0011  21 HYP A O   
139 C CB  . HYP A 21 ? 0.1325 0.1174 0.0798 0.0314  0.0044  -0.0028 21 HYP A CB  
140 C CG  . HYP A 21 ? 0.1861 0.1676 0.1283 0.0292  0.0058  -0.0051 21 HYP A CG  
141 C CD  . HYP A 21 ? 0.1556 0.1413 0.1044 0.0307  0.0067  -0.0047 21 HYP A CD  
142 O OD1 . HYP A 21 ? 0.2194 0.1989 0.1561 0.0287  0.0018  -0.0065 21 HYP A OD1 
143 N N   . GLY A 22 ? 0.0854 0.0828 0.0467 0.0374  -0.0011 -0.0011 22 GLY A N   
144 C CA  . GLY A 22 ? 0.0873 0.0881 0.0518 0.0365  -0.0013 -0.0011 22 GLY A CA  
145 C C   . GLY A 22 ? 0.0771 0.0755 0.0381 0.0383  0.0003  0.0004  22 GLY A C   
146 O O   . GLY A 22 ? 0.0856 0.0792 0.0424 0.0368  0.0036  0.0007  22 GLY A O   
147 N N   . PRO A 23 ? 0.0722 0.0744 0.0348 0.0388  -0.0004 -0.0001 23 PRO A N   
148 C CA  . PRO A 23 ? 0.0686 0.0705 0.0288 0.0406  0.0021  0.0003  23 PRO A CA  
149 C C   . PRO A 23 ? 0.0761 0.0706 0.0304 0.0403  0.0038  -0.0004 23 PRO A C   
150 O O   . PRO A 23 ? 0.0889 0.0789 0.0399 0.0408  0.0003  -0.0011 23 PRO A O   
151 C CB  . PRO A 23 ? 0.1083 0.1166 0.0706 0.0426  -0.0011 -0.0017 23 PRO A CB  
152 C CG  . PRO A 23 ? 0.1038 0.1142 0.0680 0.0397  -0.0021 -0.0028 23 PRO A CG  
153 C CD  . PRO A 23 ? 0.1160 0.1228 0.0826 0.0379  -0.0023 -0.0019 23 PRO A CD  
154 N N   . HYP A 24 ? 0.0977 0.0906 0.0521 0.0398  0.0105  -0.0001 24 HYP A N   
155 C CA  . HYP A 24 ? 0.0926 0.0763 0.0408 0.0362  0.0124  0.0015  24 HYP A CA  
156 C C   . HYP A 24 ? 0.0968 0.0783 0.0477 0.0360  0.0053  0.0007  24 HYP A C   
157 O O   . HYP A 24 ? 0.0870 0.0759 0.0468 0.0375  0.0009  -0.0017 24 HYP A O   
158 C CB  . HYP A 24 ? 0.1007 0.0863 0.0576 0.0323  0.0212  0.0029  24 HYP A CB  
159 C CG  . HYP A 24 ? 0.1386 0.1315 0.1015 0.0352  0.0254  0.0015  24 HYP A CG  
160 C CD  . HYP A 24 ? 0.1784 0.1774 0.1447 0.0393  0.0165  0.0004  24 HYP A CD  
161 O OD1 . HYP A 24 ? 0.1692 0.1562 0.1228 0.0328  0.0270  0.0013  24 HYP A OD1 
162 N N   . GLY A 25 ? 0.1045 0.0747 0.0465 0.0342  0.0037  0.0026  25 GLY A N   
163 C CA  . GLY A 25 ? 0.1081 0.0735 0.0525 0.0346  -0.0030 0.0011  25 GLY A CA  
164 C C   . GLY A 25 ? 0.1618 0.1276 0.1177 0.0297  -0.0021 0.0013  25 GLY A C   
165 O O   . GLY A 25 ? 0.1289 0.1000 0.0929 0.0261  0.0044  0.0030  25 GLY A O   
166 N N   . PRO A 26 ? 0.2027 0.1626 0.1612 0.0295  -0.0083 -0.0010 26 PRO A N   
167 C CA  . PRO A 26 ? 0.1345 0.0934 0.1050 0.0238  -0.0086 -0.0014 26 PRO A CA  
168 C C   . PRO A 26 ? 0.1848 0.1333 0.1534 0.0171  -0.0023 0.0049  26 PRO A C   
169 O O   . PRO A 26 ? 0.2018 0.1387 0.1558 0.0175  -0.0010 0.0092  26 PRO A O   
170 C CB  . PRO A 26 ? 0.2087 0.1611 0.1791 0.0261  -0.0173 -0.0066 26 PRO A CB  
171 C CG  . PRO A 26 ? 0.1771 0.1309 0.1380 0.0337  -0.0203 -0.0094 26 PRO A CG  
172 C CD  . PRO A 26 ? 0.1564 0.1104 0.1087 0.0346  -0.0152 -0.0043 26 PRO A CD  
173 N N   . HYP A 27 ? 0.3165 0.2690 0.2996 0.0106  0.0013  0.0057  27 HYP A N   
174 C CA  . HYP A 27 ? 0.2665 0.2087 0.2486 0.0028  0.0089  0.0120  27 HYP A CA  
175 C C   . HYP A 27 ? 0.3118 0.2339 0.2840 0.0012  0.0033  0.0146  27 HYP A C   
176 O O   . HYP A 27 ? 0.3559 0.2746 0.3322 0.0041  -0.0060 0.0096  27 HYP A O   
177 C CB  . HYP A 27 ? 0.2871 0.2397 0.2924 -0.0042 0.0128  0.0112  27 HYP A CB  
178 C CG  . HYP A 27 ? 0.1884 0.1595 0.2061 0.0010  0.0085  0.0055  27 HYP A CG  
179 C CD  . HYP A 27 ? 0.2633 0.2297 0.2664 0.0087  -0.0012 0.0016  27 HYP A CD  
180 O OD1 . HYP A 27 ? 0.2920 0.2737 0.3127 0.0029  0.0166  0.0067  27 HYP A OD1 
181 N N   . GLY A 28 ? 0.3999 0.3079 0.3582 -0.0028 0.0090  0.0224  28 GLY A N   
182 C CA  . GLY A 28 ? 0.3288 0.2159 0.2775 -0.0042 0.0034  0.0268  28 GLY A CA  
183 C C   . GLY A 28 ? 0.4053 0.2855 0.3689 -0.0120 0.0028  0.0271  28 GLY A C   
184 O O   . GLY A 28 ? 0.4164 0.3086 0.3975 -0.0183 0.0085  0.0256  28 GLY A O   
185 C C   . ACE B 1  ? 0.2677 0.2765 0.2024 -0.1269 -0.0600 0.0308  1  ACE B C   
186 O O   . ACE B 1  ? 0.1295 0.3703 0.2091 -0.0800 -0.0319 0.0470  1  ACE B O   
187 C CH3 . ACE B 1  ? 0.1384 0.3684 0.2175 -0.0884 -0.0389 0.0483  1  ACE B CH3 
188 N N   . PRO B 2  ? 0.3294 0.2119 0.1962 -0.0859 -0.0088 -0.0130 2  PRO B N   
189 C CA  . PRO B 2  ? 0.3336 0.2364 0.2133 -0.0832 -0.0118 -0.0085 2  PRO B CA  
190 C C   . PRO B 2  ? 0.3119 0.2293 0.2110 -0.0876 -0.0129 -0.0015 2  PRO B C   
191 O O   . PRO B 2  ? 0.3082 0.2178 0.2133 -0.0914 -0.0119 -0.0010 2  PRO B O   
192 C CB  . PRO B 2  ? 0.3443 0.2389 0.2214 -0.0782 -0.0180 -0.0102 2  PRO B CB  
193 C CG  . PRO B 2  ? 0.4127 0.2800 0.2678 -0.0795 -0.0190 -0.0153 2  PRO B CG  
194 C CD  . PRO B 2  ? 0.3897 0.2504 0.2428 -0.0857 -0.0115 -0.0167 2  PRO B CD  
195 N N   . HYP B 3  ? 0.3408 0.2772 0.2495 -0.0881 -0.0130 0.0032  3  HYP B N   
196 C CA  . HYP B 3  ? 0.2934 0.2436 0.2208 -0.0924 -0.0149 0.0109  3  HYP B CA  
197 C C   . HYP B 3  ? 0.2900 0.2376 0.2279 -0.0905 -0.0177 0.0108  3  HYP B C   
198 O O   . HYP B 3  ? 0.3203 0.2607 0.2522 -0.0859 -0.0208 0.0069  3  HYP B O   
199 C CB  . HYP B 3  ? 0.3083 0.2749 0.2377 -0.0943 -0.0131 0.0148  3  HYP B CB  
200 C CG  . HYP B 3  ? 0.3388 0.2999 0.2488 -0.0937 -0.0083 0.0091  3  HYP B CG  
201 C CD  . HYP B 3  ? 0.3418 0.2869 0.2453 -0.0865 -0.0093 0.0017  3  HYP B CD  
202 O OD1 . HYP B 3  ? 0.4127 0.3719 0.3112 -0.1014 -0.0091 0.0120  3  HYP B OD1 
203 N N   . GLY B 4  ? 0.2825 0.2341 0.2366 -0.0951 -0.0177 0.0157  4  GLY B N   
204 C CA  . GLY B 4  ? 0.2826 0.2298 0.2437 -0.0956 -0.0195 0.0151  4  GLY B CA  
205 C C   . GLY B 4  ? 0.2777 0.2408 0.2493 -0.0921 -0.0234 0.0183  4  GLY B C   
206 O O   . GLY B 4  ? 0.2739 0.2519 0.2496 -0.0910 -0.0217 0.0213  4  GLY B O   
207 N N   . PRO B 5  ? 0.2805 0.2392 0.2566 -0.0922 -0.0280 0.0177  5  PRO B N   
208 C CA  . PRO B 5  ? 0.2964 0.2730 0.2906 -0.0895 -0.0309 0.0215  5  PRO B CA  
209 C C   . PRO B 5  ? 0.2610 0.2559 0.2746 -0.0929 -0.0271 0.0285  5  PRO B C   
210 O O   . PRO B 5  ? 0.2627 0.2567 0.2816 -0.0979 -0.0243 0.0318  5  PRO B O   
211 C CB  . PRO B 5  ? 0.2839 0.2465 0.2751 -0.0904 -0.0395 0.0195  5  PRO B CB  
212 C CG  . PRO B 5  ? 0.3591 0.2973 0.3271 -0.0961 -0.0351 0.0146  5  PRO B CG  
213 C CD  . PRO B 5  ? 0.3927 0.3396 0.3714 -0.0984 -0.0276 0.0170  5  PRO B CD  
214 N N   . HYP B 6  ? 0.2571 0.2681 0.2839 -0.0906 -0.0262 0.0312  6  HYP B N   
215 C CA  . HYP B 6  ? 0.2597 0.2871 0.3037 -0.0946 -0.0233 0.0384  6  HYP B CA  
216 C C   . HYP B 6  ? 0.2559 0.2817 0.3145 -0.0970 -0.0268 0.0402  6  HYP B C   
217 O O   . HYP B 6  ? 0.2704 0.2849 0.3257 -0.0956 -0.0322 0.0357  6  HYP B O   
218 C CB  . HYP B 6  ? 0.2553 0.2963 0.3089 -0.0923 -0.0188 0.0386  6  HYP B CB  
219 C CG  . HYP B 6  ? 0.3273 0.3609 0.3686 -0.0875 -0.0163 0.0316  6  HYP B CG  
220 C CD  . HYP B 6  ? 0.2945 0.3107 0.3250 -0.0849 -0.0251 0.0279  6  HYP B CD  
221 O OD1 . HYP B 6  ? 0.3479 0.3804 0.3712 -0.0912 -0.0091 0.0313  6  HYP B OD1 
222 N N   . GLY B 7  ? 0.2413 0.2759 0.3142 -0.1019 -0.0244 0.0471  7  GLY B N   
223 C CA  . GLY B 7  ? 0.2423 0.2770 0.3319 -0.1046 -0.0251 0.0485  7  GLY B CA  
224 C C   . GLY B 7  ? 0.2412 0.2861 0.3423 -0.1017 -0.0280 0.0482  7  GLY B C   
225 O O   . GLY B 7  ? 0.2735 0.3286 0.3765 -0.0981 -0.0266 0.0484  7  GLY B O   
226 N N   . LEU B 8  ? 0.2299 0.2703 0.3400 -0.1040 -0.0311 0.0470  8  LEU B N   
227 C CA  . LEU B 8  ? 0.2898 0.3405 0.4163 -0.1019 -0.0354 0.0477  8  LEU B CA  
228 C C   . LEU B 8  ? 0.2605 0.3321 0.4084 -0.1026 -0.0291 0.0547  8  LEU B C   
229 O O   . LEU B 8  ? 0.2118 0.2872 0.3632 -0.1068 -0.0244 0.0604  8  LEU B O   
230 C CB  . LEU B 8  ? 0.2945 0.3321 0.4210 -0.1067 -0.0418 0.0449  8  LEU B CB  
231 C CG  . LEU B 8  ? 0.3427 0.3627 0.4526 -0.1063 -0.0542 0.0399  8  LEU B CG  
232 C CD1 . LEU B 8  ? 0.3610 0.3693 0.4481 -0.1031 -0.0541 0.0365  8  LEU B CD1 
233 C CD2 . LEU B 8  ? 0.3805 0.3779 0.4757 -0.1162 -0.0595 0.0366  8  LEU B CD2 
234 N N   . PRO B 9  ? 0.2801 0.2203 0.3477 -0.0672 0.0686  0.0640  9  PRO B N   
235 C CA  . PRO B 9  ? 0.2382 0.1730 0.3029 -0.0640 0.0624  0.0533  9  PRO B CA  
236 C C   . PRO B 9  ? 0.2840 0.2238 0.3430 -0.0639 0.0663  0.0489  9  PRO B C   
237 O O   . PRO B 9  ? 0.2934 0.2367 0.3406 -0.0658 0.0741  0.0547  9  PRO B O   
238 C CB  . PRO B 9  ? 0.3005 0.2291 0.3591 -0.0606 0.0579  0.0570  9  PRO B CB  
239 C CG  . PRO B 9  ? 0.3134 0.2413 0.3781 -0.0612 0.0598  0.0682  9  PRO B CG  
240 C CD  . PRO B 9  ? 0.3551 0.2892 0.4217 -0.0663 0.0658  0.0729  9  PRO B CD  
241 N N   . GLY B 10 ? 0.2599 0.1962 0.3231 -0.0627 0.0615  0.0385  10 GLY B N   
242 C CA  . GLY B 10 ? 0.2369 0.1748 0.2991 -0.0621 0.0661  0.0326  10 GLY B CA  
243 C C   . GLY B 10 ? 0.2175 0.1488 0.2578 -0.0618 0.0664  0.0328  10 GLY B C   
244 O O   . GLY B 10 ? 0.2032 0.1318 0.2357 -0.0614 0.0596  0.0391  10 GLY B O   
245 N N   . GLU B 11 ? 0.2216 0.1527 0.2522 -0.0602 0.0710  0.0254  11 GLU B N   
246 C CA  . GLU B 11 ? 0.2289 0.1533 0.2326 -0.0600 0.0652  0.0224  11 GLU B CA  
247 C C   . GLU B 11 ? 0.2034 0.1219 0.2118 -0.0584 0.0528  0.0187  11 GLU B C   
248 O O   . GLU B 11 ? 0.2277 0.1438 0.2511 -0.0571 0.0502  0.0143  11 GLU B O   
249 C CB  . GLU B 11 ? 0.2919 0.2131 0.2813 -0.0574 0.0749  0.0121  11 GLU B CB  
250 C CG  . GLU B 11 ? 0.3630 0.2739 0.3371 -0.0556 0.0671  0.0019  11 GLU B CG  
251 C CD  . GLU B 11 ? 0.4557 0.3578 0.4154 -0.0526 0.0818  -0.0096 11 GLU B CD  
252 O OE1 . GLU B 11 ? 0.4889 0.3749 0.4109 -0.0571 0.0804  -0.0150 11 GLU B OE1 
253 O OE2 . GLU B 11 ? 0.4767 0.3859 0.4641 -0.0465 0.0955  -0.0128 11 GLU B OE2 
254 N N   . ARG B 12 ? 0.2196 0.1340 0.2146 -0.0604 0.0447  0.0226  12 ARG B N   
255 C CA  . ARG B 12 ? 0.2125 0.1215 0.2143 -0.0592 0.0370  0.0206  12 ARG B CA  
256 C C   . ARG B 12 ? 0.2190 0.1226 0.2166 -0.0563 0.0348  0.0080  12 ARG B C   
257 O O   . ARG B 12 ? 0.2081 0.1111 0.1957 -0.0550 0.0382  0.0010  12 ARG B O   
258 C CB  . ARG B 12 ? 0.2812 0.1904 0.2784 -0.0628 0.0275  0.0299  12 ARG B CB  
259 C CG  . ARG B 12 ? 0.1963 0.1008 0.2038 -0.0620 0.0225  0.0290  12 ARG B CG  
260 C CD  . ARG B 12 ? 0.3079 0.2154 0.3157 -0.0676 0.0094  0.0387  12 ARG B CD  
261 N NE  . ARG B 12 ? 0.4370 0.3366 0.4202 -0.0710 0.0016  0.0278  12 ARG B NE  
262 C CZ  . ARG B 12 ? 0.4385 0.3339 0.3990 -0.0796 -0.0106 0.0302  12 ARG B CZ  
263 N NH1 . ARG B 12 ? 0.3693 0.2707 0.3293 -0.0864 -0.0204 0.0462  12 ARG B NH1 
264 N NH2 . ARG B 12 ? 0.4421 0.3236 0.3775 -0.0827 -0.0143 0.0169  12 ARG B NH2 
265 N N   . GLY B 13 ? 0.1883 0.0850 0.1926 -0.0554 0.0311  0.0057  13 GLY B N   
266 C CA  . GLY B 13 ? 0.1895 0.0801 0.1926 -0.0532 0.0264  -0.0026 13 GLY B CA  
267 C C   . GLY B 13 ? 0.1985 0.0845 0.1902 -0.0530 0.0219  -0.0069 13 GLY B C   
268 O O   . GLY B 13 ? 0.2046 0.0912 0.1877 -0.0569 0.0186  -0.0025 13 GLY B O   
269 N N   . LEU B 14 ? 0.1251 0.1450 0.2911 -0.0229 0.0372  0.0157  14 LEU B N   
270 C CA  . LEU B 14 ? 0.1246 0.1466 0.2601 -0.0203 0.0318  0.0157  14 LEU B CA  
271 C C   . LEU B 14 ? 0.0953 0.1130 0.2203 -0.0173 0.0213  0.0145  14 LEU B C   
272 O O   . LEU B 14 ? 0.1059 0.1189 0.2445 -0.0175 0.0191  0.0065  14 LEU B O   
273 C CB  . LEU B 14 ? 0.1308 0.1587 0.2684 -0.0185 0.0320  0.0034  14 LEU B CB  
274 C CG  . LEU B 14 ? 0.1319 0.1652 0.2896 -0.0205 0.0452  0.0026  14 LEU B CG  
275 C CD1 . LEU B 14 ? 0.2011 0.2439 0.3823 -0.0172 0.0410  -0.0056 14 LEU B CD1 
276 C CD2 . LEU B 14 ? 0.1624 0.1911 0.2957 -0.0246 0.0604  0.0078  14 LEU B CD2 
277 N N   . ARG B 15 ? 0.1008 0.1195 0.2004 -0.0173 0.0167  0.0212  15 ARG B N   
278 C CA  . ARG B 15 ? 0.0936 0.1097 0.1859 -0.0144 0.0074  0.0193  15 ARG B CA  
279 C C   . ARG B 15 ? 0.0824 0.0965 0.1731 -0.0115 0.0035  0.0021  15 ARG B C   
280 O O   . ARG B 15 ? 0.1069 0.1249 0.1975 -0.0110 0.0047  -0.0050 15 ARG B O   
281 C CB  . ARG B 15 ? 0.1213 0.1408 0.1845 -0.0181 0.0017  0.0269  15 ARG B CB  
282 C CG  . ARG B 15 ? 0.1744 0.1939 0.2410 -0.0162 -0.0078 0.0326  15 ARG B CG  
283 C CD  . ARG B 15 ? 0.1816 0.2054 0.2173 -0.0224 -0.0155 0.0347  15 ARG B CD  
284 N NE  . ARG B 15 ? 0.1906 0.2169 0.2371 -0.0208 -0.0250 0.0423  15 ARG B NE  
285 C CZ  . ARG B 15 ? 0.2318 0.2657 0.2601 -0.0291 -0.0356 0.0505  15 ARG B CZ  
286 N NH1 . ARG B 15 ? 0.2639 0.3008 0.2541 -0.0419 -0.0363 0.0488  15 ARG B NH1 
287 N NH2 . ARG B 15 ? 0.1662 0.2044 0.2156 -0.0267 -0.0437 0.0594  15 ARG B NH2 
288 N N   . GLY B 16 ? 0.0778 0.0863 0.1703 -0.0106 -0.0003 -0.0023 16 GLY B N   
289 C CA  . GLY B 16 ? 0.0742 0.0809 0.1586 -0.0112 -0.0058 -0.0149 16 GLY B CA  
290 C C   . GLY B 16 ? 0.1203 0.1296 0.1866 -0.0074 -0.0109 -0.0159 16 GLY B C   
291 O O   . GLY B 16 ? 0.0755 0.0858 0.1304 -0.0065 -0.0093 -0.0108 16 GLY B O   
292 N N   . GLU B 17 ? 0.0887 0.0989 0.1521 -0.0078 -0.0172 -0.0219 17 GLU B N   
293 C CA  . GLU B 17 ? 0.0900 0.1004 0.1445 -0.0035 -0.0200 -0.0220 17 GLU B CA  
294 C C   . GLU B 17 ? 0.0703 0.0731 0.1084 -0.0027 -0.0209 -0.0227 17 GLU B C   
295 O O   . GLU B 17 ? 0.0788 0.0766 0.1165 -0.0051 -0.0207 -0.0235 17 GLU B O   
296 C CB  . GLU B 17 ? 0.1017 0.1174 0.1631 -0.0049 -0.0293 -0.0217 17 GLU B CB  
297 C CG  . GLU B 17 ? 0.2101 0.2373 0.2923 -0.0096 -0.0333 -0.0196 17 GLU B CG  
298 C CD  . GLU B 17 ? 0.3472 0.3866 0.4559 -0.0057 -0.0380 -0.0110 17 GLU B CD  
299 O OE1 . GLU B 17 ? 0.3402 0.3935 0.4670 -0.0124 -0.0496 -0.0052 17 GLU B OE1 
300 O OE2 . GLU B 17 ? 0.3442 0.3795 0.4593 0.0025  -0.0295 -0.0096 17 GLU B OE2 
301 N N   . PRO B 18 ? 0.0728 0.0735 0.1017 -0.0004 -0.0193 -0.0235 18 PRO B N   
302 C CA  . PRO B 18 ? 0.0736 0.0687 0.0902 -0.0009 -0.0216 -0.0242 18 PRO B CA  
303 C C   . PRO B 18 ? 0.0728 0.0630 0.0877 -0.0010 -0.0257 -0.0266 18 PRO B C   
304 O O   . PRO B 18 ? 0.0853 0.0776 0.1028 -0.0017 -0.0299 -0.0264 18 PRO B O   
305 C CB  . PRO B 18 ? 0.0882 0.0801 0.0970 -0.0007 -0.0167 -0.0282 18 PRO B CB  
306 C CG  . PRO B 18 ? 0.0880 0.0830 0.1010 -0.0024 -0.0079 -0.0293 18 PRO B CG  
307 C CD  . PRO B 18 ? 0.0975 0.0990 0.1296 0.0009  -0.0112 -0.0254 18 PRO B CD  
308 N N   . GLY B 19 ? 0.0562 0.0791 0.0418 0.0166  -0.0216 0.0066  19 GLY B N   
309 C CA  . GLY B 19 ? 0.0888 0.1064 0.0780 0.0186  -0.0203 -0.0001 19 GLY B CA  
310 C C   . GLY B 19 ? 0.0437 0.0642 0.0335 0.0222  -0.0156 -0.0080 19 GLY B C   
311 O O   . GLY B 19 ? 0.0848 0.1112 0.0737 0.0246  -0.0131 -0.0097 19 GLY B O   
312 N N   . PRO B 20 ? 0.0505 0.0665 0.0408 0.0234  -0.0154 -0.0125 20 PRO B N   
313 C CA  . PRO B 20 ? 0.1007 0.1172 0.0901 0.0259  -0.0137 -0.0164 20 PRO B CA  
314 C C   . PRO B 20 ? 0.0414 0.0538 0.0283 0.0262  -0.0123 -0.0159 20 PRO B C   
315 O O   . PRO B 20 ? 0.0421 0.0526 0.0272 0.0264  -0.0120 -0.0149 20 PRO B O   
316 C CB  . PRO B 20 ? 0.1071 0.1227 0.0973 0.0263  -0.0152 -0.0181 20 PRO B CB  
317 C CG  . PRO B 20 ? 0.1709 0.1829 0.1609 0.0260  -0.0163 -0.0180 20 PRO B CG  
318 C CD  . PRO B 20 ? 0.0733 0.0854 0.0651 0.0229  -0.0183 -0.0138 20 PRO B CD  
319 N N   . HYP B 21 ? 0.0539 0.0649 0.0406 0.0269  -0.0135 -0.0171 21 HYP B N   
320 C CA  . HYP B 21 ? 0.0530 0.0601 0.0385 0.0271  -0.0148 -0.0172 21 HYP B CA  
321 C C   . HYP B 21 ? 0.0438 0.0520 0.0294 0.0261  -0.0141 -0.0153 21 HYP B C   
322 O O   . HYP B 21 ? 0.0894 0.1004 0.0755 0.0259  -0.0134 -0.0145 21 HYP B O   
323 C CB  . HYP B 21 ? 0.0521 0.0547 0.0374 0.0284  -0.0195 -0.0183 21 HYP B CB  
324 C CG  . HYP B 21 ? 0.0544 0.0606 0.0397 0.0315  -0.0199 -0.0220 21 HYP B CG  
325 C CD  . HYP B 21 ? 0.0483 0.0604 0.0351 0.0297  -0.0164 -0.0201 21 HYP B CD  
326 O OD1 . HYP B 21 ? 0.0875 0.0973 0.0735 0.0324  -0.0192 -0.0233 21 HYP B OD1 
327 N N   . GLY B 22 ? 0.0448 0.0540 0.0309 0.0260  -0.0150 -0.0148 22 GLY B N   
328 C CA  . GLY B 22 ? 0.0646 0.0797 0.0526 0.0247  -0.0152 -0.0125 22 GLY B CA  
329 C C   . GLY B 22 ? 0.0566 0.0755 0.0474 0.0206  -0.0177 -0.0069 22 GLY B C   
330 O O   . GLY B 22 ? 0.0585 0.0730 0.0496 0.0187  -0.0208 -0.0045 22 GLY B O   
331 N N   . PRO B 23 ? 0.0989 0.1276 0.0913 0.0196  -0.0175 -0.0045 23 PRO B N   
332 C CA  . PRO B 23 ? 0.0586 0.0934 0.0523 0.0148  -0.0211 0.0024  23 PRO B CA  
333 C C   . PRO B 23 ? 0.1031 0.1330 0.1004 0.0088  -0.0299 0.0077  23 PRO B C   
334 O O   . PRO B 23 ? 0.0919 0.1226 0.0927 0.0080  -0.0307 0.0064  23 PRO B O   
335 C CB  . PRO B 23 ? 0.0494 0.1008 0.0435 0.0178  -0.0166 0.0002  23 PRO B CB  
336 C CG  . PRO B 23 ? 0.0996 0.1505 0.0945 0.0220  -0.0152 -0.0056 23 PRO B CG  
337 C CD  . PRO B 23 ? 0.0448 0.0803 0.0366 0.0239  -0.0148 -0.0088 23 PRO B CD  
338 N N   . HYP B 24 ? 0.1052 0.1337 0.0982 0.0094  -0.0347 0.0104  24 HYP B N   
339 C CA  . HYP B 24 ? 0.0711 0.1051 0.0675 0.0059  -0.0381 0.0145  24 HYP B CA  
340 C C   . HYP B 24 ? 0.0961 0.1436 0.1022 0.0008  -0.0397 0.0124  24 HYP B C   
341 O O   . HYP B 24 ? 0.1246 0.1858 0.1329 -0.0001 -0.0350 0.0124  24 HYP B O   
342 C CB  . HYP B 24 ? 0.0854 0.1183 0.0768 -0.0009 -0.0404 0.0278  24 HYP B CB  
343 C CG  . HYP B 24 ? 0.1250 0.1516 0.1076 0.0071  -0.0384 0.0253  24 HYP B CG  
344 C CD  . HYP B 24 ? 0.1392 0.1692 0.1253 0.0095  -0.0339 0.0158  24 HYP B CD  
345 O OD1 . HYP B 24 ? 0.2176 0.2346 0.2005 0.0120  -0.0403 0.0244  24 HYP B OD1 
346 N N   . GLY B 25 ? 0.0722 0.1209 0.0860 -0.0035 -0.0450 0.0104  25 GLY B N   
347 C CA  . GLY B 25 ? 0.1023 0.1681 0.1306 -0.0094 -0.0481 0.0051  25 GLY B CA  
348 C C   . GLY B 25 ? 0.1389 0.2265 0.1758 -0.0272 -0.0475 0.0197  25 GLY B C   
349 O O   . GLY B 25 ? 0.1166 0.2052 0.1438 -0.0348 -0.0468 0.0368  25 GLY B O   
350 N N   . PRO B 26 ? 0.1713 0.2826 0.2269 -0.0358 -0.0470 0.0148  26 PRO B N   
351 C CA  . PRO B 26 ? 0.1764 0.3191 0.2433 -0.0572 -0.0413 0.0276  26 PRO B CA  
352 C C   . PRO B 26 ? 0.2376 0.3650 0.3068 -0.0816 -0.0456 0.0470  26 PRO B C   
353 O O   . PRO B 26 ? 0.1776 0.2760 0.2532 -0.0859 -0.0550 0.0428  26 PRO B O   
354 C CB  . PRO B 26 ? 0.1583 0.3194 0.2496 -0.0586 -0.0410 0.0125  26 PRO B CB  
355 C CG  . PRO B 26 ? 0.1719 0.3146 0.2575 -0.0347 -0.0464 -0.0015 26 PRO B CG  
356 C CD  . PRO B 26 ? 0.1307 0.2397 0.1988 -0.0253 -0.0512 -0.0029 26 PRO B CD  
357 N N   . HYP B 27 ? 0.2864 0.4259 0.3473 -0.0962 -0.0373 0.0675  27 HYP B N   
358 C CA  . HYP B 27 ? 0.2975 0.4046 0.3535 -0.1172 -0.0364 0.0890  27 HYP B CA  
359 C C   . HYP B 27 ? 0.3395 0.4380 0.4206 -0.1342 -0.0354 0.0808  27 HYP B C   
360 O O   . HYP B 27 ? 0.3417 0.4765 0.4433 -0.1365 -0.0286 0.0659  27 HYP B O   
361 C CB  . HYP B 27 ? 0.2931 0.4165 0.3287 -0.1225 -0.0217 0.1066  27 HYP B CB  
362 C CG  . HYP B 27 ? 0.2669 0.4305 0.2938 -0.1043 -0.0174 0.0965  27 HYP B CG  
363 C CD  . HYP B 27 ? 0.2451 0.4221 0.2950 -0.0920 -0.0243 0.0712  27 HYP B CD  
364 O OD1 . HYP B 27 ? 0.4003 0.5471 0.4010 -0.0881 -0.0228 0.1024  27 HYP B OD1 
365 N N   . GLY B 28 ? 0.4319 0.4820 0.5115 -0.1429 -0.0426 0.0886  28 GLY B N   
366 C CA  . GLY B 28 ? 0.4396 0.4748 0.5426 -0.1584 -0.0433 0.0784  28 GLY B CA  
367 C C   . GLY B 28 ? 0.4755 0.5509 0.6034 -0.1755 -0.0297 0.0721  28 GLY B C   
368 O O   . GLY B 28 ? 0.5050 0.6151 0.6541 -0.1689 -0.0312 0.0499  28 GLY B O   
369 C C   . ACE C 1  ? 0.2571 0.3191 0.4845 -0.1208 -0.0205 0.1401  1  ACE C C   
370 O O   . ACE C 1  ? 0.2680 0.3129 0.4134 -0.0925 -0.0588 0.0521  1  ACE C O   
371 C CH3 . ACE C 1  ? 0.2709 0.3161 0.4167 -0.0943 -0.0559 0.0485  1  ACE C CH3 
372 N N   . PRO C 2  ? 0.3103 0.3779 0.5031 -0.1390 -0.0459 0.0529  2  PRO C N   
373 C CA  . PRO C 2  ? 0.2557 0.3300 0.4453 -0.1354 -0.0456 0.0495  2  PRO C CA  
374 C C   . PRO C 2  ? 0.2697 0.3398 0.4517 -0.1320 -0.0467 0.0516  2  PRO C C   
375 O O   . PRO C 2  ? 0.2389 0.2987 0.4211 -0.1314 -0.0488 0.0537  2  PRO C O   
376 C CB  . PRO C 2  ? 0.2953 0.3699 0.4899 -0.1347 -0.0509 0.0446  2  PRO C CB  
377 C CG  . PRO C 2  ? 0.3304 0.3930 0.5223 -0.1383 -0.0547 0.0432  2  PRO C CG  
378 C CD  . PRO C 2  ? 0.3286 0.3870 0.5238 -0.1406 -0.0502 0.0482  2  PRO C CD  
379 N N   . HYP C 3  ? 0.2761 0.3538 0.4543 -0.1304 -0.0435 0.0504  3  HYP C N   
380 C CA  . HYP C 3  ? 0.2290 0.3042 0.4004 -0.1271 -0.0446 0.0521  3  HYP C CA  
381 C C   . HYP C 3  ? 0.2546 0.3199 0.4266 -0.1235 -0.0498 0.0488  3  HYP C C   
382 O O   . HYP C 3  ? 0.2471 0.3120 0.4216 -0.1241 -0.0532 0.0444  3  HYP C O   
383 C CB  . HYP C 3  ? 0.2774 0.3620 0.4458 -0.1272 -0.0389 0.0484  3  HYP C CB  
384 C CG  . HYP C 3  ? 0.2650 0.3570 0.4360 -0.1334 -0.0317 0.0466  3  HYP C CG  
385 C CD  . HYP C 3  ? 0.2822 0.3702 0.4627 -0.1328 -0.0360 0.0469  3  HYP C CD  
386 O OD1 . HYP C 3  ? 0.2962 0.3917 0.4564 -0.1401 -0.0287 0.0514  3  HYP C OD1 
387 N N   . GLY C 4  ? 0.2063 0.2648 0.3761 -0.1215 -0.0502 0.0516  4  GLY C N   
388 C CA  . GLY C 4  ? 0.2110 0.2570 0.3760 -0.1180 -0.0513 0.0458  4  GLY C CA  
389 C C   . GLY C 4  ? 0.2486 0.2984 0.4066 -0.1146 -0.0533 0.0406  4  GLY C C   
390 O O   . GLY C 4  ? 0.1971 0.2588 0.3586 -0.1137 -0.0527 0.0414  4  GLY C O   
391 N N   . PRO C 5  ? 0.2210 0.2603 0.3702 -0.1139 -0.0542 0.0352  5  PRO C N   
392 C CA  . PRO C 5  ? 0.2454 0.2880 0.3875 -0.1114 -0.0571 0.0325  5  PRO C CA  
393 C C   . PRO C 5  ? 0.2233 0.2717 0.3661 -0.1043 -0.0534 0.0346  5  PRO C C   
394 O O   . PRO C 5  ? 0.1981 0.2424 0.3401 -0.1014 -0.0493 0.0366  5  PRO C O   
395 C CB  . PRO C 5  ? 0.2616 0.2885 0.3901 -0.1143 -0.0558 0.0260  5  PRO C CB  
396 C CG  . PRO C 5  ? 0.2962 0.3126 0.4277 -0.1204 -0.0528 0.0235  5  PRO C CG  
397 C CD  . PRO C 5  ? 0.2563 0.2785 0.4024 -0.1166 -0.0505 0.0311  5  PRO C CD  
398 N N   . HYP C 6  ? 0.2086 0.2674 0.3563 -0.1023 -0.0548 0.0355  6  HYP C N   
399 C CA  . HYP C 6  ? 0.2313 0.2945 0.3797 -0.0968 -0.0498 0.0355  6  HYP C CA  
400 C C   . HYP C 6  ? 0.1863 0.2390 0.3227 -0.0923 -0.0483 0.0334  6  HYP C C   
401 O O   . HYP C 6  ? 0.1960 0.2396 0.3234 -0.0934 -0.0510 0.0307  6  HYP C O   
402 C CB  . HYP C 6  ? 0.2351 0.3084 0.3958 -0.0951 -0.0504 0.0371  6  HYP C CB  
403 C CG  . HYP C 6  ? 0.2730 0.3528 0.4457 -0.1006 -0.0551 0.0402  6  HYP C CG  
404 C CD  . HYP C 6  ? 0.2497 0.3183 0.4075 -0.1052 -0.0602 0.0380  6  HYP C CD  
405 O OD1 . HYP C 6  ? 0.3482 0.4353 0.5336 -0.1029 -0.0488 0.0400  6  HYP C OD1 
406 N N   . GLY C 7  ? 0.1803 0.2348 0.3163 -0.0893 -0.0436 0.0343  7  GLY C N   
407 C CA  . GLY C 7  ? 0.1968 0.2425 0.3260 -0.0849 -0.0414 0.0334  7  GLY C CA  
408 C C   . GLY C 7  ? 0.1832 0.2258 0.3064 -0.0810 -0.0414 0.0301  7  GLY C C   
409 O O   . GLY C 7  ? 0.1796 0.2298 0.3072 -0.0808 -0.0431 0.0307  7  GLY C O   
410 N N   . LEU C 8  ? 0.2007 0.2321 0.3166 -0.0784 -0.0386 0.0278  8  LEU C N   
411 C CA  . LEU C 8  ? 0.1952 0.2230 0.3027 -0.0759 -0.0381 0.0253  8  LEU C CA  
412 C C   . LEU C 8  ? 0.1802 0.2168 0.2936 -0.0706 -0.0353 0.0269  8  LEU C C   
413 O O   . LEU C 8  ? 0.1803 0.2222 0.2993 -0.0701 -0.0323 0.0283  8  LEU C O   
414 C CB  . LEU C 8  ? 0.2037 0.2158 0.3027 -0.0754 -0.0326 0.0210  8  LEU C CB  
415 C CG  . LEU C 8  ? 0.2896 0.2892 0.3813 -0.0828 -0.0316 0.0159  8  LEU C CG  
416 C CD1 . LEU C 8  ? 0.2374 0.2191 0.3223 -0.0832 -0.0216 0.0092  8  LEU C CD1 
417 C CD2 . LEU C 8  ? 0.2577 0.2621 0.3383 -0.0905 -0.0396 0.0153  8  LEU C CD2 
418 N N   . PRO C 9  ? 0.1801 0.2189 0.2924 -0.0685 -0.0360 0.0274  9  PRO C N   
419 C CA  . PRO C 9  ? 0.1707 0.2155 0.2903 -0.0639 -0.0308 0.0275  9  PRO C CA  
420 C C   . PRO C 9  ? 0.1704 0.2083 0.2840 -0.0605 -0.0261 0.0252  9  PRO C C   
421 O O   . PRO C 9  ? 0.1787 0.2056 0.2842 -0.0604 -0.0255 0.0238  9  PRO C O   
422 C CB  . PRO C 9  ? 0.1925 0.2399 0.3150 -0.0625 -0.0336 0.0312  9  PRO C CB  
423 C CG  . PRO C 9  ? 0.2358 0.2761 0.3432 -0.0677 -0.0404 0.0319  9  PRO C CG  
424 C CD  . PRO C 9  ? 0.1905 0.2281 0.2959 -0.0722 -0.0421 0.0292  9  PRO C CD  
425 N N   . GLY C 10 ? 0.1693 0.2136 0.2888 -0.0589 -0.0212 0.0245  10 GLY C N   
426 C CA  . GLY C 10 ? 0.1672 0.2084 0.2844 -0.0566 -0.0176 0.0242  10 GLY C CA  
427 C C   . GLY C 10 ? 0.1921 0.2235 0.3032 -0.0516 -0.0154 0.0226  10 GLY C C   
428 O O   . GLY C 10 ? 0.1746 0.2046 0.2826 -0.0506 -0.0167 0.0228  10 GLY C O   
429 N N   . GLU C 11 ? 0.1799 0.2059 0.2911 -0.0494 -0.0122 0.0228  11 GLU C N   
430 C CA  . GLU C 11 ? 0.2132 0.2297 0.3191 -0.0453 -0.0074 0.0205  11 GLU C CA  
431 C C   . GLU C 11 ? 0.1662 0.1891 0.2748 -0.0427 -0.0049 0.0199  11 GLU C C   
432 O O   . GLU C 11 ? 0.2053 0.2384 0.3215 -0.0444 -0.0035 0.0197  11 GLU C O   
433 C CB  . GLU C 11 ? 0.1880 0.1991 0.3010 -0.0433 -0.0031 0.0220  11 GLU C CB  
434 C CG  . GLU C 11 ? 0.1978 0.1990 0.3081 -0.0392 0.0041  0.0190  11 GLU C CG  
435 C CD  . GLU C 11 ? 0.2503 0.2491 0.3763 -0.0367 0.0090  0.0228  11 GLU C CD  
436 O OE1 . GLU C 11 ? 0.2621 0.2718 0.4014 -0.0385 0.0045  0.0302  11 GLU C OE1 
437 O OE2 . GLU C 11 ? 0.2673 0.2541 0.3936 -0.0339 0.0174  0.0195  11 GLU C OE2 
438 N N   . ARG C 12 ? 0.1912 0.2075 0.2930 -0.0403 -0.0031 0.0193  12 ARG C N   
439 C CA  . ARG C 12 ? 0.1805 0.2014 0.2886 -0.0371 0.0008  0.0198  12 ARG C CA  
440 C C   . ARG C 12 ? 0.1901 0.2123 0.3038 -0.0352 0.0066  0.0175  12 ARG C C   
441 O O   . ARG C 12 ? 0.2124 0.2287 0.3243 -0.0343 0.0080  0.0174  12 ARG C O   
442 C CB  . ARG C 12 ? 0.2167 0.2307 0.3156 -0.0360 0.0007  0.0222  12 ARG C CB  
443 C CG  . ARG C 12 ? 0.1974 0.2153 0.3064 -0.0320 0.0055  0.0246  12 ARG C CG  
444 C CD  . ARG C 12 ? 0.3050 0.3229 0.4104 -0.0331 0.0012  0.0325  12 ARG C CD  
445 N NE  . ARG C 12 ? 0.3448 0.3704 0.4712 -0.0293 0.0046  0.0382  12 ARG C NE  
446 C CZ  . ARG C 12 ? 0.2986 0.3256 0.4281 -0.0289 0.0025  0.0482  12 ARG C CZ  
447 N NH1 . ARG C 12 ? 0.3535 0.3763 0.4616 -0.0346 -0.0043 0.0532  12 ARG C NH1 
448 N NH2 . ARG C 12 ? 0.2925 0.3256 0.4479 -0.0244 0.0081  0.0536  12 ARG C NH2 
449 N N   . GLY C 13 ? 0.1547 0.1847 0.2773 -0.0356 0.0109  0.0159  13 GLY C N   
450 C CA  . GLY C 13 ? 0.1509 0.1849 0.2776 -0.0370 0.0155  0.0136  13 GLY C CA  
451 C C   . GLY C 13 ? 0.1578 0.1834 0.2828 -0.0317 0.0194  0.0139  13 GLY C C   
452 O O   . GLY C 13 ? 0.1603 0.1769 0.2789 -0.0278 0.0201  0.0149  13 GLY C O   
453 N N   . LEU C 14 ? 0.1770 0.0850 0.2906 -0.0265 0.0497  -0.0147 14 LEU C N   
454 C CA  . LEU C 14 ? 0.1874 0.0969 0.2976 -0.0221 0.0426  -0.0114 14 LEU C CA  
455 C C   . LEU C 14 ? 0.1925 0.1101 0.3008 -0.0218 0.0345  -0.0157 14 LEU C C   
456 O O   . LEU C 14 ? 0.2035 0.1248 0.3129 -0.0236 0.0341  -0.0171 14 LEU C O   
457 C CB  . LEU C 14 ? 0.2230 0.1236 0.3233 -0.0201 0.0399  0.0036  14 LEU C CB  
458 C CG  . LEU C 14 ? 0.3395 0.2316 0.4460 -0.0189 0.0427  0.0115  14 LEU C CG  
459 C CD1 . LEU C 14 ? 0.3589 0.2398 0.4513 -0.0208 0.0342  0.0293  14 LEU C CD1 
460 C CD2 . LEU C 14 ? 0.3091 0.2065 0.4342 -0.0135 0.0458  0.0072  14 LEU C CD2 
461 N N   . ARG C 15 ? 0.1841 0.1030 0.2904 -0.0203 0.0298  -0.0182 15 ARG C N   
462 C CA  . ARG C 15 ? 0.1541 0.0798 0.2541 -0.0202 0.0198  -0.0196 15 ARG C CA  
463 C C   . ARG C 15 ? 0.1512 0.0783 0.2421 -0.0167 0.0175  -0.0096 15 ARG C C   
464 O O   . ARG C 15 ? 0.1774 0.0988 0.2643 -0.0148 0.0196  -0.0002 15 ARG C O   
465 C CB  . ARG C 15 ? 0.1732 0.0973 0.2623 -0.0214 0.0177  -0.0237 15 ARG C CB  
466 C CG  . ARG C 15 ? 0.2404 0.1708 0.3159 -0.0215 0.0064  -0.0220 15 ARG C CG  
467 C CD  . ARG C 15 ? 0.3137 0.2395 0.3734 -0.0302 -0.0005 -0.0299 15 ARG C CD  
468 N NE  . ARG C 15 ? 0.2623 0.1937 0.3149 -0.0319 -0.0170 -0.0261 15 ARG C NE  
469 C CZ  . ARG C 15 ? 0.3231 0.2474 0.3503 -0.0393 -0.0252 -0.0266 15 ARG C CZ  
470 N NH1 . ARG C 15 ? 0.3974 0.3077 0.4007 -0.0468 -0.0146 -0.0336 15 ARG C NH1 
471 N NH2 . ARG C 15 ? 0.3571 0.2856 0.3826 -0.0404 -0.0428 -0.0203 15 ARG C NH2 
472 N N   . GLY C 16 ? 0.1519 0.0854 0.2423 -0.0169 0.0118  -0.0109 16 GLY C N   
473 C CA  . GLY C 16 ? 0.1347 0.0672 0.2136 -0.0161 0.0108  -0.0040 16 GLY C CA  
474 C C   . GLY C 16 ? 0.1548 0.0892 0.2230 -0.0128 0.0048  0.0029  16 GLY C C   
475 O O   . GLY C 16 ? 0.1310 0.0676 0.2006 -0.0113 0.0036  0.0006  16 GLY C O   
476 N N   . GLU C 17 ? 0.1351 0.0663 0.1917 -0.0139 0.0027  0.0106  17 GLU C N   
477 C CA  . GLU C 17 ? 0.1401 0.0745 0.1935 -0.0115 -0.0036 0.0181  17 GLU C CA  
478 C C   . GLU C 17 ? 0.1629 0.1047 0.2141 -0.0096 -0.0079 0.0139  17 GLU C C   
479 O O   . GLU C 17 ? 0.1229 0.0664 0.1743 -0.0104 -0.0094 0.0087  17 GLU C O   
480 C CB  . GLU C 17 ? 0.1596 0.0869 0.1987 -0.0162 -0.0085 0.0282  17 GLU C CB  
481 C CG  . GLU C 17 ? 0.2513 0.1700 0.2927 -0.0185 -0.0110 0.0393  17 GLU C CG  
482 C CD  . GLU C 17 ? 0.3541 0.2582 0.3684 -0.0291 -0.0174 0.0490  17 GLU C CD  
483 O OE1 . GLU C 17 ? 0.4515 0.3428 0.4590 -0.0345 -0.0196 0.0582  17 GLU C OE1 
484 O OE2 . GLU C 17 ? 0.3861 0.2887 0.3828 -0.0340 -0.0201 0.0473  17 GLU C OE2 
485 N N   . PRO C 18 ? 0.1402 0.0852 0.1930 -0.0077 -0.0091 0.0168  18 PRO C N   
486 C CA  . PRO C 18 ? 0.1219 0.0699 0.1667 -0.0081 -0.0130 0.0146  18 PRO C CA  
487 C C   . PRO C 18 ? 0.1196 0.0684 0.1581 -0.0090 -0.0184 0.0178  18 PRO C C   
488 O O   . PRO C 18 ? 0.1226 0.0685 0.1577 -0.0110 -0.0192 0.0227  18 PRO C O   
489 C CB  . PRO C 18 ? 0.1815 0.1303 0.2320 -0.0073 -0.0083 0.0173  18 PRO C CB  
490 C CG  . PRO C 18 ? 0.1986 0.1453 0.2659 -0.0056 -0.0009 0.0175  18 PRO C CG  
491 C CD  . PRO C 18 ? 0.1615 0.1061 0.2286 -0.0056 -0.0056 0.0222  18 PRO C CD  
492 N N   . GLY C 19 ? 0.1133 0.0997 0.0859 0.0196  -0.0018 -0.0011 19 GLY C N   
493 C CA  . GLY C 19 ? 0.0718 0.0601 0.0460 0.0191  -0.0008 -0.0006 19 GLY C CA  
494 C C   . GLY C 19 ? 0.0645 0.0542 0.0400 0.0187  0.0002  -0.0001 19 GLY C C   
495 O O   . GLY C 19 ? 0.1054 0.0951 0.0805 0.0192  0.0003  0.0000  19 GLY C O   
496 N N   . PRO C 20 ? 0.0775 0.0682 0.0542 0.0182  0.0007  0.0004  20 PRO C N   
497 C CA  . PRO C 20 ? 0.0771 0.0687 0.0545 0.0182  0.0012  0.0008  20 PRO C CA  
498 C C   . PRO C 20 ? 0.0771 0.0695 0.0544 0.0186  0.0015  0.0010  20 PRO C C   
499 O O   . PRO C 20 ? 0.0894 0.0815 0.0662 0.0190  0.0013  0.0007  20 PRO C O   
500 C CB  . PRO C 20 ? 0.1142 0.1060 0.0919 0.0178  0.0014  0.0009  20 PRO C CB  
501 C CG  . PRO C 20 ? 0.1515 0.1430 0.1292 0.0177  0.0011  0.0007  20 PRO C CG  
502 C CD  . PRO C 20 ? 0.0976 0.0885 0.0746 0.0179  0.0006  0.0004  20 PRO C CD  
503 N N   . HYP C 21 ? 0.0723 0.0657 0.0498 0.0192  0.0021  0.0016  21 HYP C N   
504 C CA  . HYP C 21 ? 0.0503 0.0448 0.0276 0.0201  0.0027  0.0022  21 HYP C CA  
505 C C   . HYP C 21 ? 0.0394 0.0338 0.0166 0.0201  0.0026  0.0023  21 HYP C C   
506 O O   . HYP C 21 ? 0.0781 0.0717 0.0556 0.0190  0.0021  0.0021  21 HYP C O   
507 C CB  . HYP C 21 ? 0.0857 0.0818 0.0637 0.0203  0.0032  0.0034  21 HYP C CB  
508 C CG  . HYP C 21 ? 0.0573 0.0526 0.0349 0.0202  0.0031  0.0030  21 HYP C CG  
509 C CD  . HYP C 21 ? 0.0359 0.0296 0.0134 0.0194  0.0024  0.0021  21 HYP C CD  
510 O OD1 . HYP C 21 ? 0.0936 0.0889 0.0707 0.0209  0.0033  0.0027  21 HYP C OD1 
511 N N   . GLY C 22 ? 0.0722 0.0674 0.0490 0.0208  0.0028  0.0029  22 GLY C N   
512 C CA  . GLY C 22 ? 0.0383 0.0334 0.0153 0.0201  0.0023  0.0035  22 GLY C CA  
513 C C   . GLY C 22 ? 0.0381 0.0336 0.0162 0.0188  0.0018  0.0049  22 GLY C C   
514 O O   . GLY C 22 ? 0.0871 0.0833 0.0661 0.0182  0.0017  0.0055  22 GLY C O   
515 N N   . PRO C 23 ? 0.0630 0.0580 0.0412 0.0180  0.0010  0.0056  23 PRO C N   
516 C CA  . PRO C 23 ? 0.0886 0.0834 0.0680 0.0165  -0.0002 0.0071  23 PRO C CA  
517 C C   . PRO C 23 ? 0.0407 0.0374 0.0214 0.0163  -0.0001 0.0097  23 PRO C C   
518 O O   . PRO C 23 ? 0.0691 0.0676 0.0494 0.0176  0.0011  0.0101  23 PRO C O   
519 C CB  . PRO C 23 ? 0.0972 0.0905 0.0762 0.0162  -0.0011 0.0072  23 PRO C CB  
520 C CG  . PRO C 23 ? 0.0635 0.0575 0.0416 0.0174  -0.0003 0.0067  23 PRO C CG  
521 C CD  . PRO C 23 ? 0.1042 0.0986 0.0817 0.0184  0.0008  0.0051  23 PRO C CD  
522 N N   . HYP C 24 ? 0.0640 0.0604 0.0463 0.0148  -0.0015 0.0114  24 HYP C N   
523 C CA  . HYP C 24 ? 0.0431 0.0413 0.0271 0.0146  -0.0016 0.0144  24 HYP C CA  
524 C C   . HYP C 24 ? 0.0836 0.0826 0.0677 0.0151  -0.0013 0.0160  24 HYP C C   
525 O O   . HYP C 24 ? 0.0460 0.0430 0.0296 0.0147  -0.0025 0.0156  24 HYP C O   
526 C CB  . HYP C 24 ? 0.0634 0.0595 0.0491 0.0127  -0.0041 0.0158  24 HYP C CB  
527 C CG  . HYP C 24 ? 0.0425 0.0375 0.0272 0.0123  -0.0046 0.0137  24 HYP C CG  
528 C CD  . HYP C 24 ? 0.0769 0.0715 0.0597 0.0135  -0.0033 0.0113  24 HYP C CD  
529 O OD1 . HYP C 24 ? 0.0739 0.0704 0.0587 0.0128  -0.0035 0.0132  24 HYP C OD1 
530 N N   . GLY C 25 ? 0.0468 0.0487 0.0314 0.0161  0.0001  0.0180  25 GLY C N   
531 C CA  . GLY C 25 ? 0.0886 0.0917 0.0732 0.0168  0.0005  0.0199  25 GLY C CA  
532 C C   . GLY C 25 ? 0.0521 0.0534 0.0386 0.0154  -0.0014 0.0225  25 GLY C C   
533 O O   . GLY C 25 ? 0.0521 0.0509 0.0400 0.0138  -0.0033 0.0227  25 GLY C O   
534 N N   . PRO C 26 ? 0.0549 0.0572 0.0415 0.0159  -0.0012 0.0245  26 PRO C N   
535 C CA  . PRO C 26 ? 0.0604 0.0607 0.0489 0.0149  -0.0029 0.0272  26 PRO C CA  
536 C C   . PRO C 26 ? 0.0850 0.0876 0.0773 0.0144  -0.0023 0.0305  26 PRO C C   
537 O O   . PRO C 26 ? 0.0587 0.0656 0.0518 0.0152  -0.0002 0.0314  26 PRO C O   
538 C CB  . PRO C 26 ? 0.1094 0.1112 0.0969 0.0160  -0.0023 0.0287  26 PRO C CB  
539 C CG  . PRO C 26 ? 0.1048 0.1082 0.0892 0.0176  -0.0008 0.0260  26 PRO C CG  
540 C CD  . PRO C 26 ? 0.0559 0.0608 0.0403 0.0179  0.0005  0.0243  26 PRO C CD  
541 N N   . HYP C 27 ? 0.1026 0.1027 0.0977 0.0133  -0.0042 0.0324  27 HYP C N   
542 C CA  . HYP C 27 ? 0.1013 0.1045 0.1018 0.0125  -0.0037 0.0364  27 HYP C CA  
543 C C   . HYP C 27 ? 0.1249 0.1341 0.1272 0.0136  -0.0010 0.0403  27 HYP C C   
544 O O   . HYP C 27 ? 0.1761 0.1854 0.1757 0.0147  -0.0006 0.0404  27 HYP C O   
545 C CB  . HYP C 27 ? 0.1205 0.1194 0.1241 0.0113  -0.0063 0.0375  27 HYP C CB  
546 C CG  . HYP C 27 ? 0.1442 0.1370 0.1429 0.0118  -0.0084 0.0331  27 HYP C CG  
547 C CD  . HYP C 27 ? 0.1184 0.1127 0.1127 0.0128  -0.0069 0.0312  27 HYP C CD  
548 O OD1 . HYP C 27 ? 0.2081 0.1981 0.2055 0.0116  -0.0095 0.0303  27 HYP C OD1 
549 N N   . GLY C 28 ? 0.1321 0.1463 0.1388 0.0134  0.0005  0.0437  28 GLY C N   
550 C CA  . GLY C 28 ? 0.1693 0.1894 0.1780 0.0147  0.0030  0.0479  28 GLY C CA  
551 C C   . GLY C 28 ? 0.1982 0.2177 0.2105 0.0138  0.0020  0.0517  28 GLY C C   
552 O O   . GLY C 28 ? 0.1846 0.2080 0.1968 0.0150  0.0036  0.0548  28 GLY C O   
# 
